data_8WWX
#
_entry.id   8WWX
#
_entity_poly.entity_id   1
_entity_poly.type   'polypeptide(L)'
_entity_poly.pdbx_seq_one_letter_code
;PAGQPERTLESLLAHLQEQHGLRVRILLHGSALLYAAGWSPEKQAQHLPLRVTELVQQLTGQAPAPGQRVLVLELSCEGD
DEDTAFPPLHYEL
;
_entity_poly.pdbx_strand_id   A
#
# COMPACT_ATOMS: atom_id res chain seq x y z
N PRO A 1 15.94 -7.32 -5.23
CA PRO A 1 14.61 -6.76 -5.57
C PRO A 1 13.61 -7.90 -5.73
N ALA A 2 12.54 -7.87 -4.93
CA ALA A 2 11.51 -8.90 -4.99
C ALA A 2 10.18 -8.32 -5.50
N GLY A 3 9.49 -9.09 -6.33
CA GLY A 3 8.21 -8.66 -6.90
C GLY A 3 8.43 -7.70 -8.06
N GLN A 4 7.34 -7.17 -8.61
CA GLN A 4 7.42 -6.23 -9.73
C GLN A 4 7.90 -4.84 -9.24
N PRO A 5 8.65 -4.07 -10.07
CA PRO A 5 9.13 -2.70 -9.66
C PRO A 5 7.98 -1.77 -9.27
N GLU A 6 8.22 -0.93 -8.26
CA GLU A 6 7.21 0.05 -7.81
C GLU A 6 6.91 1.06 -8.92
N ARG A 7 5.63 1.14 -9.32
CA ARG A 7 5.24 2.05 -10.39
C ARG A 7 4.79 3.41 -9.84
N THR A 8 3.62 3.42 -9.16
CA THR A 8 3.09 4.66 -8.58
C THR A 8 1.95 4.34 -7.60
N LEU A 9 1.82 5.15 -6.55
CA LEU A 9 0.75 4.97 -5.56
C LEU A 9 -0.62 5.16 -6.23
N GLU A 10 -0.73 6.21 -7.06
CA GLU A 10 -2.00 6.49 -7.75
C GLU A 10 -2.40 5.30 -8.63
N SER A 11 -1.42 4.68 -9.28
CA SER A 11 -1.64 3.52 -10.13
C SER A 11 -2.15 2.33 -9.32
N LEU A 12 -1.53 2.10 -8.16
CA LEU A 12 -1.90 0.95 -7.32
C LEU A 12 -3.37 1.04 -6.86
N LEU A 13 -3.76 2.20 -6.32
CA LEU A 13 -5.13 2.41 -5.83
C LEU A 13 -6.13 2.41 -6.98
N ALA A 14 -5.79 3.11 -8.07
CA ALA A 14 -6.65 3.20 -9.24
C ALA A 14 -6.85 1.84 -9.89
N HIS A 15 -5.77 1.07 -9.96
CA HIS A 15 -5.80 -0.25 -10.60
C HIS A 15 -6.79 -1.19 -9.90
N LEU A 16 -6.69 -1.28 -8.56
CA LEU A 16 -7.56 -2.17 -7.79
C LEU A 16 -9.02 -1.74 -7.88
N GLN A 17 -9.25 -0.43 -7.76
CA GLN A 17 -10.61 0.13 -7.77
C GLN A 17 -11.31 -0.08 -9.12
N GLU A 18 -10.57 0.09 -10.21
CA GLU A 18 -11.17 0.00 -11.56
C GLU A 18 -11.16 -1.43 -12.12
N GLN A 19 -9.97 -2.03 -12.18
CA GLN A 19 -9.81 -3.38 -12.77
C GLN A 19 -10.51 -4.46 -11.96
N HIS A 20 -10.44 -4.37 -10.62
CA HIS A 20 -11.05 -5.40 -9.76
C HIS A 20 -12.40 -4.96 -9.19
N GLY A 21 -12.67 -3.64 -9.16
CA GLY A 21 -13.95 -3.13 -8.64
C GLY A 21 -14.08 -3.42 -7.14
N LEU A 22 -12.94 -3.49 -6.44
CA LEU A 22 -12.92 -3.80 -5.01
C LEU A 22 -12.47 -2.60 -4.20
N ARG A 23 -12.91 -2.54 -2.94
CA ARG A 23 -12.54 -1.45 -2.03
C ARG A 23 -11.05 -1.51 -1.75
N VAL A 24 -10.47 -0.35 -1.42
CA VAL A 24 -9.04 -0.26 -1.16
C VAL A 24 -8.74 -0.60 0.30
N ARG A 25 -7.54 -1.16 0.53
CA ARG A 25 -7.13 -1.60 1.87
C ARG A 25 -5.90 -0.85 2.35
N ILE A 26 -5.73 -0.81 3.67
CA ILE A 26 -4.60 -0.11 4.29
C ILE A 26 -3.43 -1.08 4.53
N LEU A 27 -2.26 -0.68 4.05
CA LEU A 27 -1.02 -1.42 4.27
C LEU A 27 -0.21 -0.68 5.33
N LEU A 28 -0.13 -1.26 6.53
CA LEU A 28 0.58 -0.62 7.65
C LEU A 28 1.45 -1.62 8.39
N HIS A 29 2.65 -1.16 8.79
CA HIS A 29 3.57 -2.02 9.56
C HIS A 29 4.81 -1.24 10.02
N GLY A 30 4.76 -0.69 11.23
CA GLY A 30 5.91 -0.02 11.84
C GLY A 30 6.21 1.32 11.18
N SER A 31 6.65 1.26 9.91
CA SER A 31 7.05 2.45 9.16
C SER A 31 5.93 3.47 9.09
N ALA A 32 4.79 3.08 8.50
CA ALA A 32 3.68 4.01 8.33
C ALA A 32 2.37 3.32 7.96
N LEU A 33 1.31 4.14 7.83
CA LEU A 33 -0.02 3.70 7.45
C LEU A 33 -0.37 4.25 6.06
N LEU A 34 -0.64 3.36 5.12
CA LEU A 34 -0.99 3.76 3.75
C LEU A 34 -2.47 4.12 3.66
N TYR A 35 -2.75 5.26 3.02
CA TYR A 35 -4.13 5.74 2.89
C TYR A 35 -4.95 4.82 2.00
N ALA A 36 -6.19 4.52 2.44
CA ALA A 36 -7.10 3.67 1.68
C ALA A 36 -8.55 4.05 1.97
N ALA A 37 -8.98 3.86 3.21
CA ALA A 37 -10.34 4.21 3.63
C ALA A 37 -10.32 5.16 4.83
N GLY A 38 -11.19 6.18 4.80
CA GLY A 38 -11.26 7.16 5.89
C GLY A 38 -12.20 8.31 5.52
N TRP A 39 -12.20 9.36 6.36
CA TRP A 39 -13.05 10.54 6.14
C TRP A 39 -12.66 11.24 4.84
N SER A 40 -11.34 11.30 4.58
CA SER A 40 -10.83 11.95 3.37
C SER A 40 -11.41 11.28 2.10
N PRO A 41 -11.78 12.04 1.05
CA PRO A 41 -12.38 11.46 -0.21
C PRO A 41 -11.46 10.38 -0.82
N GLU A 42 -12.08 9.33 -1.34
CA GLU A 42 -11.33 8.21 -1.92
C GLU A 42 -10.50 8.68 -3.12
N LYS A 43 -11.08 9.58 -3.93
CA LYS A 43 -10.39 10.10 -5.12
C LYS A 43 -9.04 10.71 -4.74
N GLN A 44 -9.00 11.34 -3.56
CA GLN A 44 -7.77 11.98 -3.07
C GLN A 44 -6.67 10.95 -2.86
N ALA A 45 -7.05 9.78 -2.30
CA ALA A 45 -6.08 8.72 -2.02
C ALA A 45 -5.43 8.21 -3.31
N GLN A 46 -6.25 8.01 -4.34
CA GLN A 46 -5.75 7.55 -5.65
C GLN A 46 -5.01 8.68 -6.41
N HIS A 47 -5.28 9.93 -6.03
CA HIS A 47 -4.66 11.09 -6.66
C HIS A 47 -3.14 11.11 -6.43
N LEU A 48 -2.70 10.67 -5.25
CA LEU A 48 -1.28 10.73 -4.85
C LEU A 48 -0.36 10.13 -5.96
N PRO A 49 0.44 10.97 -6.68
CA PRO A 49 1.38 10.48 -7.75
C PRO A 49 2.69 9.90 -7.18
N LEU A 50 2.87 9.98 -5.86
CA LEU A 50 4.10 9.49 -5.21
C LEU A 50 4.20 7.97 -5.34
N ARG A 51 5.44 7.45 -5.43
CA ARG A 51 5.66 6.01 -5.58
C ARG A 51 5.14 5.26 -4.36
N VAL A 52 4.74 4.01 -4.57
CA VAL A 52 4.16 3.19 -3.51
C VAL A 52 5.18 3.01 -2.35
N THR A 53 6.41 2.62 -2.69
CA THR A 53 7.44 2.39 -1.68
C THR A 53 7.98 3.68 -1.09
N GLU A 54 8.28 4.65 -1.97
CA GLU A 54 8.82 5.93 -1.53
C GLU A 54 7.83 6.66 -0.63
N LEU A 55 6.54 6.61 -1.00
CA LEU A 55 5.50 7.30 -0.25
C LEU A 55 5.41 6.77 1.19
N VAL A 56 5.41 5.44 1.34
CA VAL A 56 5.28 4.83 2.67
C VAL A 56 6.44 5.28 3.58
N GLN A 57 7.67 5.19 3.05
CA GLN A 57 8.86 5.60 3.81
C GLN A 57 8.88 7.12 4.04
N GLN A 58 8.47 7.90 3.02
CA GLN A 58 8.43 9.37 3.13
C GLN A 58 7.44 9.82 4.20
N LEU A 59 6.27 9.16 4.23
CA LEU A 59 5.28 9.43 5.29
C LEU A 59 5.87 9.08 6.66
N THR A 60 6.62 7.98 6.70
CA THR A 60 7.32 7.54 7.91
C THR A 60 8.39 8.57 8.30
N GLY A 61 9.07 9.11 7.29
CA GLY A 61 10.17 10.07 7.51
C GLY A 61 11.55 9.37 7.46
N GLN A 62 11.58 8.10 7.01
CA GLN A 62 12.82 7.33 6.95
C GLN A 62 13.35 7.27 5.52
N ALA A 63 14.61 7.66 5.34
CA ALA A 63 15.26 7.60 4.02
C ALA A 63 15.61 6.14 3.67
N PRO A 64 15.75 5.79 2.37
CA PRO A 64 16.11 4.38 1.95
C PRO A 64 17.53 4.02 2.36
N ALA A 65 17.77 2.71 2.57
CA ALA A 65 19.09 2.22 2.98
C ALA A 65 19.69 1.25 1.93
N PRO A 66 21.03 1.11 1.85
CA PRO A 66 21.71 0.21 0.86
C PRO A 66 21.53 -1.26 1.22
N GLY A 67 21.66 -2.13 0.21
CA GLY A 67 21.52 -3.58 0.40
C GLY A 67 20.05 -3.99 0.40
N GLN A 68 19.79 -5.27 0.69
CA GLN A 68 18.42 -5.79 0.72
C GLN A 68 17.78 -5.51 2.08
N ARG A 69 16.54 -5.02 2.04
CA ARG A 69 15.77 -4.74 3.23
C ARG A 69 14.54 -5.64 3.25
N VAL A 70 14.17 -6.14 4.43
CA VAL A 70 13.00 -7.02 4.56
C VAL A 70 11.87 -6.28 5.28
N LEU A 71 10.76 -6.08 4.56
CA LEU A 71 9.60 -5.38 5.10
C LEU A 71 8.33 -6.18 4.87
N VAL A 72 7.43 -6.16 5.86
CA VAL A 72 6.15 -6.85 5.77
C VAL A 72 5.00 -5.86 5.96
N LEU A 73 3.91 -6.03 5.21
CA LEU A 73 2.76 -5.13 5.29
C LEU A 73 1.50 -5.88 5.69
N GLU A 74 0.69 -5.25 6.55
CA GLU A 74 -0.56 -5.85 7.01
C GLU A 74 -1.76 -5.22 6.28
N LEU A 75 -2.66 -6.08 5.80
CA LEU A 75 -3.86 -5.61 5.09
C LEU A 75 -5.04 -5.44 6.04
N SER A 76 -5.36 -4.19 6.35
CA SER A 76 -6.50 -3.87 7.20
C SER A 76 -7.73 -3.71 6.34
N CYS A 77 -8.66 -4.66 6.47
CA CYS A 77 -9.89 -4.69 5.67
C CYS A 77 -11.07 -5.13 6.52
N GLU A 78 -12.18 -4.39 6.42
CA GLU A 78 -13.39 -4.72 7.16
C GLU A 78 -14.26 -5.69 6.35
N GLY A 79 -14.48 -6.89 6.91
CA GLY A 79 -15.29 -7.92 6.25
C GLY A 79 -15.70 -9.01 7.23
N ASP A 80 -16.79 -9.71 6.90
CA ASP A 80 -17.29 -10.79 7.75
C ASP A 80 -16.29 -11.94 7.87
N ASP A 81 -15.62 -12.27 6.75
CA ASP A 81 -14.66 -13.38 6.71
C ASP A 81 -13.24 -12.89 6.42
N GLU A 82 -12.27 -13.50 7.12
CA GLU A 82 -10.85 -13.16 6.93
C GLU A 82 -10.33 -13.62 5.55
N ASP A 83 -10.99 -14.63 4.98
CA ASP A 83 -10.59 -15.20 3.68
C ASP A 83 -10.79 -14.20 2.54
N THR A 84 -11.76 -13.30 2.70
CA THR A 84 -12.06 -12.29 1.68
C THR A 84 -10.82 -11.42 1.43
N ALA A 85 -10.14 -11.03 2.52
CA ALA A 85 -8.92 -10.22 2.42
C ALA A 85 -7.68 -11.09 2.23
N PHE A 86 -6.75 -10.62 1.40
CA PHE A 86 -5.51 -11.36 1.11
C PHE A 86 -4.55 -11.35 2.32
N PRO A 87 -3.63 -12.34 2.42
CA PRO A 87 -2.64 -12.40 3.56
C PRO A 87 -1.58 -11.28 3.45
N PRO A 88 -0.81 -11.01 4.53
CA PRO A 88 0.23 -9.92 4.53
C PRO A 88 1.19 -10.05 3.34
N LEU A 89 1.55 -8.90 2.76
CA LEU A 89 2.43 -8.86 1.58
C LEU A 89 3.90 -8.80 2.00
N HIS A 90 4.71 -9.67 1.39
CA HIS A 90 6.15 -9.69 1.65
C HIS A 90 6.89 -8.94 0.54
N TYR A 91 7.47 -7.79 0.90
CA TYR A 91 8.19 -6.96 -0.08
C TYR A 91 9.57 -6.56 0.47
N GLU A 92 10.61 -6.82 -0.33
CA GLU A 92 11.98 -6.46 0.04
C GLU A 92 12.46 -5.25 -0.75
N LEU A 93 13.38 -4.48 -0.15
CA LEU A 93 13.92 -3.28 -0.79
C LEU A 93 15.45 -3.32 -0.82
N PRO A 1 15.93 -6.50 -3.84
CA PRO A 1 14.46 -6.66 -3.72
C PRO A 1 14.01 -7.90 -4.50
N ALA A 2 12.70 -8.16 -4.49
CA ALA A 2 12.14 -9.30 -5.20
C ALA A 2 10.74 -9.00 -5.69
N GLY A 3 10.34 -9.65 -6.80
CA GLY A 3 9.02 -9.45 -7.39
C GLY A 3 8.99 -8.17 -8.22
N GLN A 4 7.80 -7.81 -8.71
CA GLN A 4 7.63 -6.61 -9.52
C GLN A 4 7.69 -5.33 -8.62
N PRO A 5 8.51 -4.30 -8.99
CA PRO A 5 8.61 -3.05 -8.16
C PRO A 5 7.36 -2.18 -8.26
N GLU A 6 7.09 -1.39 -7.22
CA GLU A 6 5.94 -0.49 -7.20
C GLU A 6 6.20 0.73 -8.05
N ARG A 7 5.18 1.15 -8.81
CA ARG A 7 5.30 2.31 -9.68
C ARG A 7 4.85 3.60 -8.97
N THR A 8 3.53 3.70 -8.71
CA THR A 8 2.96 4.87 -8.05
C THR A 8 1.73 4.49 -7.23
N LEU A 9 1.44 5.31 -6.22
CA LEU A 9 0.27 5.10 -5.39
C LEU A 9 -1.00 5.31 -6.19
N GLU A 10 -1.01 6.35 -7.06
CA GLU A 10 -2.17 6.62 -7.90
C GLU A 10 -2.47 5.43 -8.81
N SER A 11 -1.40 4.81 -9.35
CA SER A 11 -1.55 3.65 -10.21
C SER A 11 -2.06 2.43 -9.43
N LEU A 12 -1.52 2.22 -8.23
CA LEU A 12 -1.93 1.09 -7.39
C LEU A 12 -3.40 1.20 -6.99
N LEU A 13 -3.77 2.38 -6.47
CA LEU A 13 -5.15 2.63 -6.04
C LEU A 13 -6.12 2.56 -7.22
N ALA A 14 -5.72 3.16 -8.33
CA ALA A 14 -6.54 3.17 -9.55
C ALA A 14 -6.72 1.77 -10.13
N HIS A 15 -5.64 0.97 -10.11
CA HIS A 15 -5.67 -0.37 -10.70
C HIS A 15 -6.70 -1.27 -10.02
N LEU A 16 -6.67 -1.33 -8.67
CA LEU A 16 -7.61 -2.19 -7.94
C LEU A 16 -9.05 -1.72 -8.12
N GLN A 17 -9.24 -0.40 -8.07
CA GLN A 17 -10.57 0.20 -8.20
C GLN A 17 -11.16 0.02 -9.60
N GLU A 18 -10.31 0.14 -10.63
CA GLU A 18 -10.77 0.07 -12.02
C GLU A 18 -10.82 -1.39 -12.55
N GLN A 19 -9.68 -2.08 -12.45
CA GLN A 19 -9.56 -3.45 -12.99
C GLN A 19 -10.43 -4.46 -12.24
N HIS A 20 -10.51 -4.33 -10.90
CA HIS A 20 -11.24 -5.31 -10.09
C HIS A 20 -12.55 -4.77 -9.52
N GLY A 21 -12.68 -3.43 -9.43
CA GLY A 21 -13.90 -2.82 -8.89
C GLY A 21 -14.10 -3.18 -7.41
N LEU A 22 -12.99 -3.42 -6.70
CA LEU A 22 -13.02 -3.81 -5.29
C LEU A 22 -12.40 -2.75 -4.40
N ARG A 23 -12.84 -2.69 -3.15
CA ARG A 23 -12.32 -1.73 -2.18
C ARG A 23 -10.86 -2.07 -1.86
N VAL A 24 -10.09 -1.03 -1.50
CA VAL A 24 -8.67 -1.22 -1.19
C VAL A 24 -8.45 -1.21 0.33
N ARG A 25 -7.75 -2.26 0.81
CA ARG A 25 -7.46 -2.40 2.24
C ARG A 25 -6.35 -1.43 2.65
N ILE A 26 -6.19 -1.23 3.96
CA ILE A 26 -5.17 -0.31 4.48
C ILE A 26 -3.87 -1.09 4.71
N LEU A 27 -2.78 -0.63 4.07
CA LEU A 27 -1.48 -1.29 4.19
C LEU A 27 -0.53 -0.47 5.06
N LEU A 28 0.07 -1.12 6.06
CA LEU A 28 1.01 -0.47 6.96
C LEU A 28 2.21 -1.38 7.21
N HIS A 29 3.39 -0.78 7.50
CA HIS A 29 4.59 -1.58 7.81
C HIS A 29 5.72 -0.73 8.40
N GLY A 30 5.74 -0.67 9.74
CA GLY A 30 6.81 -0.02 10.48
C GLY A 30 6.82 1.51 10.32
N SER A 31 7.17 1.97 9.11
CA SER A 31 7.32 3.41 8.85
C SER A 31 6.02 4.19 9.01
N ALA A 32 4.93 3.69 8.40
CA ALA A 32 3.65 4.41 8.45
C ALA A 32 2.49 3.54 7.98
N LEU A 33 1.28 4.09 8.14
CA LEU A 33 0.05 3.43 7.70
C LEU A 33 -0.55 4.18 6.50
N LEU A 34 -0.71 3.46 5.38
CA LEU A 34 -1.28 4.05 4.16
C LEU A 34 -2.79 3.90 4.18
N TYR A 35 -3.50 5.03 4.22
CA TYR A 35 -4.97 5.03 4.26
C TYR A 35 -5.56 5.08 2.86
N ALA A 36 -6.67 4.36 2.68
CA ALA A 36 -7.37 4.33 1.40
C ALA A 36 -8.88 4.40 1.60
N ALA A 37 -9.43 3.41 2.30
CA ALA A 37 -10.88 3.37 2.59
C ALA A 37 -11.18 4.05 3.91
N GLY A 38 -12.18 4.92 3.92
CA GLY A 38 -12.58 5.64 5.13
C GLY A 38 -13.63 6.71 4.83
N TRP A 39 -13.95 7.51 5.85
CA TRP A 39 -14.93 8.59 5.72
C TRP A 39 -14.46 9.65 4.73
N SER A 40 -13.14 9.92 4.72
CA SER A 40 -12.58 10.93 3.82
C SER A 40 -12.70 10.47 2.34
N PRO A 41 -12.69 11.41 1.36
CA PRO A 41 -12.83 11.06 -0.09
C PRO A 41 -11.74 10.09 -0.57
N GLU A 42 -12.15 9.14 -1.42
CA GLU A 42 -11.25 8.15 -2.01
C GLU A 42 -10.31 8.82 -3.04
N LYS A 43 -10.85 9.81 -3.76
CA LYS A 43 -10.15 10.45 -4.87
C LYS A 43 -8.81 11.07 -4.46
N GLN A 44 -8.75 11.74 -3.28
CA GLN A 44 -7.50 12.40 -2.86
C GLN A 44 -6.36 11.38 -2.75
N ALA A 45 -6.69 10.15 -2.30
CA ALA A 45 -5.70 9.08 -2.22
C ALA A 45 -5.21 8.69 -3.61
N GLN A 46 -6.15 8.63 -4.55
CA GLN A 46 -5.86 8.27 -5.93
C GLN A 46 -4.97 9.31 -6.60
N HIS A 47 -5.22 10.58 -6.28
CA HIS A 47 -4.52 11.71 -6.88
C HIS A 47 -3.00 11.66 -6.62
N LEU A 48 -2.60 11.04 -5.51
CA LEU A 48 -1.17 11.00 -5.11
C LEU A 48 -0.29 10.33 -6.20
N PRO A 49 0.55 11.11 -6.94
CA PRO A 49 1.43 10.54 -8.01
C PRO A 49 2.87 10.27 -7.53
N LEU A 50 2.98 9.55 -6.40
CA LEU A 50 4.30 9.22 -5.83
C LEU A 50 4.45 7.71 -5.66
N ARG A 51 5.69 7.21 -5.76
CA ARG A 51 5.96 5.76 -5.60
C ARG A 51 5.34 5.26 -4.30
N VAL A 52 4.72 4.08 -4.35
CA VAL A 52 4.04 3.53 -3.19
C VAL A 52 5.02 3.36 -2.02
N THR A 53 6.16 2.72 -2.29
CA THR A 53 7.14 2.44 -1.24
C THR A 53 7.84 3.72 -0.75
N GLU A 54 8.28 4.57 -1.69
CA GLU A 54 8.99 5.81 -1.33
C GLU A 54 8.06 6.75 -0.57
N LEU A 55 6.80 6.82 -1.01
CA LEU A 55 5.82 7.71 -0.40
C LEU A 55 5.62 7.37 1.08
N VAL A 56 5.50 6.08 1.40
CA VAL A 56 5.29 5.65 2.77
C VAL A 56 6.50 6.09 3.64
N GLN A 57 7.71 5.83 3.15
CA GLN A 57 8.94 6.19 3.88
C GLN A 57 9.11 7.72 4.00
N GLN A 58 8.82 8.45 2.91
CA GLN A 58 8.95 9.91 2.90
C GLN A 58 7.95 10.56 3.85
N LEU A 59 6.72 10.03 3.86
CA LEU A 59 5.68 10.54 4.77
C LEU A 59 6.12 10.34 6.22
N THR A 60 6.72 9.16 6.50
CA THR A 60 7.24 8.85 7.82
C THR A 60 8.42 9.78 8.16
N GLY A 61 9.28 10.01 7.17
CA GLY A 61 10.47 10.86 7.34
C GLY A 61 11.79 10.09 7.13
N GLN A 62 11.70 8.76 6.90
CA GLN A 62 12.88 7.93 6.66
C GLN A 62 13.09 7.70 5.16
N ALA A 63 14.29 7.24 4.81
CA ALA A 63 14.63 6.98 3.40
C ALA A 63 15.25 5.57 3.24
N PRO A 64 15.18 4.96 2.03
CA PRO A 64 15.75 3.59 1.79
C PRO A 64 17.24 3.52 2.12
N ALA A 65 17.68 2.36 2.64
CA ALA A 65 19.09 2.17 3.02
C ALA A 65 19.74 1.02 2.18
N PRO A 66 21.08 1.02 2.02
CA PRO A 66 21.79 -0.05 1.22
C PRO A 66 21.53 -1.45 1.78
N GLY A 67 21.49 -2.45 0.88
CA GLY A 67 21.27 -3.84 1.26
C GLY A 67 19.79 -4.21 1.12
N GLN A 68 19.51 -5.52 1.13
CA GLN A 68 18.13 -6.01 1.00
C GLN A 68 17.52 -6.27 2.36
N ARG A 69 16.34 -5.68 2.59
CA ARG A 69 15.61 -5.82 3.85
C ARG A 69 14.26 -6.50 3.60
N VAL A 70 13.75 -7.23 4.60
CA VAL A 70 12.48 -7.95 4.47
C VAL A 70 11.40 -7.25 5.31
N LEU A 71 10.34 -6.81 4.63
CA LEU A 71 9.23 -6.10 5.27
C LEU A 71 7.90 -6.79 4.96
N VAL A 72 6.99 -6.78 5.95
CA VAL A 72 5.65 -7.35 5.76
C VAL A 72 4.59 -6.24 5.87
N LEU A 73 3.69 -6.19 4.88
CA LEU A 73 2.62 -5.21 4.86
C LEU A 73 1.35 -5.81 5.45
N GLU A 74 0.87 -5.21 6.53
CA GLU A 74 -0.33 -5.69 7.21
C GLU A 74 -1.57 -5.08 6.58
N LEU A 75 -2.60 -5.91 6.37
CA LEU A 75 -3.85 -5.45 5.77
C LEU A 75 -4.90 -5.20 6.85
N SER A 76 -5.16 -3.93 7.13
CA SER A 76 -6.15 -3.54 8.11
C SER A 76 -7.52 -3.40 7.46
N CYS A 77 -8.42 -4.32 7.78
CA CYS A 77 -9.77 -4.33 7.24
C CYS A 77 -10.69 -5.15 8.14
N GLU A 78 -12.00 -5.04 7.89
CA GLU A 78 -13.00 -5.77 8.68
C GLU A 78 -13.29 -7.14 8.05
N GLY A 79 -13.33 -8.17 8.91
CA GLY A 79 -13.61 -9.54 8.45
C GLY A 79 -12.49 -10.49 8.87
N ASP A 80 -12.80 -11.38 9.82
CA ASP A 80 -11.84 -12.36 10.32
C ASP A 80 -11.39 -13.32 9.23
N ASP A 81 -12.33 -13.72 8.36
CA ASP A 81 -12.04 -14.67 7.28
C ASP A 81 -10.96 -14.11 6.35
N GLU A 82 -10.07 -15.01 5.90
CA GLU A 82 -8.98 -14.63 4.98
C GLU A 82 -9.46 -14.50 3.52
N ASP A 83 -10.68 -14.98 3.25
CA ASP A 83 -11.24 -14.91 1.90
C ASP A 83 -11.53 -13.46 1.48
N THR A 84 -11.94 -12.64 2.45
CA THR A 84 -12.27 -11.23 2.18
C THR A 84 -11.05 -10.29 2.29
N ALA A 85 -9.96 -10.79 2.90
CA ALA A 85 -8.74 -9.99 3.07
C ALA A 85 -7.51 -10.78 2.63
N PHE A 86 -6.66 -10.16 1.81
CA PHE A 86 -5.45 -10.82 1.30
C PHE A 86 -4.43 -11.11 2.45
N PRO A 87 -3.69 -12.26 2.40
CA PRO A 87 -2.66 -12.59 3.45
C PRO A 87 -1.52 -11.54 3.50
N PRO A 88 -0.73 -11.48 4.59
CA PRO A 88 0.39 -10.48 4.70
C PRO A 88 1.28 -10.49 3.46
N LEU A 89 1.60 -9.30 2.97
CA LEU A 89 2.43 -9.14 1.78
C LEU A 89 3.90 -8.98 2.14
N HIS A 90 4.75 -9.80 1.51
CA HIS A 90 6.19 -9.74 1.74
C HIS A 90 6.88 -8.97 0.62
N TYR A 91 7.35 -7.76 0.95
CA TYR A 91 8.07 -6.92 -0.01
C TYR A 91 9.49 -6.66 0.50
N GLU A 92 10.47 -6.90 -0.37
CA GLU A 92 11.88 -6.71 -0.02
C GLU A 92 12.39 -5.38 -0.59
N LEU A 93 13.23 -4.70 0.20
CA LEU A 93 13.80 -3.42 -0.20
C LEU A 93 14.81 -3.59 -1.33
N PRO A 1 14.55 -7.35 -4.64
CA PRO A 1 13.30 -7.13 -5.41
C PRO A 1 12.44 -8.39 -5.35
N ALA A 2 11.12 -8.19 -5.23
CA ALA A 2 10.18 -9.31 -5.18
C ALA A 2 8.86 -8.94 -5.85
N GLY A 3 8.19 -9.94 -6.41
CA GLY A 3 6.92 -9.73 -7.10
C GLY A 3 7.07 -8.72 -8.23
N GLN A 4 6.17 -7.73 -8.26
CA GLN A 4 6.21 -6.69 -9.29
C GLN A 4 6.76 -5.36 -8.69
N PRO A 5 7.44 -4.52 -9.50
CA PRO A 5 8.01 -3.23 -8.99
C PRO A 5 6.91 -2.19 -8.72
N GLU A 6 7.19 -1.29 -7.75
CA GLU A 6 6.24 -0.25 -7.39
C GLU A 6 6.46 0.99 -8.23
N ARG A 7 5.42 1.38 -8.99
CA ARG A 7 5.49 2.52 -9.89
C ARG A 7 5.04 3.82 -9.21
N THR A 8 3.72 3.92 -8.92
CA THR A 8 3.16 5.10 -8.27
C THR A 8 1.96 4.75 -7.42
N LEU A 9 1.73 5.54 -6.37
CA LEU A 9 0.57 5.36 -5.51
C LEU A 9 -0.72 5.62 -6.29
N GLU A 10 -0.69 6.69 -7.11
CA GLU A 10 -1.85 7.07 -7.89
C GLU A 10 -2.25 5.93 -8.85
N SER A 11 -1.26 5.27 -9.43
CA SER A 11 -1.51 4.17 -10.36
C SER A 11 -2.04 2.94 -9.62
N LEU A 12 -1.47 2.66 -8.44
CA LEU A 12 -1.87 1.48 -7.67
C LEU A 12 -3.34 1.57 -7.24
N LEU A 13 -3.74 2.72 -6.67
CA LEU A 13 -5.12 2.91 -6.22
C LEU A 13 -6.09 2.95 -7.40
N ALA A 14 -5.68 3.65 -8.47
CA ALA A 14 -6.49 3.77 -9.67
C ALA A 14 -6.71 2.41 -10.33
N HIS A 15 -5.65 1.60 -10.37
CA HIS A 15 -5.70 0.29 -11.00
C HIS A 15 -6.64 -0.68 -10.26
N LEU A 16 -6.62 -0.65 -8.93
CA LEU A 16 -7.47 -1.55 -8.14
C LEU A 16 -8.95 -1.27 -8.42
N GLN A 17 -9.35 0.01 -8.34
CA GLN A 17 -10.74 0.39 -8.60
C GLN A 17 -11.12 0.27 -10.09
N GLU A 18 -10.22 0.75 -10.96
CA GLU A 18 -10.48 0.79 -12.40
C GLU A 18 -10.50 -0.61 -13.07
N GLN A 19 -9.53 -1.47 -12.71
CA GLN A 19 -9.40 -2.78 -13.36
C GLN A 19 -10.16 -3.89 -12.63
N HIS A 20 -10.31 -3.76 -11.31
CA HIS A 20 -10.97 -4.82 -10.51
C HIS A 20 -12.29 -4.35 -9.89
N GLY A 21 -12.47 -3.03 -9.75
CA GLY A 21 -13.69 -2.49 -9.11
C GLY A 21 -13.81 -3.02 -7.68
N LEU A 22 -12.65 -3.23 -7.05
CA LEU A 22 -12.57 -3.80 -5.71
C LEU A 22 -12.15 -2.74 -4.69
N ARG A 23 -12.70 -2.84 -3.48
CA ARG A 23 -12.40 -1.89 -2.41
C ARG A 23 -10.92 -1.98 -2.06
N VAL A 24 -10.30 -0.82 -1.82
CA VAL A 24 -8.86 -0.75 -1.54
C VAL A 24 -8.58 -0.97 -0.04
N ARG A 25 -7.44 -1.60 0.23
CA ARG A 25 -7.02 -1.92 1.61
C ARG A 25 -5.97 -0.93 2.09
N ILE A 26 -5.92 -0.73 3.41
CA ILE A 26 -4.94 0.16 4.03
C ILE A 26 -3.71 -0.65 4.44
N LEU A 27 -2.54 -0.25 3.90
CA LEU A 27 -1.29 -0.96 4.19
C LEU A 27 -0.48 -0.23 5.25
N LEU A 28 -0.24 -0.91 6.38
CA LEU A 28 0.52 -0.33 7.49
C LEU A 28 1.52 -1.36 8.05
N HIS A 29 2.71 -0.88 8.43
CA HIS A 29 3.73 -1.75 9.04
C HIS A 29 4.94 -0.95 9.54
N GLY A 30 4.89 -0.58 10.83
CA GLY A 30 6.01 0.08 11.49
C GLY A 30 6.24 1.50 11.00
N SER A 31 6.68 1.62 9.73
CA SER A 31 7.04 2.90 9.15
C SER A 31 5.86 3.87 9.11
N ALA A 32 4.73 3.42 8.54
CA ALA A 32 3.54 4.29 8.44
C ALA A 32 2.29 3.51 8.05
N LEU A 33 1.16 4.22 8.09
CA LEU A 33 -0.13 3.67 7.68
C LEU A 33 -0.61 4.39 6.41
N LEU A 34 -0.83 3.63 5.33
CA LEU A 34 -1.27 4.20 4.05
C LEU A 34 -2.77 4.44 4.05
N TYR A 35 -3.17 5.67 3.70
CA TYR A 35 -4.58 6.05 3.67
C TYR A 35 -5.20 5.71 2.31
N ALA A 36 -6.35 5.02 2.35
CA ALA A 36 -7.06 4.63 1.13
C ALA A 36 -8.57 4.59 1.35
N ALA A 37 -9.01 3.73 2.28
CA ALA A 37 -10.42 3.59 2.60
C ALA A 37 -10.73 4.17 3.98
N GLY A 38 -11.79 4.98 4.06
CA GLY A 38 -12.19 5.61 5.31
C GLY A 38 -13.20 6.73 5.06
N TRP A 39 -13.35 7.61 6.05
CA TRP A 39 -14.27 8.75 5.94
C TRP A 39 -13.87 9.68 4.80
N SER A 40 -12.55 9.85 4.61
CA SER A 40 -12.04 10.72 3.55
C SER A 40 -12.37 10.13 2.16
N PRO A 41 -12.44 10.97 1.10
CA PRO A 41 -12.78 10.48 -0.28
C PRO A 41 -11.68 9.63 -0.91
N GLU A 42 -12.09 8.68 -1.75
CA GLU A 42 -11.16 7.78 -2.45
C GLU A 42 -10.35 8.55 -3.51
N LYS A 43 -11.01 9.50 -4.18
CA LYS A 43 -10.40 10.23 -5.31
C LYS A 43 -9.07 10.89 -4.94
N GLN A 44 -9.00 11.50 -3.74
CA GLN A 44 -7.75 12.15 -3.30
C GLN A 44 -6.64 11.12 -3.04
N ALA A 45 -7.05 9.91 -2.61
CA ALA A 45 -6.09 8.83 -2.35
C ALA A 45 -5.35 8.44 -3.63
N GLN A 46 -6.12 8.31 -4.72
CA GLN A 46 -5.53 8.00 -6.04
C GLN A 46 -4.82 9.22 -6.65
N HIS A 47 -5.13 10.41 -6.14
CA HIS A 47 -4.52 11.65 -6.62
C HIS A 47 -3.00 11.66 -6.36
N LEU A 48 -2.60 11.09 -5.21
CA LEU A 48 -1.19 11.11 -4.79
C LEU A 48 -0.27 10.43 -5.85
N PRO A 49 0.60 11.19 -6.57
CA PRO A 49 1.52 10.60 -7.61
C PRO A 49 2.80 9.99 -7.02
N LEU A 50 3.04 10.22 -5.72
CA LEU A 50 4.25 9.72 -5.06
C LEU A 50 4.35 8.19 -5.16
N ARG A 51 5.59 7.68 -5.25
CA ARG A 51 5.81 6.23 -5.35
C ARG A 51 5.22 5.53 -4.14
N VAL A 52 4.70 4.31 -4.36
CA VAL A 52 4.04 3.58 -3.28
C VAL A 52 5.03 3.33 -2.11
N THR A 53 6.21 2.81 -2.44
CA THR A 53 7.23 2.49 -1.44
C THR A 53 7.93 3.74 -0.91
N GLU A 54 8.33 4.63 -1.81
CA GLU A 54 9.05 5.84 -1.41
C GLU A 54 8.17 6.71 -0.51
N LEU A 55 6.86 6.78 -0.85
CA LEU A 55 5.91 7.60 -0.08
C LEU A 55 5.84 7.13 1.37
N VAL A 56 5.69 5.81 1.56
CA VAL A 56 5.55 5.26 2.91
C VAL A 56 6.79 5.62 3.75
N GLN A 57 7.98 5.41 3.16
CA GLN A 57 9.24 5.67 3.86
C GLN A 57 9.48 7.18 4.12
N GLN A 58 9.16 8.04 3.12
CA GLN A 58 9.40 9.50 3.27
C GLN A 58 8.42 10.15 4.24
N LEU A 59 7.18 9.62 4.29
CA LEU A 59 6.17 10.13 5.22
C LEU A 59 6.65 9.98 6.67
N THR A 60 7.31 8.85 6.95
CA THR A 60 7.85 8.57 8.27
C THR A 60 8.94 9.60 8.63
N GLY A 61 9.78 9.93 7.63
CA GLY A 61 10.88 10.88 7.84
C GLY A 61 12.26 10.21 7.81
N GLN A 62 12.30 8.90 7.47
CA GLN A 62 13.56 8.16 7.38
C GLN A 62 13.92 7.87 5.93
N ALA A 63 15.17 8.14 5.56
CA ALA A 63 15.64 7.91 4.20
C ALA A 63 15.77 6.39 3.89
N PRO A 64 15.56 5.96 2.62
CA PRO A 64 15.68 4.51 2.24
C PRO A 64 17.08 3.96 2.55
N ALA A 65 17.14 2.69 2.99
CA ALA A 65 18.40 2.04 3.34
C ALA A 65 18.94 1.18 2.16
N PRO A 66 20.28 1.04 1.99
CA PRO A 66 20.88 0.23 0.89
C PRO A 66 20.72 -1.27 1.11
N GLY A 67 20.74 -2.03 0.02
CA GLY A 67 20.60 -3.49 0.07
C GLY A 67 19.13 -3.90 0.15
N GLN A 68 18.89 -5.22 0.13
CA GLN A 68 17.53 -5.75 0.20
C GLN A 68 17.08 -5.95 1.64
N ARG A 69 15.89 -5.45 1.96
CA ARG A 69 15.31 -5.58 3.29
C ARG A 69 14.03 -6.39 3.21
N VAL A 70 13.60 -6.97 4.34
CA VAL A 70 12.39 -7.81 4.37
C VAL A 70 11.26 -7.07 5.09
N LEU A 71 10.17 -6.79 4.37
CA LEU A 71 9.01 -6.09 4.91
C LEU A 71 7.74 -6.91 4.76
N VAL A 72 6.91 -6.89 5.80
CA VAL A 72 5.62 -7.58 5.79
C VAL A 72 4.51 -6.57 6.04
N LEU A 73 3.72 -6.27 4.99
CA LEU A 73 2.67 -5.26 5.08
C LEU A 73 1.33 -5.88 5.47
N GLU A 74 0.66 -5.24 6.44
CA GLU A 74 -0.65 -5.69 6.91
C GLU A 74 -1.75 -4.99 6.15
N LEU A 75 -2.79 -5.76 5.77
CA LEU A 75 -3.93 -5.21 5.04
C LEU A 75 -5.11 -4.99 5.98
N SER A 76 -5.38 -3.72 6.30
CA SER A 76 -6.47 -3.35 7.19
C SER A 76 -7.77 -3.12 6.42
N CYS A 77 -8.73 -4.03 6.61
CA CYS A 77 -10.03 -3.92 5.96
C CYS A 77 -11.05 -4.81 6.67
N GLU A 78 -12.33 -4.61 6.34
CA GLU A 78 -13.40 -5.40 6.96
C GLU A 78 -13.53 -6.76 6.29
N GLY A 79 -13.55 -7.81 7.12
CA GLY A 79 -13.68 -9.18 6.62
C GLY A 79 -14.47 -10.04 7.62
N ASP A 80 -15.37 -10.87 7.08
CA ASP A 80 -16.20 -11.74 7.91
C ASP A 80 -15.37 -12.86 8.54
N ASP A 81 -14.45 -13.43 7.75
CA ASP A 81 -13.61 -14.54 8.22
C ASP A 81 -12.12 -14.26 8.00
N GLU A 82 -11.27 -14.98 8.73
CA GLU A 82 -9.82 -14.85 8.61
C GLU A 82 -9.36 -15.20 7.18
N ASP A 83 -9.99 -16.21 6.60
CA ASP A 83 -9.65 -16.66 5.24
C ASP A 83 -9.98 -15.59 4.19
N THR A 84 -10.98 -14.75 4.49
CA THR A 84 -11.40 -13.68 3.58
C THR A 84 -10.21 -12.73 3.32
N ALA A 85 -9.44 -12.44 4.37
CA ALA A 85 -8.27 -11.56 4.25
C ALA A 85 -7.04 -12.36 3.85
N PHE A 86 -6.35 -11.88 2.82
CA PHE A 86 -5.16 -12.55 2.29
C PHE A 86 -3.95 -12.42 3.24
N PRO A 87 -2.95 -13.33 3.17
CA PRO A 87 -1.72 -13.27 4.04
C PRO A 87 -0.95 -11.93 3.82
N PRO A 88 -0.08 -11.52 4.77
CA PRO A 88 0.66 -10.22 4.65
C PRO A 88 1.56 -10.17 3.40
N LEU A 89 1.68 -8.98 2.82
CA LEU A 89 2.45 -8.77 1.60
C LEU A 89 3.95 -8.85 1.89
N HIS A 90 4.66 -9.70 1.13
CA HIS A 90 6.10 -9.82 1.27
C HIS A 90 6.80 -9.03 0.17
N TYR A 91 7.46 -7.93 0.56
CA TYR A 91 8.13 -7.05 -0.38
C TYR A 91 9.61 -6.87 -0.01
N GLU A 92 10.50 -7.08 -1.01
CA GLU A 92 11.95 -6.91 -0.80
C GLU A 92 12.42 -5.61 -1.45
N LEU A 93 13.36 -4.92 -0.78
CA LEU A 93 13.89 -3.65 -1.31
C LEU A 93 14.82 -3.91 -2.50
N PRO A 1 16.51 -6.96 -3.53
CA PRO A 1 15.20 -6.78 -4.19
C PRO A 1 14.62 -8.15 -4.55
N ALA A 2 13.32 -8.33 -4.28
CA ALA A 2 12.62 -9.59 -4.57
C ALA A 2 11.19 -9.31 -4.99
N GLY A 3 10.69 -10.12 -5.94
CA GLY A 3 9.33 -9.97 -6.45
C GLY A 3 9.25 -8.83 -7.46
N GLN A 4 8.04 -8.56 -7.95
CA GLN A 4 7.82 -7.48 -8.92
C GLN A 4 7.87 -6.11 -8.19
N PRO A 5 8.76 -5.16 -8.60
CA PRO A 5 8.84 -3.82 -7.93
C PRO A 5 7.52 -3.06 -8.00
N GLU A 6 7.20 -2.31 -6.94
CA GLU A 6 5.96 -1.54 -6.88
C GLU A 6 5.91 -0.52 -8.00
N ARG A 7 4.72 -0.32 -8.58
CA ARG A 7 4.55 0.59 -9.71
C ARG A 7 4.31 2.03 -9.24
N THR A 8 3.13 2.27 -8.62
CA THR A 8 2.78 3.61 -8.14
C THR A 8 1.60 3.52 -7.18
N LEU A 9 1.55 4.45 -6.20
CA LEU A 9 0.45 4.46 -5.23
C LEU A 9 -0.89 4.69 -5.94
N GLU A 10 -0.92 5.64 -6.88
CA GLU A 10 -2.15 5.93 -7.61
C GLU A 10 -2.60 4.71 -8.43
N SER A 11 -1.62 4.01 -9.02
CA SER A 11 -1.91 2.83 -9.83
C SER A 11 -2.40 1.66 -8.98
N LEU A 12 -1.79 1.46 -7.80
CA LEU A 12 -2.19 0.37 -6.90
C LEU A 12 -3.64 0.56 -6.45
N LEU A 13 -3.95 1.78 -5.99
CA LEU A 13 -5.28 2.12 -5.50
C LEU A 13 -6.28 2.11 -6.66
N ALA A 14 -5.88 2.73 -7.78
CA ALA A 14 -6.74 2.83 -8.95
C ALA A 14 -7.07 1.45 -9.52
N HIS A 15 -6.08 0.56 -9.53
CA HIS A 15 -6.26 -0.78 -10.09
C HIS A 15 -7.36 -1.53 -9.34
N LEU A 16 -7.30 -1.56 -8.00
CA LEU A 16 -8.30 -2.25 -7.19
C LEU A 16 -9.68 -1.58 -7.33
N GLN A 17 -9.68 -0.25 -7.30
CA GLN A 17 -10.92 0.54 -7.36
C GLN A 17 -11.63 0.42 -8.72
N GLU A 18 -10.86 0.43 -9.82
CA GLU A 18 -11.45 0.41 -11.17
C GLU A 18 -11.72 -1.03 -11.66
N GLN A 19 -10.67 -1.86 -11.65
CA GLN A 19 -10.77 -3.23 -12.17
C GLN A 19 -11.69 -4.11 -11.34
N HIS A 20 -11.65 -3.96 -10.01
CA HIS A 20 -12.43 -4.84 -9.11
C HIS A 20 -13.60 -4.12 -8.43
N GLY A 21 -13.55 -2.77 -8.37
CA GLY A 21 -14.62 -2.01 -7.70
C GLY A 21 -14.67 -2.34 -6.20
N LEU A 22 -13.49 -2.71 -5.65
CA LEU A 22 -13.38 -3.11 -4.25
C LEU A 22 -12.65 -2.02 -3.44
N ARG A 23 -13.14 -1.78 -2.21
CA ARG A 23 -12.53 -0.78 -1.34
C ARG A 23 -11.13 -1.22 -0.98
N VAL A 24 -10.20 -0.26 -0.94
CA VAL A 24 -8.80 -0.54 -0.65
C VAL A 24 -8.54 -0.49 0.87
N ARG A 25 -8.03 -1.59 1.40
CA ARG A 25 -7.70 -1.69 2.82
C ARG A 25 -6.44 -0.90 3.14
N ILE A 26 -6.18 -0.69 4.44
CA ILE A 26 -5.02 0.07 4.89
C ILE A 26 -3.82 -0.85 5.12
N LEU A 27 -2.68 -0.45 4.54
CA LEU A 27 -1.43 -1.17 4.72
C LEU A 27 -0.52 -0.36 5.65
N LEU A 28 -0.37 -0.85 6.88
CA LEU A 28 0.44 -0.15 7.88
C LEU A 28 1.34 -1.11 8.65
N HIS A 29 2.55 -0.67 8.97
CA HIS A 29 3.49 -1.50 9.76
C HIS A 29 4.76 -0.74 10.15
N GLY A 30 4.75 -0.17 11.36
CA GLY A 30 5.92 0.52 11.90
C GLY A 30 6.17 1.85 11.21
N SER A 31 6.50 1.79 9.92
CA SER A 31 6.83 2.98 9.16
C SER A 31 5.69 3.99 9.14
N ALA A 32 4.53 3.58 8.59
CA ALA A 32 3.40 4.50 8.51
C ALA A 32 2.08 3.79 8.17
N LEU A 33 1.00 4.59 8.10
CA LEU A 33 -0.34 4.13 7.76
C LEU A 33 -0.81 4.79 6.45
N LEU A 34 -1.19 3.96 5.47
CA LEU A 34 -1.66 4.46 4.17
C LEU A 34 -3.15 4.78 4.24
N TYR A 35 -3.52 6.00 3.81
CA TYR A 35 -4.92 6.43 3.79
C TYR A 35 -5.68 5.69 2.70
N ALA A 36 -6.24 4.54 3.07
CA ALA A 36 -7.01 3.72 2.13
C ALA A 36 -8.51 4.00 2.28
N ALA A 37 -9.03 3.79 3.49
CA ALA A 37 -10.44 4.04 3.78
C ALA A 37 -10.59 4.90 5.03
N GLY A 38 -11.51 5.87 4.97
CA GLY A 38 -11.76 6.77 6.10
C GLY A 38 -12.69 7.90 5.70
N TRP A 39 -12.85 8.88 6.60
CA TRP A 39 -13.72 10.04 6.35
C TRP A 39 -13.26 10.83 5.10
N SER A 40 -11.95 10.77 4.80
CA SER A 40 -11.39 11.47 3.64
C SER A 40 -11.93 10.89 2.32
N PRO A 41 -12.04 11.71 1.24
CA PRO A 41 -12.57 11.21 -0.08
C PRO A 41 -11.65 10.22 -0.77
N GLU A 42 -12.24 9.31 -1.53
CA GLU A 42 -11.50 8.28 -2.26
C GLU A 42 -10.63 8.90 -3.37
N LYS A 43 -11.15 9.96 -3.99
CA LYS A 43 -10.51 10.61 -5.14
C LYS A 43 -9.07 11.08 -4.82
N GLN A 44 -8.88 11.77 -3.69
CA GLN A 44 -7.55 12.27 -3.33
C GLN A 44 -6.55 11.12 -3.08
N ALA A 45 -7.06 9.99 -2.56
CA ALA A 45 -6.22 8.83 -2.28
C ALA A 45 -5.61 8.25 -3.55
N GLN A 46 -6.43 8.15 -4.60
CA GLN A 46 -5.98 7.62 -5.91
C GLN A 46 -5.15 8.64 -6.70
N HIS A 47 -5.25 9.92 -6.33
CA HIS A 47 -4.54 11.00 -7.03
C HIS A 47 -3.08 11.17 -6.57
N LEU A 48 -2.58 10.24 -5.73
CA LEU A 48 -1.19 10.33 -5.26
C LEU A 48 -0.23 9.61 -6.25
N PRO A 49 0.58 10.36 -7.06
CA PRO A 49 1.50 9.74 -8.08
C PRO A 49 2.77 9.13 -7.46
N LEU A 50 2.96 9.31 -6.15
CA LEU A 50 4.15 8.80 -5.47
C LEU A 50 4.15 7.28 -5.44
N ARG A 51 5.35 6.69 -5.54
CA ARG A 51 5.49 5.24 -5.53
C ARG A 51 5.06 4.68 -4.19
N VAL A 52 4.51 3.46 -4.21
CA VAL A 52 3.96 2.84 -3.01
C VAL A 52 5.02 2.70 -1.89
N THR A 53 6.19 2.12 -2.24
CA THR A 53 7.25 1.89 -1.24
C THR A 53 7.93 3.19 -0.82
N GLU A 54 8.22 4.05 -1.80
CA GLU A 54 8.86 5.33 -1.53
C GLU A 54 7.97 6.25 -0.73
N LEU A 55 6.67 6.23 -1.04
CA LEU A 55 5.70 7.11 -0.36
C LEU A 55 5.64 6.83 1.15
N VAL A 56 5.51 5.55 1.53
CA VAL A 56 5.42 5.21 2.96
C VAL A 56 6.72 5.61 3.70
N GLN A 57 7.87 5.32 3.08
CA GLN A 57 9.18 5.65 3.70
C GLN A 57 9.46 7.17 3.71
N GLN A 58 9.14 7.86 2.59
CA GLN A 58 9.43 9.31 2.47
C GLN A 58 8.52 10.16 3.35
N LEU A 59 7.28 9.67 3.57
CA LEU A 59 6.34 10.38 4.45
C LEU A 59 6.91 10.47 5.88
N THR A 60 7.57 9.40 6.31
CA THR A 60 8.19 9.34 7.64
C THR A 60 9.53 10.12 7.67
N GLY A 61 10.08 10.46 6.49
CA GLY A 61 11.34 11.22 6.39
C GLY A 61 12.56 10.33 6.11
N GLN A 62 12.40 8.99 6.17
CA GLN A 62 13.52 8.07 5.90
C GLN A 62 13.66 7.81 4.39
N ALA A 63 14.84 7.29 3.98
CA ALA A 63 15.10 7.00 2.57
C ALA A 63 15.73 5.59 2.41
N PRO A 64 15.56 4.93 1.24
CA PRO A 64 16.15 3.56 1.00
C PRO A 64 17.67 3.55 1.16
N ALA A 65 18.20 2.44 1.68
CA ALA A 65 19.64 2.29 1.89
C ALA A 65 20.24 1.28 0.88
N PRO A 66 21.56 1.37 0.58
CA PRO A 66 22.22 0.42 -0.40
C PRO A 66 21.97 -1.03 -0.03
N GLY A 67 22.00 -1.33 1.27
CA GLY A 67 21.76 -2.69 1.76
C GLY A 67 20.29 -3.05 1.61
N GLN A 68 19.99 -4.36 1.56
CA GLN A 68 18.61 -4.83 1.43
C GLN A 68 17.84 -4.65 2.73
N ARG A 69 16.61 -4.16 2.62
CA ARG A 69 15.75 -3.94 3.77
C ARG A 69 14.51 -4.84 3.68
N VAL A 70 14.12 -5.45 4.80
CA VAL A 70 12.96 -6.35 4.82
C VAL A 70 11.81 -5.68 5.57
N LEU A 71 10.70 -5.44 4.86
CA LEU A 71 9.53 -4.80 5.44
C LEU A 71 8.27 -5.63 5.20
N VAL A 72 7.38 -5.65 6.19
CA VAL A 72 6.10 -6.37 6.07
C VAL A 72 4.94 -5.39 6.27
N LEU A 73 3.85 -5.60 5.52
CA LEU A 73 2.68 -4.71 5.62
C LEU A 73 1.48 -5.45 6.20
N GLU A 74 0.79 -4.78 7.14
CA GLU A 74 -0.39 -5.34 7.79
C GLU A 74 -1.65 -4.92 7.03
N LEU A 75 -2.51 -5.89 6.71
CA LEU A 75 -3.74 -5.60 5.97
C LEU A 75 -4.89 -5.36 6.95
N SER A 76 -5.25 -4.09 7.11
CA SER A 76 -6.34 -3.68 8.00
C SER A 76 -7.67 -3.65 7.26
N CYS A 77 -8.57 -4.58 7.65
CA CYS A 77 -9.93 -4.68 7.05
C CYS A 77 -9.90 -5.40 5.70
N GLU A 78 -9.82 -6.74 5.74
CA GLU A 78 -9.82 -7.56 4.53
C GLU A 78 -11.24 -7.67 3.97
N GLY A 79 -11.35 -8.07 2.70
CA GLY A 79 -12.65 -8.22 2.05
C GLY A 79 -13.44 -9.39 2.64
N ASP A 80 -14.77 -9.36 2.46
CA ASP A 80 -15.64 -10.41 2.99
C ASP A 80 -15.53 -11.72 2.20
N ASP A 81 -14.89 -11.67 1.01
CA ASP A 81 -14.70 -12.85 0.18
C ASP A 81 -13.29 -13.41 0.35
N GLU A 82 -13.15 -14.71 0.13
CA GLU A 82 -11.86 -15.37 0.25
C GLU A 82 -10.86 -14.77 -0.74
N ASP A 83 -11.33 -14.49 -1.96
CA ASP A 83 -10.49 -13.91 -3.01
C ASP A 83 -10.09 -12.47 -2.67
N THR A 84 -11.01 -11.73 -2.04
CA THR A 84 -10.76 -10.33 -1.68
C THR A 84 -9.75 -10.21 -0.54
N ALA A 85 -9.65 -11.25 0.30
CA ALA A 85 -8.73 -11.23 1.43
C ALA A 85 -7.36 -11.76 1.01
N PHE A 86 -6.33 -10.93 1.23
CA PHE A 86 -4.96 -11.30 0.86
C PHE A 86 -4.08 -11.46 2.12
N PRO A 87 -3.05 -12.34 2.09
CA PRO A 87 -2.13 -12.55 3.25
C PRO A 87 -1.18 -11.35 3.45
N PRO A 88 -0.50 -11.24 4.63
CA PRO A 88 0.44 -10.09 4.88
C PRO A 88 1.43 -9.92 3.74
N LEU A 89 1.69 -8.66 3.36
CA LEU A 89 2.59 -8.37 2.23
C LEU A 89 4.04 -8.34 2.68
N HIS A 90 4.90 -8.99 1.89
CA HIS A 90 6.34 -9.04 2.16
C HIS A 90 7.10 -8.41 1.00
N TYR A 91 7.78 -7.28 1.25
CA TYR A 91 8.54 -6.59 0.20
C TYR A 91 9.95 -6.24 0.69
N GLU A 92 10.97 -6.75 -0.02
CA GLU A 92 12.37 -6.46 0.32
C GLU A 92 12.99 -5.48 -0.68
N LEU A 93 13.81 -4.57 -0.18
CA LEU A 93 14.48 -3.58 -1.03
C LEU A 93 15.96 -3.91 -1.18
N PRO A 1 14.79 -8.53 -4.73
CA PRO A 1 13.71 -8.14 -5.66
C PRO A 1 12.56 -9.14 -5.53
N ALA A 2 11.42 -8.67 -4.99
CA ALA A 2 10.24 -9.51 -4.82
C ALA A 2 9.06 -8.95 -5.61
N GLY A 3 8.25 -9.84 -6.17
CA GLY A 3 7.09 -9.44 -6.97
C GLY A 3 7.52 -8.60 -8.16
N GLN A 4 6.88 -7.44 -8.32
CA GLN A 4 7.20 -6.51 -9.40
C GLN A 4 7.46 -5.10 -8.85
N PRO A 5 8.32 -4.28 -9.50
CA PRO A 5 8.61 -2.88 -9.02
C PRO A 5 7.34 -2.04 -8.93
N GLU A 6 7.26 -1.22 -7.88
CA GLU A 6 6.10 -0.35 -7.67
C GLU A 6 6.06 0.73 -8.74
N ARG A 7 4.86 1.02 -9.25
CA ARG A 7 4.67 2.02 -10.30
C ARG A 7 4.47 3.42 -9.70
N THR A 8 3.31 3.60 -9.05
CA THR A 8 2.95 4.85 -8.40
C THR A 8 1.78 4.63 -7.48
N LEU A 9 1.68 5.42 -6.41
CA LEU A 9 0.58 5.27 -5.46
C LEU A 9 -0.75 5.51 -6.17
N GLU A 10 -0.81 6.56 -7.00
CA GLU A 10 -2.02 6.87 -7.76
C GLU A 10 -2.36 5.72 -8.72
N SER A 11 -1.31 5.09 -9.28
CA SER A 11 -1.48 3.99 -10.22
C SER A 11 -2.11 2.76 -9.54
N LEU A 12 -1.65 2.44 -8.33
CA LEU A 12 -2.13 1.27 -7.60
C LEU A 12 -3.63 1.39 -7.32
N LEU A 13 -4.03 2.53 -6.74
CA LEU A 13 -5.44 2.75 -6.42
C LEU A 13 -6.28 2.83 -7.68
N ALA A 14 -5.76 3.52 -8.70
CA ALA A 14 -6.44 3.65 -9.98
C ALA A 14 -6.66 2.28 -10.63
N HIS A 15 -5.64 1.42 -10.53
CA HIS A 15 -5.66 0.09 -11.15
C HIS A 15 -6.81 -0.78 -10.62
N LEU A 16 -6.95 -0.86 -9.28
CA LEU A 16 -7.98 -1.70 -8.68
C LEU A 16 -9.39 -1.24 -9.05
N GLN A 17 -9.67 0.07 -8.85
CA GLN A 17 -11.00 0.62 -9.16
C GLN A 17 -11.30 0.72 -10.66
N GLU A 18 -10.31 1.11 -11.47
CA GLU A 18 -10.52 1.30 -12.92
C GLU A 18 -10.79 -0.03 -13.63
N GLN A 19 -10.04 -1.09 -13.26
CA GLN A 19 -10.17 -2.39 -13.94
C GLN A 19 -11.09 -3.36 -13.21
N HIS A 20 -11.09 -3.31 -11.87
CA HIS A 20 -11.90 -4.26 -11.07
C HIS A 20 -13.07 -3.58 -10.35
N GLY A 21 -12.98 -2.26 -10.15
CA GLY A 21 -14.06 -1.51 -9.48
C GLY A 21 -14.23 -1.93 -8.03
N LEU A 22 -13.14 -2.39 -7.40
CA LEU A 22 -13.16 -2.86 -6.02
C LEU A 22 -12.36 -1.92 -5.11
N ARG A 23 -12.74 -1.89 -3.84
CA ARG A 23 -12.07 -1.02 -2.85
C ARG A 23 -10.63 -1.48 -2.64
N VAL A 24 -9.78 -0.54 -2.23
CA VAL A 24 -8.36 -0.83 -2.00
C VAL A 24 -8.08 -1.07 -0.51
N ARG A 25 -7.47 -2.22 -0.21
CA ARG A 25 -7.15 -2.61 1.16
C ARG A 25 -6.08 -1.69 1.75
N ILE A 26 -6.12 -1.51 3.08
CA ILE A 26 -5.15 -0.64 3.76
C ILE A 26 -3.95 -1.45 4.22
N LEU A 27 -2.76 -1.03 3.78
CA LEU A 27 -1.51 -1.70 4.15
C LEU A 27 -0.69 -0.78 5.05
N LEU A 28 -0.29 -1.30 6.21
CA LEU A 28 0.49 -0.53 7.18
C LEU A 28 1.65 -1.34 7.76
N HIS A 29 2.75 -0.65 8.10
CA HIS A 29 3.91 -1.34 8.69
C HIS A 29 4.92 -0.35 9.32
N GLY A 30 4.76 -0.09 10.61
CA GLY A 30 5.73 0.70 11.38
C GLY A 30 5.73 2.17 10.98
N SER A 31 6.20 2.44 9.75
CA SER A 31 6.37 3.80 9.26
C SER A 31 5.05 4.56 9.22
N ALA A 32 4.02 3.96 8.62
CA ALA A 32 2.71 4.62 8.52
C ALA A 32 1.62 3.67 8.05
N LEU A 33 0.38 4.18 8.07
CA LEU A 33 -0.77 3.47 7.56
C LEU A 33 -1.18 4.08 6.22
N LEU A 34 -1.11 3.28 5.15
CA LEU A 34 -1.42 3.78 3.81
C LEU A 34 -2.92 3.83 3.60
N TYR A 35 -3.44 5.06 3.45
CA TYR A 35 -4.87 5.26 3.25
C TYR A 35 -5.29 4.99 1.82
N ALA A 36 -6.46 4.39 1.66
CA ALA A 36 -7.02 4.08 0.35
C ALA A 36 -8.55 4.14 0.40
N ALA A 37 -9.15 3.18 1.14
CA ALA A 37 -10.60 3.16 1.32
C ALA A 37 -10.94 3.21 2.80
N GLY A 38 -11.80 4.17 3.18
CA GLY A 38 -12.18 4.33 4.59
C GLY A 38 -12.44 5.78 4.93
N TRP A 39 -11.82 6.25 6.03
CA TRP A 39 -12.01 7.62 6.51
C TRP A 39 -11.59 8.65 5.45
N SER A 40 -10.41 8.46 4.85
CA SER A 40 -9.90 9.39 3.84
C SER A 40 -10.68 9.23 2.51
N PRO A 41 -10.96 10.34 1.76
CA PRO A 41 -11.69 10.24 0.45
C PRO A 41 -10.92 9.38 -0.55
N GLU A 42 -11.66 8.58 -1.33
CA GLU A 42 -11.05 7.69 -2.32
C GLU A 42 -10.33 8.49 -3.41
N LYS A 43 -10.98 9.56 -3.91
CA LYS A 43 -10.37 10.40 -4.95
C LYS A 43 -9.05 11.01 -4.45
N GLN A 44 -9.02 11.32 -3.15
CA GLN A 44 -7.85 11.85 -2.50
C GLN A 44 -6.71 10.82 -2.53
N ALA A 45 -7.02 9.58 -2.13
CA ALA A 45 -6.02 8.52 -2.06
C ALA A 45 -5.42 8.21 -3.42
N GLN A 46 -6.27 8.14 -4.46
CA GLN A 46 -5.80 7.84 -5.82
C GLN A 46 -5.08 9.05 -6.46
N HIS A 47 -5.37 10.25 -5.95
CA HIS A 47 -4.76 11.47 -6.46
C HIS A 47 -3.24 11.48 -6.22
N LEU A 48 -2.83 10.94 -5.05
CA LEU A 48 -1.41 10.96 -4.65
C LEU A 48 -0.47 10.42 -5.77
N PRO A 49 0.32 11.28 -6.46
CA PRO A 49 1.26 10.82 -7.54
C PRO A 49 2.58 10.22 -6.99
N LEU A 50 2.75 10.26 -5.66
CA LEU A 50 3.98 9.75 -5.04
C LEU A 50 4.09 8.24 -5.19
N ARG A 51 5.32 7.73 -5.31
CA ARG A 51 5.56 6.30 -5.48
C ARG A 51 5.07 5.54 -4.24
N VAL A 52 4.56 4.34 -4.45
CA VAL A 52 3.98 3.53 -3.37
C VAL A 52 5.00 3.34 -2.22
N THR A 53 6.09 2.62 -2.51
CA THR A 53 7.10 2.32 -1.48
C THR A 53 7.75 3.59 -0.92
N GLU A 54 8.16 4.49 -1.81
CA GLU A 54 8.83 5.73 -1.40
C GLU A 54 7.92 6.56 -0.50
N LEU A 55 6.63 6.59 -0.82
CA LEU A 55 5.65 7.35 -0.06
C LEU A 55 5.61 6.88 1.40
N VAL A 56 5.59 5.56 1.62
CA VAL A 56 5.51 5.02 2.99
C VAL A 56 6.73 5.47 3.83
N GLN A 57 7.95 5.31 3.28
CA GLN A 57 9.16 5.72 4.00
C GLN A 57 9.29 7.24 4.12
N GLN A 58 8.93 7.97 3.06
CA GLN A 58 9.02 9.45 3.06
C GLN A 58 8.07 10.05 4.08
N LEU A 59 6.88 9.47 4.22
CA LEU A 59 5.89 9.95 5.18
C LEU A 59 6.41 9.87 6.62
N THR A 60 7.14 8.79 6.94
CA THR A 60 7.73 8.62 8.28
C THR A 60 9.09 9.35 8.42
N GLY A 61 9.62 9.89 7.30
CA GLY A 61 10.92 10.57 7.31
C GLY A 61 12.10 9.57 7.27
N GLN A 62 11.81 8.33 6.85
CA GLN A 62 12.81 7.26 6.77
C GLN A 62 13.43 7.22 5.37
N ALA A 63 14.77 7.03 5.31
CA ALA A 63 15.48 6.94 4.03
C ALA A 63 15.75 5.47 3.66
N PRO A 64 15.75 5.11 2.35
CA PRO A 64 16.01 3.68 1.92
C PRO A 64 17.37 3.17 2.40
N ALA A 65 17.41 1.90 2.82
CA ALA A 65 18.64 1.28 3.30
C ALA A 65 19.64 1.03 2.13
N PRO A 66 20.97 1.23 2.32
CA PRO A 66 21.98 0.98 1.23
C PRO A 66 21.91 -0.45 0.68
N GLY A 67 21.71 -1.41 1.60
CA GLY A 67 21.62 -2.82 1.22
C GLY A 67 20.16 -3.24 1.02
N GLN A 68 19.93 -4.55 0.90
CA GLN A 68 18.56 -5.07 0.73
C GLN A 68 17.79 -4.98 2.04
N ARG A 69 16.53 -4.59 1.94
CA ARG A 69 15.67 -4.44 3.12
C ARG A 69 14.49 -5.41 3.06
N VAL A 70 14.13 -5.99 4.21
CA VAL A 70 13.02 -6.95 4.27
C VAL A 70 11.83 -6.32 5.02
N LEU A 71 10.68 -6.23 4.34
CA LEU A 71 9.49 -5.61 4.93
C LEU A 71 8.33 -6.59 5.04
N VAL A 72 7.57 -6.47 6.13
CA VAL A 72 6.37 -7.29 6.36
C VAL A 72 5.15 -6.36 6.49
N LEU A 73 4.30 -6.36 5.47
CA LEU A 73 3.13 -5.47 5.44
C LEU A 73 1.89 -6.16 6.01
N GLU A 74 1.13 -5.40 6.81
CA GLU A 74 -0.11 -5.89 7.41
C GLU A 74 -1.30 -5.50 6.53
N LEU A 75 -2.13 -6.49 6.17
CA LEU A 75 -3.28 -6.24 5.30
C LEU A 75 -4.56 -6.05 6.13
N SER A 76 -4.99 -4.79 6.25
CA SER A 76 -6.21 -4.45 6.98
C SER A 76 -7.44 -4.46 6.07
N CYS A 77 -8.32 -5.43 6.30
CA CYS A 77 -9.55 -5.57 5.51
C CYS A 77 -10.73 -5.95 6.39
N GLU A 78 -11.83 -5.19 6.26
CA GLU A 78 -13.04 -5.44 7.05
C GLU A 78 -13.93 -6.47 6.36
N GLY A 79 -14.53 -7.37 7.16
CA GLY A 79 -15.43 -8.41 6.64
C GLY A 79 -15.73 -9.46 7.70
N ASP A 80 -16.42 -10.53 7.31
CA ASP A 80 -16.76 -11.63 8.24
C ASP A 80 -16.64 -13.02 7.56
N ASP A 81 -16.04 -13.06 6.36
CA ASP A 81 -15.88 -14.31 5.61
C ASP A 81 -14.43 -14.85 5.73
N GLU A 82 -14.08 -15.84 4.90
CA GLU A 82 -12.74 -16.42 4.90
C GLU A 82 -11.67 -15.34 4.60
N ASP A 83 -12.05 -14.39 3.74
CA ASP A 83 -11.12 -13.33 3.30
C ASP A 83 -11.09 -12.12 4.25
N THR A 84 -11.54 -12.31 5.52
CA THR A 84 -11.53 -11.20 6.51
C THR A 84 -10.12 -10.63 6.68
N ALA A 85 -9.10 -11.49 6.53
CA ALA A 85 -7.71 -11.07 6.65
C ALA A 85 -6.81 -11.89 5.74
N PHE A 86 -5.74 -11.27 5.26
CA PHE A 86 -4.79 -11.93 4.36
C PHE A 86 -3.42 -12.12 5.05
N PRO A 87 -2.59 -13.10 4.62
CA PRO A 87 -1.25 -13.34 5.25
C PRO A 87 -0.27 -12.17 4.99
N PRO A 88 0.72 -11.94 5.88
CA PRO A 88 1.69 -10.80 5.70
C PRO A 88 2.39 -10.84 4.34
N LEU A 89 2.51 -9.67 3.72
CA LEU A 89 3.17 -9.55 2.42
C LEU A 89 4.64 -9.21 2.61
N HIS A 90 5.50 -9.93 1.87
CA HIS A 90 6.93 -9.71 1.94
C HIS A 90 7.41 -8.91 0.73
N TYR A 91 7.87 -7.68 0.98
CA TYR A 91 8.36 -6.81 -0.08
C TYR A 91 9.75 -6.29 0.26
N GLU A 92 10.72 -6.58 -0.62
CA GLU A 92 12.10 -6.14 -0.43
C GLU A 92 12.47 -5.02 -1.41
N LEU A 93 13.48 -4.23 -1.03
CA LEU A 93 13.95 -3.13 -1.89
C LEU A 93 15.35 -3.43 -2.42
N PRO A 1 15.09 -5.39 -5.50
CA PRO A 1 13.70 -5.59 -5.03
C PRO A 1 13.34 -7.08 -5.13
N ALA A 2 12.09 -7.40 -4.80
CA ALA A 2 11.61 -8.79 -4.84
C ALA A 2 10.15 -8.85 -5.27
N GLY A 3 9.74 -9.99 -5.83
CA GLY A 3 8.36 -10.18 -6.29
C GLY A 3 8.00 -9.18 -7.38
N GLN A 4 6.84 -8.53 -7.20
CA GLN A 4 6.37 -7.54 -8.17
C GLN A 4 6.73 -6.10 -7.69
N PRO A 5 7.67 -5.38 -8.36
CA PRO A 5 8.07 -3.99 -7.95
C PRO A 5 6.89 -3.03 -7.97
N GLU A 6 6.86 -2.11 -6.99
CA GLU A 6 5.78 -1.11 -6.87
C GLU A 6 5.97 -0.02 -7.93
N ARG A 7 4.87 0.32 -8.63
CA ARG A 7 4.92 1.33 -9.68
C ARG A 7 4.57 2.74 -9.16
N THR A 8 3.31 2.93 -8.76
CA THR A 8 2.83 4.23 -8.27
C THR A 8 1.62 4.03 -7.37
N LEU A 9 1.50 4.86 -6.31
CA LEU A 9 0.36 4.77 -5.40
C LEU A 9 -0.93 5.09 -6.15
N GLU A 10 -0.89 6.12 -7.00
CA GLU A 10 -2.03 6.48 -7.83
C GLU A 10 -2.39 5.32 -8.77
N SER A 11 -1.36 4.70 -9.38
CA SER A 11 -1.58 3.57 -10.29
C SER A 11 -2.15 2.36 -9.54
N LEU A 12 -1.59 2.08 -8.35
CA LEU A 12 -2.02 0.93 -7.55
C LEU A 12 -3.47 1.10 -7.09
N LEU A 13 -3.78 2.30 -6.59
CA LEU A 13 -5.14 2.61 -6.11
C LEU A 13 -6.12 2.65 -7.28
N ALA A 14 -5.71 3.29 -8.37
CA ALA A 14 -6.54 3.40 -9.57
C ALA A 14 -6.83 2.04 -10.16
N HIS A 15 -5.82 1.16 -10.17
CA HIS A 15 -5.95 -0.18 -10.73
C HIS A 15 -6.96 -1.03 -9.95
N LEU A 16 -6.90 -0.96 -8.61
CA LEU A 16 -7.77 -1.77 -7.77
C LEU A 16 -9.25 -1.40 -7.96
N GLN A 17 -9.55 -0.10 -7.98
CA GLN A 17 -10.93 0.38 -8.12
C GLN A 17 -11.40 0.38 -9.58
N GLU A 18 -10.63 1.02 -10.45
CA GLU A 18 -10.98 1.16 -11.87
C GLU A 18 -10.95 -0.19 -12.60
N GLN A 19 -9.94 -1.02 -12.30
CA GLN A 19 -9.76 -2.30 -13.01
C GLN A 19 -10.36 -3.50 -12.26
N HIS A 20 -10.25 -3.52 -10.92
CA HIS A 20 -10.76 -4.67 -10.13
C HIS A 20 -12.17 -4.40 -9.58
N GLY A 21 -12.54 -3.13 -9.46
CA GLY A 21 -13.88 -2.75 -8.96
C GLY A 21 -14.06 -3.11 -7.48
N LEU A 22 -12.94 -3.20 -6.74
CA LEU A 22 -12.97 -3.55 -5.32
C LEU A 22 -12.48 -2.40 -4.44
N ARG A 23 -12.94 -2.38 -3.19
CA ARG A 23 -12.56 -1.34 -2.23
C ARG A 23 -11.07 -1.46 -1.93
N VAL A 24 -10.41 -0.31 -1.73
CA VAL A 24 -8.98 -0.29 -1.45
C VAL A 24 -8.73 -0.43 0.06
N ARG A 25 -7.95 -1.45 0.42
CA ARG A 25 -7.64 -1.76 1.82
C ARG A 25 -6.61 -0.80 2.38
N ILE A 26 -6.47 -0.78 3.71
CA ILE A 26 -5.49 0.06 4.37
C ILE A 26 -4.18 -0.75 4.52
N LEU A 27 -3.11 -0.25 3.90
CA LEU A 27 -1.82 -0.95 3.91
C LEU A 27 -0.84 -0.27 4.87
N LEU A 28 -0.30 -1.06 5.79
CA LEU A 28 0.65 -0.56 6.81
C LEU A 28 1.83 -1.50 6.96
N HIS A 29 3.03 -0.94 7.20
CA HIS A 29 4.23 -1.77 7.43
C HIS A 29 5.39 -0.98 8.07
N GLY A 30 5.41 -0.98 9.41
CA GLY A 30 6.52 -0.40 10.17
C GLY A 30 6.59 1.11 10.05
N SER A 31 6.93 1.58 8.85
CA SER A 31 7.15 3.01 8.59
C SER A 31 5.88 3.85 8.81
N ALA A 32 4.76 3.40 8.21
CA ALA A 32 3.50 4.16 8.34
C ALA A 32 2.29 3.35 7.86
N LEU A 33 1.10 3.89 8.18
CA LEU A 33 -0.16 3.29 7.76
C LEU A 33 -0.83 4.20 6.72
N LEU A 34 -1.11 3.63 5.54
CA LEU A 34 -1.74 4.38 4.45
C LEU A 34 -3.26 4.23 4.52
N TYR A 35 -3.97 5.36 4.68
CA TYR A 35 -5.43 5.36 4.76
C TYR A 35 -6.05 5.34 3.35
N ALA A 36 -6.25 4.14 2.82
CA ALA A 36 -6.85 3.97 1.50
C ALA A 36 -8.26 4.54 1.49
N ALA A 37 -9.09 4.08 2.43
CA ALA A 37 -10.48 4.53 2.54
C ALA A 37 -10.95 4.51 3.99
N GLY A 38 -11.93 5.36 4.31
CA GLY A 38 -12.49 5.44 5.66
C GLY A 38 -12.80 6.89 6.05
N TRP A 39 -14.00 7.34 5.68
CA TRP A 39 -14.47 8.72 5.99
C TRP A 39 -13.77 9.77 5.13
N SER A 40 -12.43 9.75 5.11
CA SER A 40 -11.66 10.71 4.31
C SER A 40 -11.91 10.47 2.81
N PRO A 41 -11.91 11.53 1.95
CA PRO A 41 -12.18 11.37 0.49
C PRO A 41 -11.20 10.38 -0.16
N GLU A 42 -11.75 9.48 -0.96
CA GLU A 42 -10.95 8.48 -1.67
C GLU A 42 -10.06 9.14 -2.74
N LYS A 43 -10.62 10.15 -3.41
CA LYS A 43 -9.93 10.86 -4.49
C LYS A 43 -8.54 11.33 -4.04
N GLN A 44 -8.43 11.72 -2.77
CA GLN A 44 -7.15 12.20 -2.23
C GLN A 44 -6.10 11.09 -2.32
N ALA A 45 -6.51 9.86 -1.96
CA ALA A 45 -5.63 8.70 -2.05
C ALA A 45 -5.28 8.39 -3.50
N GLN A 46 -6.26 8.53 -4.38
CA GLN A 46 -6.11 8.23 -5.81
C GLN A 46 -5.07 9.17 -6.45
N HIS A 47 -5.12 10.44 -6.05
CA HIS A 47 -4.28 11.50 -6.65
C HIS A 47 -2.77 11.24 -6.48
N LEU A 48 -2.36 10.73 -5.31
CA LEU A 48 -0.93 10.57 -4.99
C LEU A 48 -0.17 9.86 -6.14
N PRO A 49 0.64 10.60 -6.96
CA PRO A 49 1.39 9.99 -8.12
C PRO A 49 2.77 9.43 -7.73
N LEU A 50 3.12 9.53 -6.44
CA LEU A 50 4.42 9.06 -5.95
C LEU A 50 4.44 7.54 -5.80
N ARG A 51 5.64 6.95 -5.90
CA ARG A 51 5.81 5.50 -5.79
C ARG A 51 5.25 5.00 -4.47
N VAL A 52 4.64 3.80 -4.49
CA VAL A 52 4.01 3.23 -3.30
C VAL A 52 5.07 3.08 -2.17
N THR A 53 6.21 2.46 -2.51
CA THR A 53 7.26 2.21 -1.53
C THR A 53 7.95 3.51 -1.07
N GLU A 54 8.29 4.36 -2.04
CA GLU A 54 9.00 5.62 -1.74
C GLU A 54 8.12 6.56 -0.92
N LEU A 55 6.84 6.65 -1.31
CA LEU A 55 5.90 7.55 -0.65
C LEU A 55 5.71 7.19 0.82
N VAL A 56 5.49 5.91 1.11
CA VAL A 56 5.28 5.48 2.49
C VAL A 56 6.50 5.78 3.36
N GLN A 57 7.71 5.59 2.79
CA GLN A 57 8.95 5.88 3.51
C GLN A 57 9.14 7.40 3.70
N GLN A 58 8.82 8.17 2.65
CA GLN A 58 8.96 9.64 2.69
C GLN A 58 7.97 10.28 3.66
N LEU A 59 6.73 9.77 3.68
CA LEU A 59 5.70 10.31 4.57
C LEU A 59 6.12 10.16 6.03
N THR A 60 6.69 8.99 6.35
CA THR A 60 7.20 8.73 7.69
C THR A 60 8.43 9.62 7.96
N GLY A 61 9.28 9.77 6.94
CA GLY A 61 10.51 10.58 7.06
C GLY A 61 11.79 9.71 7.01
N GLN A 62 11.63 8.40 6.70
CA GLN A 62 12.78 7.49 6.62
C GLN A 62 13.33 7.44 5.20
N ALA A 63 14.60 7.81 5.03
CA ALA A 63 15.26 7.79 3.74
C ALA A 63 15.75 6.36 3.39
N PRO A 64 15.91 6.01 2.10
CA PRO A 64 16.39 4.65 1.68
C PRO A 64 17.76 4.33 2.28
N ALA A 65 17.95 3.06 2.68
CA ALA A 65 19.21 2.62 3.27
C ALA A 65 20.10 1.92 2.22
N PRO A 66 21.44 1.95 2.35
CA PRO A 66 22.37 1.28 1.37
C PRO A 66 22.05 -0.20 1.19
N GLY A 67 21.66 -0.86 2.29
CA GLY A 67 21.33 -2.28 2.27
C GLY A 67 19.82 -2.49 2.27
N GLN A 68 19.36 -3.46 1.46
CA GLN A 68 17.93 -3.77 1.36
C GLN A 68 17.45 -4.59 2.56
N ARG A 69 16.22 -4.30 3.00
CA ARG A 69 15.62 -4.99 4.14
C ARG A 69 14.35 -5.73 3.72
N VAL A 70 13.84 -6.58 4.62
CA VAL A 70 12.60 -7.34 4.34
C VAL A 70 11.47 -6.79 5.19
N LEU A 71 10.39 -6.36 4.52
CA LEU A 71 9.24 -5.78 5.20
C LEU A 71 8.00 -6.63 5.04
N VAL A 72 7.18 -6.67 6.10
CA VAL A 72 5.90 -7.41 6.08
C VAL A 72 4.75 -6.40 6.05
N LEU A 73 3.81 -6.60 5.11
CA LEU A 73 2.68 -5.71 4.96
C LEU A 73 1.40 -6.35 5.50
N GLU A 74 0.75 -5.63 6.42
CA GLU A 74 -0.51 -6.09 7.02
C GLU A 74 -1.66 -5.26 6.46
N LEU A 75 -2.75 -5.95 6.08
CA LEU A 75 -3.91 -5.28 5.49
C LEU A 75 -5.00 -5.08 6.53
N SER A 76 -5.29 -3.81 6.82
CA SER A 76 -6.34 -3.47 7.77
C SER A 76 -7.67 -3.32 7.05
N CYS A 77 -8.58 -4.28 7.31
CA CYS A 77 -9.90 -4.28 6.69
C CYS A 77 -10.84 -5.19 7.49
N GLU A 78 -12.14 -5.12 7.17
CA GLU A 78 -13.14 -5.94 7.84
C GLU A 78 -13.80 -6.89 6.84
N GLY A 79 -13.76 -8.20 7.16
CA GLY A 79 -14.36 -9.21 6.29
C GLY A 79 -14.74 -10.46 7.08
N ASP A 80 -15.93 -10.99 6.78
CA ASP A 80 -16.43 -12.20 7.45
C ASP A 80 -15.58 -13.42 7.10
N ASP A 81 -15.22 -13.55 5.82
CA ASP A 81 -14.45 -14.71 5.35
C ASP A 81 -12.97 -14.39 5.17
N GLU A 82 -12.13 -15.42 5.31
CA GLU A 82 -10.68 -15.28 5.15
C GLU A 82 -10.28 -15.06 3.67
N ASP A 83 -11.18 -15.41 2.74
CA ASP A 83 -10.89 -15.31 1.31
C ASP A 83 -10.72 -13.86 0.86
N THR A 84 -11.51 -12.95 1.46
CA THR A 84 -11.42 -11.52 1.12
C THR A 84 -10.13 -10.91 1.67
N ALA A 85 -9.63 -11.47 2.79
CA ALA A 85 -8.39 -11.01 3.41
C ALA A 85 -7.19 -11.76 2.81
N PHE A 86 -6.10 -11.05 2.58
CA PHE A 86 -4.89 -11.65 2.00
C PHE A 86 -3.82 -11.92 3.09
N PRO A 87 -2.94 -12.94 2.90
CA PRO A 87 -1.85 -13.25 3.89
C PRO A 87 -0.74 -12.18 3.88
N PRO A 88 0.10 -12.08 4.93
CA PRO A 88 1.18 -11.04 5.01
C PRO A 88 2.04 -11.03 3.75
N LEU A 89 2.24 -9.84 3.20
CA LEU A 89 3.06 -9.64 2.00
C LEU A 89 4.49 -9.29 2.37
N HIS A 90 5.45 -9.91 1.68
CA HIS A 90 6.87 -9.63 1.91
C HIS A 90 7.46 -8.84 0.75
N TYR A 91 7.81 -7.57 1.03
CA TYR A 91 8.37 -6.69 0.00
C TYR A 91 9.60 -5.93 0.53
N GLU A 92 10.68 -5.98 -0.25
CA GLU A 92 11.93 -5.27 0.09
C GLU A 92 12.11 -4.05 -0.81
N LEU A 93 12.56 -2.93 -0.22
CA LEU A 93 12.78 -1.69 -0.98
C LEU A 93 14.05 -1.77 -1.81
N PRO A 1 14.79 -7.62 -3.52
CA PRO A 1 13.64 -7.30 -4.41
C PRO A 1 12.72 -8.51 -4.50
N ALA A 2 11.44 -8.30 -4.17
CA ALA A 2 10.45 -9.38 -4.22
C ALA A 2 9.07 -8.84 -4.60
N GLY A 3 8.27 -9.68 -5.27
CA GLY A 3 6.93 -9.30 -5.69
C GLY A 3 6.97 -8.48 -6.97
N GLN A 4 5.79 -8.01 -7.41
CA GLN A 4 5.70 -7.20 -8.63
C GLN A 4 6.24 -5.77 -8.37
N PRO A 5 6.82 -5.09 -9.39
CA PRO A 5 7.36 -3.71 -9.21
C PRO A 5 6.25 -2.68 -9.04
N GLU A 6 6.50 -1.67 -8.21
CA GLU A 6 5.52 -0.60 -7.96
C GLU A 6 5.73 0.56 -8.92
N ARG A 7 4.63 1.00 -9.55
CA ARG A 7 4.69 2.12 -10.48
C ARG A 7 4.42 3.46 -9.77
N THR A 8 3.16 3.65 -9.33
CA THR A 8 2.77 4.85 -8.61
C THR A 8 1.59 4.56 -7.70
N LEU A 9 1.44 5.36 -6.64
CA LEU A 9 0.33 5.21 -5.71
C LEU A 9 -1.01 5.52 -6.38
N GLU A 10 -1.02 6.59 -7.20
CA GLU A 10 -2.24 6.99 -7.89
C GLU A 10 -2.73 5.88 -8.81
N SER A 11 -1.79 5.20 -9.47
CA SER A 11 -2.12 4.10 -10.37
C SER A 11 -2.63 2.88 -9.60
N LEU A 12 -2.00 2.61 -8.45
CA LEU A 12 -2.36 1.44 -7.64
C LEU A 12 -3.83 1.54 -7.14
N LEU A 13 -4.20 2.72 -6.60
CA LEU A 13 -5.56 2.92 -6.09
C LEU A 13 -6.58 2.97 -7.23
N ALA A 14 -6.26 3.73 -8.28
CA ALA A 14 -7.13 3.88 -9.43
C ALA A 14 -7.34 2.55 -10.15
N HIS A 15 -6.25 1.78 -10.29
CA HIS A 15 -6.30 0.49 -10.99
C HIS A 15 -7.19 -0.52 -10.27
N LEU A 16 -7.09 -0.58 -8.94
CA LEU A 16 -7.88 -1.56 -8.18
C LEU A 16 -9.37 -1.30 -8.35
N GLN A 17 -9.78 -0.04 -8.21
CA GLN A 17 -11.19 0.34 -8.37
C GLN A 17 -11.66 0.25 -9.83
N GLU A 18 -10.79 0.67 -10.77
CA GLU A 18 -11.16 0.70 -12.19
C GLU A 18 -11.15 -0.69 -12.83
N GLN A 19 -10.00 -1.37 -12.77
CA GLN A 19 -9.83 -2.70 -13.38
C GLN A 19 -10.60 -3.80 -12.66
N HIS A 20 -10.63 -3.76 -11.31
CA HIS A 20 -11.25 -4.86 -10.54
C HIS A 20 -12.49 -4.43 -9.75
N GLY A 21 -12.64 -3.12 -9.48
CA GLY A 21 -13.81 -2.63 -8.72
C GLY A 21 -13.78 -3.18 -7.29
N LEU A 22 -12.58 -3.41 -6.76
CA LEU A 22 -12.42 -3.97 -5.42
C LEU A 22 -12.00 -2.90 -4.42
N ARG A 23 -12.40 -3.09 -3.16
CA ARG A 23 -12.06 -2.15 -2.08
C ARG A 23 -10.55 -2.13 -1.85
N VAL A 24 -9.99 -0.93 -1.70
CA VAL A 24 -8.55 -0.78 -1.46
C VAL A 24 -8.26 -0.85 0.04
N ARG A 25 -7.46 -1.85 0.41
CA ARG A 25 -7.10 -2.09 1.81
C ARG A 25 -5.91 -1.22 2.26
N ILE A 26 -5.73 -1.09 3.59
CA ILE A 26 -4.69 -0.23 4.17
C ILE A 26 -3.39 -1.00 4.46
N LEU A 27 -2.28 -0.45 3.98
CA LEU A 27 -0.94 -1.01 4.22
C LEU A 27 -0.22 -0.19 5.30
N LEU A 28 -0.06 -0.79 6.49
CA LEU A 28 0.61 -0.10 7.60
C LEU A 28 1.59 -1.02 8.32
N HIS A 29 2.77 -0.47 8.69
CA HIS A 29 3.77 -1.25 9.45
C HIS A 29 4.96 -0.40 9.89
N GLY A 30 4.87 0.13 11.11
CA GLY A 30 5.97 0.88 11.72
C GLY A 30 6.19 2.24 11.09
N SER A 31 6.65 2.24 9.83
CA SER A 31 7.00 3.46 9.13
C SER A 31 5.80 4.40 8.98
N ALA A 32 4.69 3.89 8.45
CA ALA A 32 3.49 4.70 8.25
C ALA A 32 2.26 3.86 7.92
N LEU A 33 1.11 4.54 7.91
CA LEU A 33 -0.16 3.91 7.55
C LEU A 33 -0.65 4.53 6.23
N LEU A 34 -0.81 3.67 5.22
CA LEU A 34 -1.27 4.13 3.89
C LEU A 34 -2.78 4.15 3.83
N TYR A 35 -3.34 5.35 3.65
CA TYR A 35 -4.80 5.53 3.60
C TYR A 35 -5.38 4.98 2.29
N ALA A 36 -6.53 4.30 2.41
CA ALA A 36 -7.19 3.72 1.25
C ALA A 36 -8.70 3.93 1.33
N ALA A 37 -9.32 3.40 2.40
CA ALA A 37 -10.77 3.51 2.60
C ALA A 37 -11.12 3.67 4.07
N GLY A 38 -12.34 4.18 4.33
CA GLY A 38 -12.81 4.41 5.70
C GLY A 38 -13.48 5.78 5.83
N TRP A 39 -14.26 6.15 4.81
CA TRP A 39 -14.98 7.44 4.76
C TRP A 39 -14.02 8.64 4.57
N SER A 40 -12.70 8.37 4.53
CA SER A 40 -11.70 9.41 4.30
C SER A 40 -11.67 9.80 2.81
N PRO A 41 -11.50 11.10 2.45
CA PRO A 41 -11.47 11.54 1.02
C PRO A 41 -10.60 10.61 0.16
N GLU A 42 -11.26 9.67 -0.52
CA GLU A 42 -10.58 8.67 -1.35
C GLU A 42 -9.82 9.32 -2.51
N LYS A 43 -10.40 10.37 -3.08
CA LYS A 43 -9.78 11.07 -4.22
C LYS A 43 -8.36 11.52 -3.85
N GLN A 44 -8.20 11.97 -2.60
CA GLN A 44 -6.91 12.45 -2.12
C GLN A 44 -5.87 11.31 -2.17
N ALA A 45 -6.28 10.12 -1.73
CA ALA A 45 -5.39 8.95 -1.71
C ALA A 45 -4.93 8.56 -3.11
N GLN A 46 -5.87 8.52 -4.06
CA GLN A 46 -5.57 8.14 -5.45
C GLN A 46 -4.90 9.29 -6.23
N HIS A 47 -5.02 10.51 -5.71
CA HIS A 47 -4.41 11.69 -6.35
C HIS A 47 -2.87 11.67 -6.23
N LEU A 48 -2.37 11.04 -5.17
CA LEU A 48 -0.92 11.01 -4.88
C LEU A 48 -0.11 10.44 -6.08
N PRO A 49 0.72 11.27 -6.79
CA PRO A 49 1.53 10.79 -7.95
C PRO A 49 2.98 10.43 -7.56
N LEU A 50 3.14 9.59 -6.53
CA LEU A 50 4.46 9.13 -6.09
C LEU A 50 4.50 7.62 -5.95
N ARG A 51 5.70 7.02 -6.12
CA ARG A 51 5.84 5.55 -6.05
C ARG A 51 5.24 5.01 -4.75
N VAL A 52 4.60 3.85 -4.85
CA VAL A 52 3.90 3.24 -3.71
C VAL A 52 4.87 2.97 -2.53
N THR A 53 6.00 2.30 -2.80
CA THR A 53 6.95 1.93 -1.74
C THR A 53 7.72 3.13 -1.19
N GLU A 54 8.26 3.95 -2.09
CA GLU A 54 9.03 5.13 -1.69
C GLU A 54 8.16 6.13 -0.95
N LEU A 55 6.92 6.32 -1.41
CA LEU A 55 6.02 7.30 -0.79
C LEU A 55 5.72 6.93 0.66
N VAL A 56 5.46 5.65 0.92
CA VAL A 56 5.14 5.21 2.27
C VAL A 56 6.33 5.55 3.19
N GLN A 57 7.54 5.24 2.71
CA GLN A 57 8.77 5.50 3.48
C GLN A 57 9.01 7.02 3.65
N GLN A 58 8.79 7.79 2.56
CA GLN A 58 8.99 9.24 2.56
C GLN A 58 8.01 9.95 3.49
N LEU A 59 6.77 9.47 3.51
CA LEU A 59 5.74 10.04 4.38
C LEU A 59 6.16 9.91 5.85
N THR A 60 6.80 8.79 6.18
CA THR A 60 7.29 8.53 7.53
C THR A 60 8.31 9.61 7.93
N GLY A 61 9.19 9.96 6.98
CA GLY A 61 10.23 11.00 7.24
C GLY A 61 11.66 10.44 7.07
N GLN A 62 11.78 9.23 6.49
CA GLN A 62 13.08 8.61 6.27
C GLN A 62 13.26 8.19 4.82
N ALA A 63 14.51 8.03 4.38
CA ALA A 63 14.83 7.64 3.01
C ALA A 63 15.46 6.23 2.98
N PRO A 64 15.46 5.55 1.80
CA PRO A 64 16.03 4.15 1.69
C PRO A 64 17.48 4.09 2.16
N ALA A 65 17.84 2.99 2.84
CA ALA A 65 19.19 2.80 3.37
C ALA A 65 19.91 1.64 2.65
N PRO A 66 21.27 1.65 2.58
CA PRO A 66 22.04 0.55 1.89
C PRO A 66 21.76 -0.82 2.51
N GLY A 67 21.73 -1.86 1.66
CA GLY A 67 21.49 -3.23 2.10
C GLY A 67 20.04 -3.62 1.92
N GLN A 68 19.80 -4.92 1.71
CA GLN A 68 18.44 -5.45 1.51
C GLN A 68 17.88 -5.98 2.83
N ARG A 69 16.68 -5.52 3.18
CA ARG A 69 16.01 -5.95 4.41
C ARG A 69 14.68 -6.64 4.11
N VAL A 70 14.10 -7.29 5.13
CA VAL A 70 12.81 -7.98 4.97
C VAL A 70 11.73 -7.23 5.74
N LEU A 71 10.70 -6.76 5.01
CA LEU A 71 9.60 -6.01 5.62
C LEU A 71 8.27 -6.69 5.34
N VAL A 72 7.41 -6.73 6.37
CA VAL A 72 6.06 -7.31 6.24
C VAL A 72 5.03 -6.24 6.57
N LEU A 73 4.07 -6.02 5.66
CA LEU A 73 3.04 -5.01 5.85
C LEU A 73 1.72 -5.62 6.29
N GLU A 74 1.02 -4.91 7.17
CA GLU A 74 -0.27 -5.36 7.68
C GLU A 74 -1.39 -4.90 6.74
N LEU A 75 -2.23 -5.85 6.35
CA LEU A 75 -3.33 -5.57 5.43
C LEU A 75 -4.66 -5.53 6.16
N SER A 76 -5.19 -4.32 6.35
CA SER A 76 -6.48 -4.13 7.01
C SER A 76 -7.61 -4.13 6.00
N CYS A 77 -8.45 -5.16 6.03
CA CYS A 77 -9.57 -5.30 5.11
C CYS A 77 -10.71 -6.09 5.73
N GLU A 78 -11.89 -6.03 5.09
CA GLU A 78 -13.08 -6.74 5.59
C GLU A 78 -13.74 -7.54 4.48
N GLY A 79 -14.37 -8.66 4.86
CA GLY A 79 -15.06 -9.53 3.90
C GLY A 79 -15.97 -10.52 4.62
N ASP A 80 -16.80 -11.23 3.84
CA ASP A 80 -17.73 -12.22 4.41
C ASP A 80 -16.97 -13.38 5.04
N ASP A 81 -15.91 -13.83 4.36
CA ASP A 81 -15.09 -14.94 4.85
C ASP A 81 -13.65 -14.48 5.10
N GLU A 82 -12.96 -15.19 5.99
CA GLU A 82 -11.56 -14.86 6.32
C GLU A 82 -10.64 -14.96 5.09
N ASP A 83 -11.09 -15.68 4.05
CA ASP A 83 -10.31 -15.84 2.81
C ASP A 83 -10.25 -14.54 1.99
N THR A 84 -11.10 -13.57 2.34
CA THR A 84 -11.14 -12.28 1.62
C THR A 84 -9.88 -11.46 1.89
N ALA A 85 -9.28 -11.64 3.07
CA ALA A 85 -8.06 -10.92 3.44
C ALA A 85 -6.83 -11.68 2.99
N PHE A 86 -5.95 -11.00 2.25
CA PHE A 86 -4.71 -11.60 1.74
C PHE A 86 -3.64 -11.70 2.85
N PRO A 87 -2.70 -12.68 2.77
CA PRO A 87 -1.60 -12.82 3.77
C PRO A 87 -0.72 -11.54 3.83
N PRO A 88 -0.02 -11.28 4.95
CA PRO A 88 0.85 -10.05 5.06
C PRO A 88 1.76 -9.92 3.85
N LEU A 89 1.88 -8.69 3.34
CA LEU A 89 2.67 -8.43 2.14
C LEU A 89 4.16 -8.56 2.43
N HIS A 90 4.84 -9.43 1.69
CA HIS A 90 6.28 -9.63 1.85
C HIS A 90 7.05 -8.85 0.79
N TYR A 91 7.61 -7.71 1.20
CA TYR A 91 8.37 -6.85 0.29
C TYR A 91 9.75 -6.55 0.88
N GLU A 92 10.80 -6.84 0.10
CA GLU A 92 12.18 -6.59 0.54
C GLU A 92 12.75 -5.36 -0.17
N LEU A 93 13.53 -4.57 0.57
CA LEU A 93 14.15 -3.37 0.02
C LEU A 93 15.12 -2.74 1.02
N PRO A 1 14.84 -6.97 -4.31
CA PRO A 1 13.40 -6.73 -4.56
C PRO A 1 12.73 -8.03 -4.98
N ALA A 2 11.43 -8.14 -4.70
CA ALA A 2 10.66 -9.33 -5.04
C ALA A 2 9.19 -8.98 -5.30
N GLY A 3 8.50 -9.85 -6.03
CA GLY A 3 7.09 -9.62 -6.36
C GLY A 3 6.95 -8.57 -7.46
N GLN A 4 5.76 -7.95 -7.52
CA GLN A 4 5.50 -6.92 -8.53
C GLN A 4 6.24 -5.61 -8.19
N PRO A 5 6.68 -4.81 -9.19
CA PRO A 5 7.42 -3.53 -8.94
C PRO A 5 6.51 -2.43 -8.41
N GLU A 6 7.08 -1.51 -7.62
CA GLU A 6 6.35 -0.38 -7.07
C GLU A 6 6.44 0.82 -8.02
N ARG A 7 5.34 1.12 -8.71
CA ARG A 7 5.30 2.23 -9.66
C ARG A 7 4.86 3.53 -8.97
N THR A 8 3.56 3.60 -8.60
CA THR A 8 3.03 4.77 -7.90
C THR A 8 1.82 4.38 -7.06
N LEU A 9 1.55 5.19 -6.03
CA LEU A 9 0.39 4.99 -5.18
C LEU A 9 -0.89 5.20 -5.99
N GLU A 10 -0.88 6.23 -6.86
CA GLU A 10 -2.01 6.50 -7.75
C GLU A 10 -2.26 5.29 -8.66
N SER A 11 -1.18 4.73 -9.22
CA SER A 11 -1.28 3.57 -10.11
C SER A 11 -1.85 2.36 -9.38
N LEU A 12 -1.34 2.12 -8.15
CA LEU A 12 -1.78 0.97 -7.36
C LEU A 12 -3.27 1.13 -6.98
N LEU A 13 -3.64 2.33 -6.51
CA LEU A 13 -5.03 2.60 -6.14
C LEU A 13 -5.95 2.50 -7.36
N ALA A 14 -5.47 3.06 -8.48
CA ALA A 14 -6.22 3.06 -9.73
C ALA A 14 -6.46 1.64 -10.23
N HIS A 15 -5.42 0.81 -10.18
CA HIS A 15 -5.49 -0.56 -10.66
C HIS A 15 -6.57 -1.36 -9.92
N LEU A 16 -6.62 -1.23 -8.59
CA LEU A 16 -7.59 -2.00 -7.81
C LEU A 16 -9.03 -1.67 -8.20
N GLN A 17 -9.36 -0.36 -8.35
CA GLN A 17 -10.74 0.04 -8.71
C GLN A 17 -10.99 -0.01 -10.23
N GLU A 18 -10.11 0.61 -10.99
CA GLU A 18 -10.25 0.69 -12.46
C GLU A 18 -10.20 -0.67 -13.11
N GLN A 19 -9.33 -1.54 -12.60
CA GLN A 19 -9.11 -2.86 -13.20
C GLN A 19 -10.00 -3.94 -12.57
N HIS A 20 -10.17 -3.91 -11.22
CA HIS A 20 -10.99 -4.93 -10.53
C HIS A 20 -12.28 -4.38 -9.93
N GLY A 21 -12.36 -3.06 -9.72
CA GLY A 21 -13.57 -2.45 -9.14
C GLY A 21 -13.75 -2.85 -7.67
N LEU A 22 -12.63 -3.14 -6.98
CA LEU A 22 -12.65 -3.55 -5.57
C LEU A 22 -12.05 -2.47 -4.68
N ARG A 23 -12.54 -2.41 -3.44
CA ARG A 23 -12.05 -1.43 -2.46
C ARG A 23 -10.58 -1.71 -2.12
N VAL A 24 -9.82 -0.65 -1.85
CA VAL A 24 -8.39 -0.79 -1.55
C VAL A 24 -8.16 -0.89 -0.04
N ARG A 25 -7.49 -1.98 0.36
CA ARG A 25 -7.18 -2.26 1.76
C ARG A 25 -6.05 -1.36 2.27
N ILE A 26 -5.93 -1.25 3.61
CA ILE A 26 -4.91 -0.42 4.24
C ILE A 26 -3.65 -1.24 4.54
N LEU A 27 -2.50 -0.74 4.06
CA LEU A 27 -1.20 -1.38 4.28
C LEU A 27 -0.37 -0.55 5.26
N LEU A 28 0.00 -1.16 6.40
CA LEU A 28 0.79 -0.47 7.42
C LEU A 28 1.90 -1.35 7.97
N HIS A 29 3.07 -0.75 8.23
CA HIS A 29 4.19 -1.49 8.84
C HIS A 29 5.30 -0.55 9.33
N GLY A 30 5.22 -0.19 10.61
CA GLY A 30 6.27 0.58 11.27
C GLY A 30 6.35 2.02 10.79
N SER A 31 6.77 2.20 9.52
CA SER A 31 6.97 3.53 8.96
C SER A 31 5.70 4.36 8.95
N ALA A 32 4.61 3.79 8.41
CA ALA A 32 3.33 4.50 8.34
C ALA A 32 2.17 3.58 7.99
N LEU A 33 0.96 4.16 8.09
CA LEU A 33 -0.27 3.48 7.72
C LEU A 33 -0.90 4.20 6.53
N LEU A 34 -1.10 3.48 5.43
CA LEU A 34 -1.68 4.06 4.22
C LEU A 34 -3.20 4.13 4.33
N TYR A 35 -3.74 5.35 4.34
CA TYR A 35 -5.18 5.55 4.47
C TYR A 35 -5.84 5.61 3.10
N ALA A 36 -6.52 4.52 2.72
CA ALA A 36 -7.20 4.43 1.44
C ALA A 36 -8.70 4.22 1.64
N ALA A 37 -9.05 3.12 2.32
CA ALA A 37 -10.44 2.79 2.59
C ALA A 37 -10.86 3.32 3.96
N GLY A 38 -11.97 4.07 3.99
CA GLY A 38 -12.48 4.66 5.23
C GLY A 38 -13.64 5.58 4.96
N TRP A 39 -14.06 6.33 6.00
CA TRP A 39 -15.18 7.27 5.89
C TRP A 39 -14.86 8.33 4.83
N SER A 40 -13.65 8.89 4.90
CA SER A 40 -13.22 9.92 3.96
C SER A 40 -12.99 9.30 2.55
N PRO A 41 -13.26 10.04 1.45
CA PRO A 41 -13.07 9.49 0.05
C PRO A 41 -11.63 9.06 -0.22
N GLU A 42 -11.49 7.91 -0.89
CA GLU A 42 -10.18 7.37 -1.27
C GLU A 42 -9.53 8.17 -2.43
N LYS A 43 -10.34 9.01 -3.10
CA LYS A 43 -9.88 9.79 -4.25
C LYS A 43 -8.63 10.59 -3.91
N GLN A 44 -8.57 11.11 -2.67
CA GLN A 44 -7.41 11.89 -2.23
C GLN A 44 -6.14 11.03 -2.30
N ALA A 45 -6.28 9.77 -1.89
CA ALA A 45 -5.17 8.81 -1.95
C ALA A 45 -4.73 8.58 -3.40
N GLN A 46 -5.71 8.51 -4.29
CA GLN A 46 -5.47 8.24 -5.71
C GLN A 46 -4.64 9.36 -6.33
N HIS A 47 -4.93 10.59 -5.95
CA HIS A 47 -4.26 11.77 -6.49
C HIS A 47 -2.75 11.72 -6.26
N LEU A 48 -2.30 10.96 -5.26
CA LEU A 48 -0.87 10.91 -4.91
C LEU A 48 -0.02 10.25 -6.04
N PRO A 49 0.84 11.01 -6.78
CA PRO A 49 1.68 10.46 -7.87
C PRO A 49 3.13 10.16 -7.42
N LEU A 50 3.25 9.45 -6.30
CA LEU A 50 4.57 9.08 -5.76
C LEU A 50 4.68 7.57 -5.65
N ARG A 51 5.92 7.05 -5.67
CA ARG A 51 6.13 5.61 -5.53
C ARG A 51 5.54 5.13 -4.22
N VAL A 52 4.91 3.95 -4.26
CA VAL A 52 4.21 3.41 -3.09
C VAL A 52 5.15 3.32 -1.86
N THR A 53 6.19 2.49 -1.95
CA THR A 53 7.10 2.28 -0.83
C THR A 53 7.87 3.57 -0.46
N GLU A 54 8.38 4.27 -1.47
CA GLU A 54 9.16 5.49 -1.24
C GLU A 54 8.30 6.55 -0.57
N LEU A 55 7.03 6.65 -0.97
CA LEU A 55 6.12 7.65 -0.42
C LEU A 55 5.97 7.47 1.09
N VAL A 56 5.80 6.22 1.52
CA VAL A 56 5.62 5.95 2.96
C VAL A 56 6.86 6.44 3.75
N GLN A 57 8.06 6.10 3.26
CA GLN A 57 9.31 6.50 3.93
C GLN A 57 9.54 8.02 3.83
N GLN A 58 9.25 8.60 2.65
CA GLN A 58 9.43 10.03 2.41
C GLN A 58 8.51 10.86 3.29
N LEU A 59 7.27 10.39 3.44
CA LEU A 59 6.30 11.08 4.29
C LEU A 59 6.80 11.12 5.74
N THR A 60 7.42 10.02 6.18
CA THR A 60 7.99 9.94 7.53
C THR A 60 9.34 10.70 7.62
N GLY A 61 9.91 11.08 6.46
CA GLY A 61 11.19 11.81 6.41
C GLY A 61 12.41 10.88 6.48
N GLN A 62 12.17 9.55 6.47
CA GLN A 62 13.26 8.57 6.52
C GLN A 62 13.73 8.20 5.11
N ALA A 63 15.04 8.30 4.88
CA ALA A 63 15.63 7.98 3.58
C ALA A 63 15.59 6.45 3.31
N PRO A 64 15.54 6.00 2.03
CA PRO A 64 15.51 4.54 1.70
C PRO A 64 16.85 3.86 1.96
N ALA A 65 16.80 2.54 2.22
CA ALA A 65 18.02 1.76 2.48
C ALA A 65 18.87 1.62 1.20
N PRO A 66 20.23 1.54 1.32
CA PRO A 66 21.12 1.41 0.12
C PRO A 66 20.99 0.04 -0.57
N GLY A 67 20.53 -0.97 0.18
CA GLY A 67 20.37 -2.32 -0.35
C GLY A 67 18.99 -2.88 -0.05
N GLN A 68 18.70 -4.07 -0.58
CA GLN A 68 17.41 -4.72 -0.36
C GLN A 68 17.13 -4.96 1.12
N ARG A 69 15.92 -4.60 1.55
CA ARG A 69 15.50 -4.78 2.93
C ARG A 69 14.32 -5.75 2.97
N VAL A 70 14.00 -6.28 4.16
CA VAL A 70 12.90 -7.25 4.30
C VAL A 70 11.73 -6.57 5.03
N LEU A 71 10.59 -6.48 4.34
CA LEU A 71 9.40 -5.81 4.89
C LEU A 71 8.15 -6.68 4.74
N VAL A 72 7.27 -6.59 5.74
CA VAL A 72 5.98 -7.27 5.71
C VAL A 72 4.86 -6.22 5.85
N LEU A 73 3.84 -6.32 5.00
CA LEU A 73 2.75 -5.33 5.01
C LEU A 73 1.47 -5.94 5.60
N GLU A 74 0.95 -5.28 6.64
CA GLU A 74 -0.28 -5.73 7.30
C GLU A 74 -1.49 -5.16 6.60
N LEU A 75 -2.47 -6.03 6.28
CA LEU A 75 -3.68 -5.60 5.59
C LEU A 75 -4.85 -5.45 6.55
N SER A 76 -5.19 -4.18 6.86
CA SER A 76 -6.34 -3.89 7.70
C SER A 76 -7.59 -3.74 6.83
N CYS A 77 -8.50 -4.70 6.97
CA CYS A 77 -9.71 -4.73 6.15
C CYS A 77 -10.88 -5.36 6.90
N GLU A 78 -12.08 -5.20 6.34
CA GLU A 78 -13.30 -5.75 6.94
C GLU A 78 -13.24 -7.28 6.99
N GLY A 79 -14.05 -7.87 7.88
CA GLY A 79 -14.09 -9.32 8.05
C GLY A 79 -15.11 -9.95 7.10
N ASP A 80 -16.25 -10.36 7.65
CA ASP A 80 -17.32 -10.99 6.88
C ASP A 80 -16.88 -12.34 6.28
N ASP A 81 -16.09 -12.30 5.19
CA ASP A 81 -15.61 -13.52 4.54
C ASP A 81 -14.11 -13.68 4.71
N GLU A 82 -13.68 -14.92 4.91
CA GLU A 82 -12.26 -15.25 5.06
C GLU A 82 -11.49 -14.88 3.79
N ASP A 83 -12.13 -15.09 2.64
CA ASP A 83 -11.52 -14.82 1.33
C ASP A 83 -11.25 -13.31 1.15
N THR A 84 -12.12 -12.48 1.73
CA THR A 84 -11.98 -11.03 1.62
C THR A 84 -10.64 -10.58 2.21
N ALA A 85 -10.25 -11.19 3.34
CA ALA A 85 -8.98 -10.84 4.00
C ALA A 85 -7.83 -11.65 3.42
N PHE A 86 -6.69 -10.97 3.22
CA PHE A 86 -5.50 -11.59 2.63
C PHE A 86 -4.35 -11.66 3.68
N PRO A 87 -3.57 -12.78 3.76
CA PRO A 87 -2.45 -12.90 4.76
C PRO A 87 -1.31 -11.89 4.50
N PRO A 88 -0.37 -11.70 5.46
CA PRO A 88 0.74 -10.69 5.31
C PRO A 88 1.46 -10.81 3.98
N LEU A 89 1.73 -9.66 3.36
CA LEU A 89 2.43 -9.60 2.08
C LEU A 89 3.93 -9.42 2.32
N HIS A 90 4.74 -10.29 1.69
CA HIS A 90 6.20 -10.21 1.83
C HIS A 90 6.80 -9.45 0.65
N TYR A 91 7.34 -8.25 0.93
CA TYR A 91 7.95 -7.42 -0.09
C TYR A 91 9.29 -6.85 0.39
N GLU A 92 10.33 -7.04 -0.41
CA GLU A 92 11.66 -6.51 -0.10
C GLU A 92 11.99 -5.31 -0.97
N LEU A 93 12.71 -4.34 -0.40
CA LEU A 93 13.09 -3.13 -1.14
C LEU A 93 14.42 -3.35 -1.87
N PRO A 1 15.23 -4.24 -4.70
CA PRO A 1 13.82 -4.71 -4.65
C PRO A 1 13.71 -6.06 -5.36
N ALA A 2 12.47 -6.58 -5.44
CA ALA A 2 12.22 -7.87 -6.08
C ALA A 2 10.83 -7.90 -6.73
N GLY A 3 10.66 -8.80 -7.71
CA GLY A 3 9.39 -8.92 -8.41
C GLY A 3 9.00 -7.63 -9.12
N GLN A 4 7.75 -7.21 -8.93
CA GLN A 4 7.26 -5.98 -9.56
C GLN A 4 7.84 -4.73 -8.84
N PRO A 5 8.61 -3.85 -9.55
CA PRO A 5 9.18 -2.61 -8.93
C PRO A 5 8.10 -1.55 -8.67
N GLU A 6 8.36 -0.64 -7.73
CA GLU A 6 7.40 0.43 -7.40
C GLU A 6 7.05 1.22 -8.66
N ARG A 7 5.77 1.17 -9.04
CA ARG A 7 5.31 1.90 -10.22
C ARG A 7 4.81 3.28 -9.82
N THR A 8 3.67 3.32 -9.11
CA THR A 8 3.09 4.56 -8.61
C THR A 8 2.01 4.27 -7.57
N LEU A 9 1.88 5.15 -6.57
CA LEU A 9 0.86 4.99 -5.53
C LEU A 9 -0.54 5.08 -6.15
N GLU A 10 -0.74 6.05 -7.04
CA GLU A 10 -2.05 6.24 -7.69
C GLU A 10 -2.45 4.99 -8.49
N SER A 11 -1.46 4.36 -9.14
CA SER A 11 -1.70 3.16 -9.94
C SER A 11 -2.18 2.00 -9.08
N LEU A 12 -1.51 1.80 -7.93
CA LEU A 12 -1.83 0.67 -7.05
C LEU A 12 -3.26 0.74 -6.53
N LEU A 13 -3.63 1.90 -5.96
CA LEU A 13 -4.98 2.08 -5.42
C LEU A 13 -6.02 2.01 -6.53
N ALA A 14 -5.71 2.62 -7.68
CA ALA A 14 -6.61 2.62 -8.83
C ALA A 14 -6.83 1.20 -9.36
N HIS A 15 -5.74 0.43 -9.40
CA HIS A 15 -5.78 -0.93 -9.92
C HIS A 15 -6.76 -1.81 -9.12
N LEU A 16 -6.63 -1.80 -7.80
CA LEU A 16 -7.48 -2.66 -6.96
C LEU A 16 -8.96 -2.30 -7.10
N GLN A 17 -9.27 -1.01 -6.94
CA GLN A 17 -10.66 -0.54 -7.02
C GLN A 17 -11.25 -0.66 -8.43
N GLU A 18 -10.45 -0.29 -9.44
CA GLU A 18 -10.91 -0.28 -10.83
C GLU A 18 -10.65 -1.63 -11.53
N GLN A 19 -9.38 -2.00 -11.61
CA GLN A 19 -8.97 -3.21 -12.34
C GLN A 19 -9.50 -4.48 -11.67
N HIS A 20 -9.49 -4.54 -10.32
CA HIS A 20 -9.98 -5.74 -9.61
C HIS A 20 -11.44 -5.60 -9.17
N GLY A 21 -11.92 -4.35 -9.07
CA GLY A 21 -13.31 -4.09 -8.67
C GLY A 21 -13.55 -4.44 -7.20
N LEU A 22 -12.48 -4.39 -6.39
CA LEU A 22 -12.56 -4.71 -4.96
C LEU A 22 -12.39 -3.46 -4.10
N ARG A 23 -12.92 -3.52 -2.88
CA ARG A 23 -12.84 -2.39 -1.94
C ARG A 23 -11.38 -2.14 -1.54
N VAL A 24 -11.08 -0.90 -1.13
CA VAL A 24 -9.71 -0.53 -0.75
C VAL A 24 -9.43 -0.90 0.71
N ARG A 25 -8.16 -1.20 0.99
CA ARG A 25 -7.74 -1.65 2.33
C ARG A 25 -6.64 -0.76 2.87
N ILE A 26 -6.48 -0.73 4.21
CA ILE A 26 -5.46 0.10 4.85
C ILE A 26 -4.17 -0.72 5.05
N LEU A 27 -3.05 -0.22 4.51
CA LEU A 27 -1.75 -0.89 4.65
C LEU A 27 -0.88 -0.15 5.65
N LEU A 28 -0.55 -0.81 6.77
CA LEU A 28 0.30 -0.21 7.80
C LEU A 28 1.34 -1.20 8.32
N HIS A 29 2.55 -0.70 8.61
CA HIS A 29 3.61 -1.55 9.16
C HIS A 29 4.84 -0.73 9.57
N GLY A 30 4.89 -0.34 10.85
CA GLY A 30 6.05 0.35 11.40
C GLY A 30 6.18 1.79 10.89
N SER A 31 6.49 1.91 9.59
CA SER A 31 6.72 3.22 8.97
C SER A 31 5.52 4.14 9.06
N ALA A 32 4.36 3.68 8.55
CA ALA A 32 3.15 4.51 8.55
C ALA A 32 1.90 3.71 8.20
N LEU A 33 0.75 4.39 8.26
CA LEU A 33 -0.54 3.82 7.92
C LEU A 33 -1.11 4.54 6.68
N LEU A 34 -1.35 3.77 5.60
CA LEU A 34 -1.90 4.33 4.36
C LEU A 34 -3.42 4.35 4.44
N TYR A 35 -4.00 5.56 4.40
CA TYR A 35 -5.47 5.71 4.47
C TYR A 35 -6.12 5.58 3.09
N ALA A 36 -6.31 4.33 2.66
CA ALA A 36 -6.97 4.03 1.40
C ALA A 36 -8.42 4.51 1.42
N ALA A 37 -9.15 4.06 2.45
CA ALA A 37 -10.57 4.41 2.61
C ALA A 37 -10.80 5.16 3.93
N GLY A 38 -11.73 6.12 3.90
CA GLY A 38 -12.06 6.92 5.08
C GLY A 38 -13.19 7.90 4.76
N TRP A 39 -13.52 8.76 5.73
CA TRP A 39 -14.57 9.76 5.56
C TRP A 39 -14.20 10.72 4.42
N SER A 40 -12.92 11.09 4.36
CA SER A 40 -12.41 11.95 3.30
C SER A 40 -12.55 11.25 1.93
N PRO A 41 -12.93 11.96 0.84
CA PRO A 41 -13.10 11.32 -0.52
C PRO A 41 -11.89 10.47 -0.91
N GLU A 42 -12.17 9.30 -1.46
CA GLU A 42 -11.14 8.35 -1.88
C GLU A 42 -10.35 8.89 -3.09
N LYS A 43 -11.07 9.56 -4.00
CA LYS A 43 -10.48 10.02 -5.27
C LYS A 43 -9.18 10.82 -5.08
N GLN A 44 -9.15 11.72 -4.09
CA GLN A 44 -7.94 12.53 -3.85
C GLN A 44 -6.78 11.64 -3.38
N ALA A 45 -7.10 10.59 -2.60
CA ALA A 45 -6.10 9.63 -2.13
C ALA A 45 -5.48 8.89 -3.31
N GLN A 46 -6.35 8.53 -4.27
CA GLN A 46 -5.92 7.81 -5.47
C GLN A 46 -5.11 8.70 -6.43
N HIS A 47 -5.29 10.02 -6.30
CA HIS A 47 -4.64 10.99 -7.19
C HIS A 47 -3.16 11.26 -6.81
N LEU A 48 -2.62 10.50 -5.82
CA LEU A 48 -1.24 10.72 -5.39
C LEU A 48 -0.25 10.06 -6.40
N PRO A 49 0.58 10.85 -7.15
CA PRO A 49 1.56 10.28 -8.14
C PRO A 49 2.85 9.76 -7.49
N LEU A 50 2.97 9.90 -6.17
CA LEU A 50 4.18 9.47 -5.44
C LEU A 50 4.35 7.95 -5.51
N ARG A 51 5.61 7.50 -5.58
CA ARG A 51 5.89 6.05 -5.64
C ARG A 51 5.38 5.36 -4.39
N VAL A 52 4.92 4.13 -4.55
CA VAL A 52 4.34 3.36 -3.45
C VAL A 52 5.34 3.21 -2.27
N THR A 53 6.48 2.59 -2.53
CA THR A 53 7.46 2.31 -1.47
C THR A 53 8.15 3.58 -0.98
N GLU A 54 8.49 4.49 -1.91
CA GLU A 54 9.16 5.73 -1.55
C GLU A 54 8.24 6.61 -0.69
N LEU A 55 6.95 6.63 -1.05
CA LEU A 55 5.95 7.42 -0.32
C LEU A 55 5.87 7.00 1.15
N VAL A 56 5.84 5.68 1.38
CA VAL A 56 5.74 5.18 2.75
C VAL A 56 6.96 5.65 3.58
N GLN A 57 8.17 5.49 3.01
CA GLN A 57 9.39 5.89 3.72
C GLN A 57 9.48 7.41 3.89
N GLN A 58 9.10 8.16 2.84
CA GLN A 58 9.15 9.63 2.88
C GLN A 58 8.17 10.20 3.90
N LEU A 59 6.96 9.62 3.94
CA LEU A 59 5.93 10.07 4.88
C LEU A 59 6.37 9.89 6.32
N THR A 60 7.04 8.78 6.62
CA THR A 60 7.53 8.50 7.98
C THR A 60 8.84 9.26 8.28
N GLY A 61 9.50 9.78 7.24
CA GLY A 61 10.74 10.57 7.41
C GLY A 61 12.02 9.73 7.35
N GLN A 62 11.89 8.42 6.99
CA GLN A 62 13.06 7.55 6.89
C GLN A 62 13.67 7.60 5.47
N ALA A 63 14.83 6.95 5.32
CA ALA A 63 15.51 6.89 4.02
C ALA A 63 15.88 5.44 3.66
N PRO A 64 15.99 5.10 2.35
CA PRO A 64 16.35 3.70 1.92
C PRO A 64 17.72 3.29 2.49
N ALA A 65 17.83 2.00 2.89
CA ALA A 65 19.08 1.50 3.49
C ALA A 65 19.82 0.54 2.53
N PRO A 66 21.18 0.48 2.58
CA PRO A 66 22.00 -0.43 1.69
C PRO A 66 21.64 -1.91 1.90
N GLY A 67 21.71 -2.69 0.81
CA GLY A 67 21.41 -4.12 0.86
C GLY A 67 19.93 -4.39 0.72
N GLN A 68 19.56 -5.67 0.57
CA GLN A 68 18.17 -6.07 0.43
C GLN A 68 17.58 -6.48 1.77
N ARG A 69 16.44 -5.88 2.11
CA ARG A 69 15.74 -6.18 3.36
C ARG A 69 14.37 -6.76 3.05
N VAL A 70 13.82 -7.55 3.99
CA VAL A 70 12.50 -8.17 3.79
C VAL A 70 11.48 -7.49 4.70
N LEU A 71 10.46 -6.90 4.08
CA LEU A 71 9.42 -6.18 4.81
C LEU A 71 8.04 -6.74 4.50
N VAL A 72 7.17 -6.75 5.50
CA VAL A 72 5.80 -7.25 5.36
C VAL A 72 4.79 -6.15 5.67
N LEU A 73 3.69 -6.11 4.92
CA LEU A 73 2.65 -5.09 5.12
C LEU A 73 1.39 -5.70 5.70
N GLU A 74 0.83 -5.02 6.70
CA GLU A 74 -0.40 -5.47 7.36
C GLU A 74 -1.63 -4.96 6.62
N LEU A 75 -2.56 -5.87 6.30
CA LEU A 75 -3.78 -5.51 5.59
C LEU A 75 -4.97 -5.44 6.55
N SER A 76 -5.37 -4.21 6.89
CA SER A 76 -6.51 -3.99 7.78
C SER A 76 -7.80 -3.87 6.98
N CYS A 77 -8.67 -4.86 7.13
CA CYS A 77 -9.95 -4.90 6.42
C CYS A 77 -10.97 -5.72 7.19
N GLU A 78 -12.23 -5.68 6.74
CA GLU A 78 -13.31 -6.42 7.39
C GLU A 78 -13.01 -7.91 7.38
N GLY A 79 -13.27 -8.57 8.52
CA GLY A 79 -13.03 -10.01 8.67
C GLY A 79 -14.28 -10.86 8.36
N ASP A 80 -15.33 -10.22 7.83
CA ASP A 80 -16.57 -10.92 7.52
C ASP A 80 -16.33 -12.04 6.50
N ASP A 81 -15.57 -11.73 5.45
CA ASP A 81 -15.24 -12.70 4.41
C ASP A 81 -13.73 -12.91 4.31
N GLU A 82 -13.32 -14.16 4.15
CA GLU A 82 -11.90 -14.49 4.02
C GLU A 82 -11.29 -13.89 2.73
N ASP A 83 -12.15 -13.67 1.72
CA ASP A 83 -11.72 -13.08 0.45
C ASP A 83 -11.30 -11.62 0.63
N THR A 84 -11.98 -10.92 1.55
CA THR A 84 -11.70 -9.51 1.81
C THR A 84 -10.27 -9.34 2.32
N ALA A 85 -9.85 -10.22 3.23
CA ALA A 85 -8.49 -10.14 3.81
C ALA A 85 -7.52 -11.11 3.14
N PHE A 86 -6.37 -10.58 2.72
CA PHE A 86 -5.31 -11.38 2.10
C PHE A 86 -4.06 -11.43 3.00
N PRO A 87 -3.16 -12.44 2.83
CA PRO A 87 -1.91 -12.55 3.65
C PRO A 87 -1.04 -11.27 3.50
N PRO A 88 -0.23 -10.91 4.52
CA PRO A 88 0.62 -9.66 4.46
C PRO A 88 1.45 -9.61 3.19
N LEU A 89 1.55 -8.41 2.61
CA LEU A 89 2.30 -8.22 1.36
C LEU A 89 3.80 -8.34 1.60
N HIS A 90 4.43 -9.25 0.85
CA HIS A 90 5.88 -9.47 0.98
C HIS A 90 6.63 -8.66 -0.07
N TYR A 91 7.30 -7.59 0.38
CA TYR A 91 8.06 -6.72 -0.52
C TYR A 91 9.49 -6.51 0.00
N GLU A 92 10.47 -6.76 -0.86
CA GLU A 92 11.89 -6.58 -0.49
C GLU A 92 12.37 -5.18 -0.87
N LEU A 93 13.25 -4.61 -0.03
CA LEU A 93 13.80 -3.28 -0.26
C LEU A 93 15.30 -3.36 -0.51
N PRO A 1 13.56 -8.35 -4.64
CA PRO A 1 12.52 -7.58 -5.36
C PRO A 1 11.15 -7.93 -4.78
N ALA A 2 10.12 -7.25 -5.29
CA ALA A 2 8.74 -7.49 -4.85
C ALA A 2 7.99 -8.32 -5.88
N GLY A 3 6.77 -8.76 -5.51
CA GLY A 3 5.94 -9.59 -6.39
C GLY A 3 5.64 -8.86 -7.69
N GLN A 4 5.36 -7.55 -7.59
CA GLN A 4 5.07 -6.74 -8.77
C GLN A 4 5.90 -5.43 -8.73
N PRO A 5 6.30 -4.86 -9.91
CA PRO A 5 7.10 -3.59 -9.95
C PRO A 5 6.35 -2.44 -9.27
N GLU A 6 7.10 -1.63 -8.50
CA GLU A 6 6.50 -0.48 -7.81
C GLU A 6 6.59 0.76 -8.69
N ARG A 7 5.44 1.17 -9.26
CA ARG A 7 5.41 2.32 -10.14
C ARG A 7 5.05 3.61 -9.38
N THR A 8 3.78 3.70 -8.94
CA THR A 8 3.30 4.85 -8.17
C THR A 8 2.10 4.46 -7.32
N LEU A 9 1.85 5.22 -6.26
CA LEU A 9 0.70 4.98 -5.40
C LEU A 9 -0.60 5.19 -6.17
N GLU A 10 -0.63 6.24 -7.00
CA GLU A 10 -1.81 6.54 -7.81
C GLU A 10 -2.12 5.39 -8.77
N SER A 11 -1.05 4.82 -9.36
CA SER A 11 -1.19 3.71 -10.29
C SER A 11 -1.73 2.46 -9.60
N LEU A 12 -1.15 2.14 -8.43
CA LEU A 12 -1.55 0.94 -7.68
C LEU A 12 -3.01 1.02 -7.25
N LEU A 13 -3.41 2.17 -6.68
CA LEU A 13 -4.78 2.36 -6.21
C LEU A 13 -5.76 2.32 -7.38
N ALA A 14 -5.39 2.98 -8.48
CA ALA A 14 -6.21 3.03 -9.67
C ALA A 14 -6.37 1.64 -10.32
N HIS A 15 -5.27 0.88 -10.34
CA HIS A 15 -5.24 -0.43 -10.98
C HIS A 15 -6.25 -1.41 -10.34
N LEU A 16 -6.20 -1.53 -9.01
CA LEU A 16 -7.07 -2.46 -8.30
C LEU A 16 -8.55 -2.02 -8.36
N GLN A 17 -8.78 -0.71 -8.16
CA GLN A 17 -10.13 -0.17 -8.16
C GLN A 17 -10.82 -0.28 -9.52
N GLU A 18 -10.08 -0.04 -10.60
CA GLU A 18 -10.65 -0.05 -11.95
C GLU A 18 -10.70 -1.45 -12.56
N GLN A 19 -9.52 -2.07 -12.72
CA GLN A 19 -9.42 -3.39 -13.37
C GLN A 19 -10.11 -4.50 -12.58
N HIS A 20 -9.98 -4.48 -11.24
CA HIS A 20 -10.60 -5.54 -10.42
C HIS A 20 -11.95 -5.13 -9.82
N GLY A 21 -12.24 -3.81 -9.82
CA GLY A 21 -13.52 -3.31 -9.30
C GLY A 21 -13.65 -3.56 -7.80
N LEU A 22 -12.51 -3.61 -7.09
CA LEU A 22 -12.51 -3.87 -5.66
C LEU A 22 -12.14 -2.62 -4.86
N ARG A 23 -12.68 -2.53 -3.64
CA ARG A 23 -12.39 -1.40 -2.77
C ARG A 23 -10.92 -1.39 -2.38
N VAL A 24 -10.41 -0.21 -2.02
CA VAL A 24 -8.99 -0.06 -1.69
C VAL A 24 -8.74 -0.40 -0.21
N ARG A 25 -7.65 -1.12 0.04
CA ARG A 25 -7.27 -1.55 1.39
C ARG A 25 -6.27 -0.58 1.99
N ILE A 26 -6.12 -0.64 3.32
CA ILE A 26 -5.16 0.23 4.02
C ILE A 26 -3.81 -0.49 4.15
N LEU A 27 -2.76 0.12 3.60
CA LEU A 27 -1.41 -0.46 3.64
C LEU A 27 -0.65 0.07 4.85
N LEU A 28 -0.43 -0.79 5.86
CA LEU A 28 0.27 -0.38 7.08
C LEU A 28 1.27 -1.44 7.53
N HIS A 29 2.43 -0.98 8.03
CA HIS A 29 3.44 -1.89 8.59
C HIS A 29 4.56 -1.13 9.30
N GLY A 30 4.40 -0.96 10.61
CA GLY A 30 5.44 -0.40 11.48
C GLY A 30 5.65 1.09 11.25
N SER A 31 6.20 1.43 10.06
CA SER A 31 6.56 2.82 9.75
C SER A 31 5.34 3.74 9.70
N ALA A 32 4.26 3.30 9.04
CA ALA A 32 3.07 4.14 8.93
C ALA A 32 1.85 3.38 8.41
N LEU A 33 0.69 4.02 8.53
CA LEU A 33 -0.56 3.49 8.01
C LEU A 33 -1.01 4.38 6.84
N LEU A 34 -1.18 3.77 5.66
CA LEU A 34 -1.56 4.52 4.47
C LEU A 34 -3.06 4.44 4.24
N TYR A 35 -3.71 5.61 4.25
CA TYR A 35 -5.16 5.70 4.05
C TYR A 35 -5.53 5.47 2.59
N ALA A 36 -6.68 4.82 2.38
CA ALA A 36 -7.18 4.54 1.04
C ALA A 36 -8.69 4.69 1.00
N ALA A 37 -9.38 3.89 1.83
CA ALA A 37 -10.84 3.96 1.93
C ALA A 37 -11.26 4.45 3.31
N GLY A 38 -12.20 5.40 3.34
CA GLY A 38 -12.68 5.96 4.60
C GLY A 38 -13.65 7.10 4.36
N TRP A 39 -13.97 7.84 5.44
CA TRP A 39 -14.90 8.96 5.37
C TRP A 39 -14.36 10.04 4.42
N SER A 40 -13.06 10.33 4.53
CA SER A 40 -12.41 11.33 3.68
C SER A 40 -12.46 10.88 2.20
N PRO A 41 -12.52 11.82 1.23
CA PRO A 41 -12.63 11.45 -0.23
C PRO A 41 -11.53 10.47 -0.67
N GLU A 42 -11.97 9.43 -1.39
CA GLU A 42 -11.06 8.40 -1.92
C GLU A 42 -10.16 8.98 -3.02
N LYS A 43 -10.74 9.90 -3.81
CA LYS A 43 -10.04 10.50 -4.95
C LYS A 43 -8.70 11.11 -4.52
N GLN A 44 -8.68 11.69 -3.32
CA GLN A 44 -7.47 12.34 -2.80
C GLN A 44 -6.32 11.35 -2.67
N ALA A 45 -6.63 10.15 -2.15
CA ALA A 45 -5.61 9.10 -2.00
C ALA A 45 -5.11 8.66 -3.37
N GLN A 46 -6.03 8.59 -4.32
CA GLN A 46 -5.75 8.12 -5.67
C GLN A 46 -4.78 9.05 -6.42
N HIS A 47 -4.93 10.38 -6.23
CA HIS A 47 -4.13 11.35 -6.99
C HIS A 47 -2.63 11.31 -6.60
N LEU A 48 -2.31 10.72 -5.43
CA LEU A 48 -0.92 10.72 -4.93
C LEU A 48 0.05 10.11 -5.99
N PRO A 49 0.94 10.91 -6.63
CA PRO A 49 1.93 10.38 -7.62
C PRO A 49 3.21 9.83 -6.96
N LEU A 50 3.24 9.83 -5.62
CA LEU A 50 4.40 9.38 -4.87
C LEU A 50 4.61 7.86 -5.04
N ARG A 51 5.89 7.44 -5.11
CA ARG A 51 6.23 6.02 -5.27
C ARG A 51 5.64 5.22 -4.11
N VAL A 52 5.12 4.03 -4.41
CA VAL A 52 4.39 3.25 -3.40
C VAL A 52 5.23 3.03 -2.10
N THR A 53 6.29 2.23 -2.20
CA THR A 53 7.11 1.92 -1.02
C THR A 53 7.90 3.13 -0.50
N GLU A 54 8.49 3.90 -1.42
CA GLU A 54 9.33 5.04 -1.04
C GLU A 54 8.54 6.04 -0.21
N LEU A 55 7.27 6.31 -0.60
CA LEU A 55 6.45 7.26 0.13
C LEU A 55 6.10 6.73 1.52
N VAL A 56 5.87 5.41 1.64
CA VAL A 56 5.49 4.84 2.94
C VAL A 56 6.57 5.14 4.00
N GLN A 57 7.85 4.87 3.68
CA GLN A 57 8.95 5.16 4.64
C GLN A 57 9.21 6.67 4.80
N GLN A 58 9.17 7.42 3.68
CA GLN A 58 9.45 8.87 3.71
C GLN A 58 8.40 9.65 4.49
N LEU A 59 7.13 9.26 4.31
CA LEU A 59 6.02 9.93 5.00
C LEU A 59 6.16 9.80 6.52
N THR A 60 6.65 8.64 6.96
CA THR A 60 6.88 8.38 8.39
C THR A 60 7.93 9.36 8.92
N GLY A 61 8.99 9.57 8.14
CA GLY A 61 10.09 10.47 8.54
C GLY A 61 11.47 9.80 8.50
N GLN A 62 11.52 8.50 8.13
CA GLN A 62 12.78 7.76 8.05
C GLN A 62 13.07 7.33 6.61
N ALA A 63 14.26 7.68 6.12
CA ALA A 63 14.67 7.34 4.75
C ALA A 63 14.96 5.83 4.61
N PRO A 64 14.75 5.22 3.42
CA PRO A 64 15.04 3.75 3.21
C PRO A 64 16.50 3.41 3.50
N ALA A 65 16.73 2.22 4.08
CA ALA A 65 18.08 1.77 4.41
C ALA A 65 18.88 1.41 3.13
N PRO A 66 20.23 1.49 3.17
CA PRO A 66 21.08 1.16 1.96
C PRO A 66 20.82 -0.26 1.46
N GLY A 67 20.81 -0.41 0.13
CA GLY A 67 20.57 -1.71 -0.50
C GLY A 67 19.10 -2.07 -0.45
N GLN A 68 18.77 -3.34 -0.77
CA GLN A 68 17.39 -3.81 -0.73
C GLN A 68 17.07 -4.50 0.59
N ARG A 69 16.00 -4.04 1.24
CA ARG A 69 15.52 -4.64 2.47
C ARG A 69 14.12 -5.21 2.23
N VAL A 70 13.71 -6.20 3.04
CA VAL A 70 12.42 -6.86 2.80
C VAL A 70 11.37 -6.44 3.83
N LEU A 71 10.18 -6.12 3.32
CA LEU A 71 9.07 -5.67 4.14
C LEU A 71 7.90 -6.64 4.09
N VAL A 72 7.30 -6.89 5.26
CA VAL A 72 6.11 -7.73 5.36
C VAL A 72 4.92 -6.80 5.64
N LEU A 73 4.06 -6.60 4.62
CA LEU A 73 2.96 -5.64 4.74
C LEU A 73 1.67 -6.29 5.22
N GLU A 74 1.00 -5.62 6.15
CA GLU A 74 -0.30 -6.05 6.66
C GLU A 74 -1.38 -5.13 6.15
N LEU A 75 -2.41 -5.71 5.50
CA LEU A 75 -3.48 -4.91 4.90
C LEU A 75 -4.78 -5.06 5.67
N SER A 76 -5.36 -3.92 6.06
CA SER A 76 -6.62 -3.90 6.78
C SER A 76 -7.79 -3.85 5.79
N CYS A 77 -8.56 -4.94 5.74
CA CYS A 77 -9.70 -5.04 4.83
C CYS A 77 -10.90 -5.65 5.55
N GLU A 78 -12.06 -5.00 5.41
CA GLU A 78 -13.29 -5.48 6.05
C GLU A 78 -13.68 -6.85 5.51
N GLY A 79 -13.93 -7.80 6.44
CA GLY A 79 -14.32 -9.16 6.06
C GLY A 79 -14.41 -10.06 7.30
N ASP A 80 -14.78 -11.33 7.07
CA ASP A 80 -14.90 -12.30 8.15
C ASP A 80 -13.98 -13.51 7.91
N ASP A 81 -13.52 -14.13 9.00
CA ASP A 81 -12.63 -15.30 8.93
C ASP A 81 -11.28 -14.91 8.30
N GLU A 82 -10.46 -15.92 7.93
CA GLU A 82 -9.15 -15.65 7.32
C GLU A 82 -9.26 -14.71 6.10
N ASP A 83 -10.48 -14.60 5.55
CA ASP A 83 -10.75 -13.74 4.40
C ASP A 83 -10.59 -12.26 4.77
N THR A 84 -10.92 -11.90 6.03
CA THR A 84 -10.84 -10.51 6.49
C THR A 84 -9.47 -9.89 6.15
N ALA A 85 -8.41 -10.69 6.30
CA ALA A 85 -7.05 -10.22 6.00
C ALA A 85 -6.32 -11.20 5.09
N PHE A 86 -5.74 -10.67 4.01
CA PHE A 86 -4.98 -11.47 3.06
C PHE A 86 -3.58 -11.84 3.63
N PRO A 87 -2.94 -12.92 3.13
CA PRO A 87 -1.58 -13.33 3.64
C PRO A 87 -0.57 -12.17 3.52
N PRO A 88 0.36 -11.99 4.49
CA PRO A 88 1.34 -10.85 4.45
C PRO A 88 2.12 -10.82 3.15
N LEU A 89 2.28 -9.61 2.61
CA LEU A 89 2.99 -9.40 1.34
C LEU A 89 4.47 -9.10 1.58
N HIS A 90 5.34 -9.71 0.77
CA HIS A 90 6.79 -9.47 0.87
C HIS A 90 7.25 -8.52 -0.24
N TYR A 91 7.65 -7.31 0.16
CA TYR A 91 8.11 -6.28 -0.79
C TYR A 91 9.53 -5.84 -0.50
N GLU A 92 10.42 -6.00 -1.50
CA GLU A 92 11.80 -5.53 -1.39
C GLU A 92 12.01 -4.30 -2.26
N LEU A 93 12.76 -3.32 -1.75
CA LEU A 93 13.03 -2.09 -2.48
C LEU A 93 14.05 -2.33 -3.59
N PRO A 1 15.35 -9.22 -4.99
CA PRO A 1 14.20 -8.53 -4.37
C PRO A 1 12.99 -9.48 -4.35
N ALA A 2 11.82 -8.96 -3.94
CA ALA A 2 10.60 -9.74 -3.85
C ALA A 2 9.41 -8.94 -4.35
N GLY A 3 8.39 -9.65 -4.84
CA GLY A 3 7.18 -9.01 -5.38
C GLY A 3 7.49 -8.29 -6.68
N GLN A 4 6.77 -7.19 -6.94
CA GLN A 4 6.96 -6.41 -8.16
C GLN A 4 7.16 -4.90 -7.84
N PRO A 5 7.89 -4.14 -8.68
CA PRO A 5 8.12 -2.67 -8.44
C PRO A 5 6.81 -1.90 -8.38
N GLU A 6 6.74 -0.92 -7.46
CA GLU A 6 5.55 -0.09 -7.32
C GLU A 6 5.66 1.16 -8.20
N ARG A 7 4.55 1.50 -8.86
CA ARG A 7 4.53 2.67 -9.73
C ARG A 7 4.08 3.93 -8.98
N THR A 8 2.80 3.97 -8.59
CA THR A 8 2.25 5.09 -7.82
C THR A 8 1.06 4.65 -7.00
N LEU A 9 0.77 5.40 -5.94
CA LEU A 9 -0.40 5.14 -5.11
C LEU A 9 -1.68 5.38 -5.92
N GLU A 10 -1.66 6.44 -6.75
CA GLU A 10 -2.80 6.75 -7.63
C GLU A 10 -3.05 5.59 -8.58
N SER A 11 -1.95 5.07 -9.16
CA SER A 11 -2.05 3.95 -10.08
C SER A 11 -2.58 2.70 -9.39
N LEU A 12 -2.11 2.46 -8.15
CA LEU A 12 -2.55 1.31 -7.38
C LEU A 12 -4.04 1.41 -7.08
N LEU A 13 -4.48 2.59 -6.63
CA LEU A 13 -5.89 2.80 -6.31
C LEU A 13 -6.76 2.73 -7.55
N ALA A 14 -6.29 3.35 -8.64
CA ALA A 14 -7.00 3.33 -9.91
C ALA A 14 -7.11 1.91 -10.48
N HIS A 15 -6.03 1.14 -10.32
CA HIS A 15 -5.97 -0.23 -10.87
C HIS A 15 -7.06 -1.13 -10.28
N LEU A 16 -7.16 -1.17 -8.94
CA LEU A 16 -8.17 -2.01 -8.29
C LEU A 16 -9.58 -1.52 -8.59
N GLN A 17 -9.75 -0.20 -8.57
CA GLN A 17 -11.04 0.44 -8.82
C GLN A 17 -11.53 0.20 -10.25
N GLU A 18 -10.61 0.27 -11.21
CA GLU A 18 -10.95 0.13 -12.63
C GLU A 18 -11.00 -1.34 -13.09
N GLN A 19 -9.88 -2.05 -12.91
CA GLN A 19 -9.74 -3.43 -13.37
C GLN A 19 -10.66 -4.41 -12.63
N HIS A 20 -10.79 -4.22 -11.30
CA HIS A 20 -11.57 -5.16 -10.47
C HIS A 20 -12.81 -4.54 -9.82
N GLY A 21 -12.83 -3.20 -9.71
CA GLY A 21 -13.95 -2.51 -9.07
C GLY A 21 -14.01 -2.83 -7.56
N LEU A 22 -12.85 -3.14 -6.98
CA LEU A 22 -12.75 -3.51 -5.57
C LEU A 22 -12.10 -2.38 -4.77
N ARG A 23 -12.70 -2.06 -3.62
CA ARG A 23 -12.16 -1.02 -2.74
C ARG A 23 -10.79 -1.45 -2.22
N VAL A 24 -9.87 -0.49 -2.12
CA VAL A 24 -8.50 -0.79 -1.70
C VAL A 24 -8.35 -0.76 -0.17
N ARG A 25 -7.89 -1.87 0.38
CA ARG A 25 -7.65 -2.01 1.82
C ARG A 25 -6.41 -1.21 2.24
N ILE A 26 -6.25 -1.01 3.55
CA ILE A 26 -5.13 -0.20 4.08
C ILE A 26 -3.92 -1.09 4.39
N LEU A 27 -2.77 -0.72 3.82
CA LEU A 27 -1.52 -1.44 4.05
C LEU A 27 -0.56 -0.58 4.88
N LEU A 28 -0.02 -1.17 5.94
CA LEU A 28 0.90 -0.46 6.83
C LEU A 28 2.11 -1.33 7.17
N HIS A 29 3.29 -0.71 7.31
CA HIS A 29 4.50 -1.47 7.64
C HIS A 29 5.57 -0.61 8.32
N GLY A 30 5.52 -0.55 9.64
CA GLY A 30 6.54 0.11 10.45
C GLY A 30 6.54 1.63 10.29
N SER A 31 6.95 2.08 9.09
CA SER A 31 7.12 3.51 8.81
C SER A 31 5.82 4.29 8.92
N ALA A 32 4.74 3.79 8.28
CA ALA A 32 3.47 4.50 8.29
C ALA A 32 2.31 3.64 7.79
N LEU A 33 1.10 4.22 7.87
CA LEU A 33 -0.12 3.57 7.40
C LEU A 33 -0.52 4.18 6.05
N LEU A 34 -0.63 3.32 5.02
CA LEU A 34 -0.96 3.77 3.67
C LEU A 34 -2.48 3.94 3.52
N TYR A 35 -2.90 5.18 3.25
CA TYR A 35 -4.32 5.50 3.06
C TYR A 35 -4.80 4.94 1.73
N ALA A 36 -6.05 4.46 1.72
CA ALA A 36 -6.64 3.90 0.51
C ALA A 36 -8.16 4.10 0.49
N ALA A 37 -8.83 3.55 1.51
CA ALA A 37 -10.28 3.67 1.62
C ALA A 37 -10.70 3.77 3.08
N GLY A 38 -11.83 4.45 3.32
CA GLY A 38 -12.34 4.63 4.68
C GLY A 38 -13.36 5.77 4.75
N TRP A 39 -13.47 6.40 5.93
CA TRP A 39 -14.40 7.49 6.14
C TRP A 39 -14.10 8.66 5.19
N SER A 40 -12.80 8.97 5.05
CA SER A 40 -12.37 10.07 4.18
C SER A 40 -12.67 9.74 2.70
N PRO A 41 -12.78 10.76 1.80
CA PRO A 41 -13.11 10.53 0.35
C PRO A 41 -11.95 9.87 -0.40
N GLU A 42 -12.28 9.15 -1.47
CA GLU A 42 -11.29 8.46 -2.30
C GLU A 42 -10.34 9.44 -3.02
N LYS A 43 -10.75 10.71 -3.13
CA LYS A 43 -9.94 11.72 -3.80
C LYS A 43 -8.56 11.84 -3.15
N GLN A 44 -8.54 11.77 -1.82
CA GLN A 44 -7.30 11.91 -1.05
C GLN A 44 -6.28 10.83 -1.41
N ALA A 45 -6.74 9.58 -1.59
CA ALA A 45 -5.85 8.46 -1.90
C ALA A 45 -5.59 8.33 -3.39
N GLN A 46 -6.64 8.51 -4.20
CA GLN A 46 -6.54 8.40 -5.65
C GLN A 46 -5.62 9.48 -6.23
N HIS A 47 -5.74 10.68 -5.68
CA HIS A 47 -5.00 11.85 -6.14
C HIS A 47 -3.46 11.67 -6.05
N LEU A 48 -2.99 11.01 -4.97
CA LEU A 48 -1.54 10.89 -4.72
C LEU A 48 -0.81 10.17 -5.89
N PRO A 49 0.02 10.88 -6.72
CA PRO A 49 0.75 10.26 -7.86
C PRO A 49 2.21 9.91 -7.52
N LEU A 50 2.46 9.56 -6.27
CA LEU A 50 3.82 9.21 -5.83
C LEU A 50 3.96 7.70 -5.63
N ARG A 51 5.20 7.19 -5.78
CA ARG A 51 5.47 5.76 -5.62
C ARG A 51 4.90 5.27 -4.28
N VAL A 52 4.26 4.09 -4.33
CA VAL A 52 3.58 3.53 -3.15
C VAL A 52 4.54 3.37 -1.95
N THR A 53 5.52 2.47 -2.10
CA THR A 53 6.45 2.15 -1.01
C THR A 53 7.39 3.31 -0.68
N GLU A 54 7.86 4.01 -1.72
CA GLU A 54 8.77 5.13 -1.51
C GLU A 54 8.08 6.26 -0.75
N LEU A 55 6.80 6.52 -1.09
CA LEU A 55 6.03 7.59 -0.45
C LEU A 55 5.92 7.34 1.06
N VAL A 56 5.63 6.09 1.44
CA VAL A 56 5.49 5.76 2.86
C VAL A 56 6.81 6.05 3.60
N GLN A 57 7.93 5.61 3.03
CA GLN A 57 9.26 5.83 3.63
C GLN A 57 9.64 7.31 3.63
N GLN A 58 9.35 8.01 2.53
CA GLN A 58 9.67 9.45 2.40
C GLN A 58 8.88 10.28 3.41
N LEU A 59 7.60 9.93 3.59
CA LEU A 59 6.72 10.65 4.52
C LEU A 59 7.24 10.57 5.96
N THR A 60 7.74 9.39 6.36
CA THR A 60 8.29 9.19 7.72
C THR A 60 9.67 9.86 7.88
N GLY A 61 10.35 10.14 6.76
CA GLY A 61 11.66 10.82 6.77
C GLY A 61 12.86 9.85 6.76
N GLN A 62 12.60 8.57 7.01
CA GLN A 62 13.66 7.55 6.99
C GLN A 62 13.97 7.12 5.56
N ALA A 63 15.22 6.72 5.33
CA ALA A 63 15.68 6.29 4.01
C ALA A 63 15.92 4.76 3.98
N PRO A 64 15.78 4.09 2.81
CA PRO A 64 15.99 2.60 2.70
C PRO A 64 17.46 2.22 2.86
N ALA A 65 17.69 1.01 3.40
CA ALA A 65 19.05 0.51 3.63
C ALA A 65 19.74 0.17 2.28
N PRO A 66 21.09 0.27 2.19
CA PRO A 66 21.84 -0.05 0.92
C PRO A 66 21.70 -1.53 0.54
N GLY A 67 21.53 -2.39 1.55
CA GLY A 67 21.38 -3.83 1.33
C GLY A 67 19.91 -4.20 1.18
N GLN A 68 19.61 -5.50 1.21
CA GLN A 68 18.24 -5.98 1.09
C GLN A 68 17.59 -6.09 2.47
N ARG A 69 16.41 -5.50 2.60
CA ARG A 69 15.67 -5.50 3.87
C ARG A 69 14.34 -6.24 3.70
N VAL A 70 13.87 -6.86 4.79
CA VAL A 70 12.61 -7.60 4.79
C VAL A 70 11.56 -6.81 5.57
N LEU A 71 10.50 -6.40 4.87
CA LEU A 71 9.41 -5.64 5.48
C LEU A 71 8.11 -6.42 5.43
N VAL A 72 7.31 -6.29 6.50
CA VAL A 72 6.01 -6.97 6.56
C VAL A 72 4.88 -5.96 6.42
N LEU A 73 3.95 -6.26 5.50
CA LEU A 73 2.83 -5.37 5.24
C LEU A 73 1.52 -5.98 5.74
N GLU A 74 0.93 -5.33 6.75
CA GLU A 74 -0.35 -5.78 7.31
C GLU A 74 -1.49 -5.16 6.52
N LEU A 75 -2.46 -5.99 6.15
CA LEU A 75 -3.60 -5.52 5.36
C LEU A 75 -4.87 -5.45 6.20
N SER A 76 -5.35 -4.22 6.43
CA SER A 76 -6.57 -3.99 7.18
C SER A 76 -7.78 -4.01 6.26
N CYS A 77 -8.61 -5.06 6.39
CA CYS A 77 -9.79 -5.22 5.56
C CYS A 77 -11.05 -5.30 6.43
N GLU A 78 -12.04 -4.47 6.10
CA GLU A 78 -13.30 -4.43 6.84
C GLU A 78 -14.49 -4.58 5.88
N GLY A 79 -15.56 -5.21 6.38
CA GLY A 79 -16.77 -5.42 5.57
C GLY A 79 -16.59 -6.57 4.57
N ASP A 80 -15.61 -7.46 4.83
CA ASP A 80 -15.35 -8.61 3.95
C ASP A 80 -14.70 -9.75 4.74
N ASP A 81 -14.75 -10.95 4.16
CA ASP A 81 -14.18 -12.14 4.80
C ASP A 81 -12.67 -12.04 4.93
N GLU A 82 -12.15 -12.65 6.00
CA GLU A 82 -10.71 -12.67 6.26
C GLU A 82 -9.96 -13.40 5.13
N ASP A 83 -10.60 -14.43 4.57
CA ASP A 83 -9.98 -15.26 3.53
C ASP A 83 -9.74 -14.46 2.25
N THR A 84 -10.64 -13.51 1.95
CA THR A 84 -10.49 -12.68 0.73
C THR A 84 -9.23 -11.81 0.81
N ALA A 85 -8.82 -11.45 2.04
CA ALA A 85 -7.61 -10.64 2.24
C ALA A 85 -6.39 -11.54 2.37
N PHE A 86 -5.32 -11.18 1.66
CA PHE A 86 -4.08 -11.96 1.67
C PHE A 86 -3.32 -11.80 3.02
N PRO A 87 -2.46 -12.79 3.40
CA PRO A 87 -1.65 -12.70 4.66
C PRO A 87 -0.54 -11.64 4.53
N PRO A 88 0.18 -11.30 5.62
CA PRO A 88 1.25 -10.22 5.57
C PRO A 88 2.18 -10.42 4.38
N LEU A 89 2.47 -9.32 3.68
CA LEU A 89 3.30 -9.35 2.47
C LEU A 89 4.78 -9.13 2.79
N HIS A 90 5.64 -9.86 2.06
CA HIS A 90 7.09 -9.73 2.18
C HIS A 90 7.61 -8.87 1.02
N TYR A 91 8.08 -7.66 1.35
CA TYR A 91 8.59 -6.74 0.32
C TYR A 91 10.06 -6.40 0.57
N GLU A 92 10.91 -6.72 -0.42
CA GLU A 92 12.35 -6.43 -0.36
C GLU A 92 12.71 -5.27 -1.29
N LEU A 93 13.66 -4.43 -0.85
CA LEU A 93 14.11 -3.30 -1.65
C LEU A 93 15.57 -3.48 -2.07
N PRO A 1 15.42 -1.55 -2.72
CA PRO A 1 14.15 -2.18 -3.18
C PRO A 1 14.48 -3.41 -4.02
N ALA A 2 14.00 -4.58 -3.57
CA ALA A 2 14.24 -5.83 -4.29
C ALA A 2 12.97 -6.29 -5.03
N GLY A 3 13.18 -7.04 -6.12
CA GLY A 3 12.06 -7.52 -6.95
C GLY A 3 11.65 -6.45 -7.95
N GLN A 4 10.50 -6.67 -8.62
CA GLN A 4 10.00 -5.71 -9.60
C GLN A 4 9.38 -4.48 -8.89
N PRO A 5 9.92 -3.25 -9.08
CA PRO A 5 9.36 -2.01 -8.43
C PRO A 5 7.91 -1.73 -8.82
N GLU A 6 7.13 -1.19 -7.88
CA GLU A 6 5.75 -0.79 -8.12
C GLU A 6 5.74 0.47 -8.97
N ARG A 7 4.60 0.76 -9.63
CA ARG A 7 4.53 1.93 -10.51
C ARG A 7 4.11 3.19 -9.75
N THR A 8 2.83 3.26 -9.33
CA THR A 8 2.33 4.40 -8.56
C THR A 8 1.16 4.02 -7.67
N LEU A 9 0.98 4.78 -6.60
CA LEU A 9 -0.14 4.57 -5.69
C LEU A 9 -1.46 4.89 -6.38
N GLU A 10 -1.46 5.97 -7.19
CA GLU A 10 -2.64 6.36 -7.96
C GLU A 10 -3.05 5.22 -8.91
N SER A 11 -2.06 4.65 -9.60
CA SER A 11 -2.30 3.55 -10.53
C SER A 11 -2.81 2.32 -9.78
N LEU A 12 -2.23 2.05 -8.60
CA LEU A 12 -2.63 0.90 -7.80
C LEU A 12 -4.10 1.05 -7.35
N LEU A 13 -4.45 2.25 -6.87
CA LEU A 13 -5.81 2.53 -6.39
C LEU A 13 -6.81 2.49 -7.54
N ALA A 14 -6.47 3.19 -8.63
CA ALA A 14 -7.33 3.26 -9.81
C ALA A 14 -7.53 1.88 -10.43
N HIS A 15 -6.45 1.10 -10.47
CA HIS A 15 -6.46 -0.23 -11.08
C HIS A 15 -7.48 -1.14 -10.39
N LEU A 16 -7.46 -1.19 -9.05
CA LEU A 16 -8.35 -2.05 -8.29
C LEU A 16 -9.82 -1.69 -8.52
N GLN A 17 -10.13 -0.39 -8.47
CA GLN A 17 -11.50 0.09 -8.67
C GLN A 17 -11.96 -0.07 -10.12
N GLU A 18 -11.05 0.23 -11.05
CA GLU A 18 -11.37 0.22 -12.48
C GLU A 18 -11.66 -1.20 -13.01
N GLN A 19 -10.84 -2.19 -12.60
CA GLN A 19 -10.98 -3.55 -13.14
C GLN A 19 -11.65 -4.52 -12.16
N HIS A 20 -11.37 -4.37 -10.86
CA HIS A 20 -11.94 -5.27 -9.85
C HIS A 20 -13.13 -4.63 -9.12
N GLY A 21 -13.21 -3.29 -9.14
CA GLY A 21 -14.31 -2.57 -8.50
C GLY A 21 -14.34 -2.81 -6.99
N LEU A 22 -13.15 -3.03 -6.40
CA LEU A 22 -13.05 -3.31 -4.97
C LEU A 22 -12.44 -2.13 -4.21
N ARG A 23 -12.95 -1.88 -3.01
CA ARG A 23 -12.45 -0.79 -2.17
C ARG A 23 -11.06 -1.13 -1.65
N VAL A 24 -10.28 -0.09 -1.34
CA VAL A 24 -8.91 -0.26 -0.86
C VAL A 24 -8.85 -0.48 0.66
N ARG A 25 -7.85 -1.24 1.08
CA ARG A 25 -7.63 -1.54 2.50
C ARG A 25 -6.52 -0.67 3.07
N ILE A 26 -6.42 -0.62 4.41
CA ILE A 26 -5.41 0.22 5.07
C ILE A 26 -4.13 -0.58 5.30
N LEU A 27 -3.02 -0.07 4.78
CA LEU A 27 -1.72 -0.72 4.92
C LEU A 27 -0.87 0.04 5.93
N LEU A 28 -0.50 -0.64 7.03
CA LEU A 28 0.32 0.00 8.08
C LEU A 28 1.44 -0.92 8.56
N HIS A 29 2.66 -0.37 8.70
CA HIS A 29 3.80 -1.16 9.20
C HIS A 29 5.05 -0.30 9.44
N GLY A 30 5.23 0.13 10.69
CA GLY A 30 6.44 0.88 11.09
C GLY A 30 6.44 2.29 10.53
N SER A 31 6.55 2.41 9.20
CA SER A 31 6.60 3.71 8.55
C SER A 31 5.39 4.55 8.93
N ALA A 32 4.20 4.12 8.52
CA ALA A 32 2.96 4.82 8.85
C ALA A 32 1.73 3.98 8.50
N LEU A 33 0.55 4.56 8.76
CA LEU A 33 -0.72 3.94 8.40
C LEU A 33 -1.33 4.71 7.22
N LEU A 34 -1.53 4.03 6.09
CA LEU A 34 -2.07 4.66 4.90
C LEU A 34 -3.58 4.78 4.99
N TYR A 35 -4.07 6.01 5.14
CA TYR A 35 -5.51 6.26 5.26
C TYR A 35 -6.11 6.50 3.87
N ALA A 36 -6.71 5.44 3.30
CA ALA A 36 -7.32 5.51 1.99
C ALA A 36 -8.83 5.35 2.10
N ALA A 37 -9.26 4.22 2.65
CA ALA A 37 -10.69 3.94 2.84
C ALA A 37 -11.17 4.48 4.19
N GLY A 38 -12.27 5.24 4.16
CA GLY A 38 -12.82 5.81 5.39
C GLY A 38 -13.90 6.85 5.07
N TRP A 39 -14.33 7.57 6.12
CA TRP A 39 -15.36 8.61 5.97
C TRP A 39 -14.88 9.70 5.01
N SER A 40 -13.62 10.13 5.18
CA SER A 40 -13.03 11.16 4.33
C SER A 40 -12.90 10.66 2.88
N PRO A 41 -12.88 11.57 1.87
CA PRO A 41 -12.84 11.14 0.42
C PRO A 41 -11.56 10.39 0.06
N GLU A 42 -11.73 9.29 -0.66
CA GLU A 42 -10.61 8.46 -1.12
C GLU A 42 -9.81 9.14 -2.23
N LYS A 43 -10.50 10.00 -3.01
CA LYS A 43 -9.89 10.67 -4.17
C LYS A 43 -8.54 11.29 -3.82
N GLN A 44 -8.43 11.84 -2.61
CA GLN A 44 -7.17 12.46 -2.17
C GLN A 44 -6.04 11.44 -2.16
N ALA A 45 -6.34 10.23 -1.64
CA ALA A 45 -5.38 9.14 -1.62
C ALA A 45 -5.05 8.67 -3.03
N GLN A 46 -6.08 8.63 -3.88
CA GLN A 46 -5.95 8.17 -5.26
C GLN A 46 -5.06 9.11 -6.06
N HIS A 47 -5.22 10.40 -5.82
CA HIS A 47 -4.48 11.44 -6.54
C HIS A 47 -2.95 11.28 -6.39
N LEU A 48 -2.52 10.63 -5.30
CA LEU A 48 -1.08 10.49 -5.03
C LEU A 48 -0.35 9.85 -6.24
N PRO A 49 0.48 10.63 -7.01
CA PRO A 49 1.21 10.10 -8.20
C PRO A 49 2.64 9.65 -7.85
N LEU A 50 2.80 9.04 -6.68
CA LEU A 50 4.13 8.57 -6.23
C LEU A 50 4.14 7.05 -6.15
N ARG A 51 5.34 6.47 -6.39
CA ARG A 51 5.52 5.00 -6.32
C ARG A 51 4.97 4.48 -5.00
N VAL A 52 4.31 3.33 -5.05
CA VAL A 52 3.69 2.76 -3.87
C VAL A 52 4.74 2.53 -2.76
N THR A 53 5.85 1.87 -3.12
CA THR A 53 6.90 1.55 -2.15
C THR A 53 7.70 2.78 -1.74
N GLU A 54 8.06 3.63 -2.71
CA GLU A 54 8.85 4.83 -2.42
C GLU A 54 8.05 5.80 -1.56
N LEU A 55 6.76 5.93 -1.86
CA LEU A 55 5.89 6.85 -1.15
C LEU A 55 5.84 6.50 0.34
N VAL A 56 5.67 5.21 0.65
CA VAL A 56 5.60 4.77 2.04
C VAL A 56 6.90 5.13 2.79
N GLN A 57 8.05 4.82 2.18
CA GLN A 57 9.37 5.10 2.79
C GLN A 57 9.65 6.62 2.88
N GLN A 58 9.29 7.35 1.82
CA GLN A 58 9.51 8.79 1.77
C GLN A 58 8.68 9.53 2.81
N LEU A 59 7.43 9.08 2.98
CA LEU A 59 6.53 9.68 3.96
C LEU A 59 7.07 9.55 5.38
N THR A 60 7.67 8.39 5.70
CA THR A 60 8.28 8.18 7.03
C THR A 60 9.65 8.87 7.18
N GLY A 61 10.19 9.39 6.06
CA GLY A 61 11.48 10.09 6.07
C GLY A 61 12.68 9.13 6.07
N GLN A 62 12.44 7.88 5.63
CA GLN A 62 13.51 6.87 5.58
C GLN A 62 13.75 6.42 4.13
N ALA A 63 15.02 6.12 3.81
CA ALA A 63 15.40 5.70 2.46
C ALA A 63 15.79 4.19 2.43
N PRO A 64 15.52 3.46 1.32
CA PRO A 64 15.85 2.00 1.22
C PRO A 64 17.35 1.74 1.01
N ALA A 65 17.79 0.54 1.41
CA ALA A 65 19.19 0.12 1.24
C ALA A 65 19.26 -1.31 0.64
N PRO A 66 20.30 -1.64 -0.16
CA PRO A 66 20.43 -3.00 -0.79
C PRO A 66 20.81 -4.08 0.23
N GLY A 67 20.33 -5.32 0.00
CA GLY A 67 20.63 -6.46 0.87
C GLY A 67 20.01 -6.27 2.26
N GLN A 68 18.87 -5.57 2.32
CA GLN A 68 18.20 -5.29 3.58
C GLN A 68 17.21 -6.40 3.95
N ARG A 69 16.89 -6.47 5.23
CA ARG A 69 15.94 -7.46 5.76
C ARG A 69 14.58 -7.28 5.11
N VAL A 70 13.67 -8.24 5.35
CA VAL A 70 12.33 -8.19 4.75
C VAL A 70 11.29 -7.84 5.82
N LEU A 71 10.43 -6.88 5.48
CA LEU A 71 9.39 -6.39 6.38
C LEU A 71 8.01 -6.90 5.94
N VAL A 72 7.16 -7.18 6.93
CA VAL A 72 5.80 -7.69 6.65
C VAL A 72 4.78 -6.58 6.95
N LEU A 73 3.94 -6.26 5.96
CA LEU A 73 2.93 -5.20 6.12
C LEU A 73 1.60 -5.77 6.58
N GLU A 74 1.03 -5.13 7.63
CA GLU A 74 -0.27 -5.53 8.15
C GLU A 74 -1.37 -4.74 7.48
N LEU A 75 -2.42 -5.44 7.02
CA LEU A 75 -3.54 -4.78 6.33
C LEU A 75 -4.83 -4.90 7.11
N SER A 76 -5.42 -3.75 7.44
CA SER A 76 -6.71 -3.70 8.15
C SER A 76 -7.85 -3.68 7.13
N CYS A 77 -8.61 -4.77 7.07
CA CYS A 77 -9.71 -4.90 6.10
C CYS A 77 -10.79 -5.83 6.61
N GLU A 78 -11.91 -5.87 5.87
CA GLU A 78 -13.04 -6.73 6.22
C GLU A 78 -13.43 -7.62 5.04
N GLY A 79 -13.81 -8.86 5.33
CA GLY A 79 -14.22 -9.82 4.30
C GLY A 79 -15.03 -10.96 4.89
N ASP A 80 -15.73 -11.71 4.03
CA ASP A 80 -16.56 -12.82 4.47
C ASP A 80 -15.81 -14.16 4.48
N ASP A 81 -14.50 -14.15 4.12
CA ASP A 81 -13.71 -15.37 4.11
C ASP A 81 -12.21 -15.07 4.06
N GLU A 82 -11.41 -16.13 4.17
CA GLU A 82 -9.94 -16.03 4.15
C GLU A 82 -9.41 -15.50 2.82
N ASP A 83 -10.06 -15.93 1.72
CA ASP A 83 -9.64 -15.56 0.36
C ASP A 83 -9.82 -14.05 0.12
N THR A 84 -10.87 -13.46 0.73
CA THR A 84 -11.15 -12.04 0.56
C THR A 84 -9.95 -11.19 1.02
N ALA A 85 -9.38 -11.54 2.16
CA ALA A 85 -8.22 -10.82 2.71
C ALA A 85 -6.92 -11.40 2.16
N PHE A 86 -6.10 -10.54 1.51
CA PHE A 86 -4.83 -10.99 0.94
C PHE A 86 -3.76 -11.23 2.04
N PRO A 87 -2.80 -12.15 1.82
CA PRO A 87 -1.70 -12.43 2.82
C PRO A 87 -0.85 -11.17 3.10
N PRO A 88 -0.20 -11.06 4.29
CA PRO A 88 0.64 -9.87 4.64
C PRO A 88 1.63 -9.54 3.53
N LEU A 89 1.81 -8.25 3.27
CA LEU A 89 2.71 -7.79 2.19
C LEU A 89 4.18 -8.04 2.56
N HIS A 90 4.90 -8.70 1.66
CA HIS A 90 6.33 -8.99 1.88
C HIS A 90 7.19 -8.01 1.09
N TYR A 91 7.76 -7.03 1.80
CA TYR A 91 8.59 -6.01 1.17
C TYR A 91 9.82 -5.70 2.04
N GLU A 92 11.00 -5.76 1.42
CA GLU A 92 12.25 -5.44 2.10
C GLU A 92 12.67 -4.02 1.78
N LEU A 93 13.22 -3.33 2.80
CA LEU A 93 13.65 -1.94 2.63
C LEU A 93 14.92 -1.86 1.78
N PRO A 1 15.20 -6.04 -5.68
CA PRO A 1 13.84 -6.22 -5.13
C PRO A 1 13.30 -7.60 -5.51
N ALA A 2 12.07 -7.89 -5.10
CA ALA A 2 11.43 -9.18 -5.38
C ALA A 2 9.93 -9.03 -5.52
N GLY A 3 9.31 -9.97 -6.24
CA GLY A 3 7.86 -9.95 -6.45
C GLY A 3 7.46 -8.88 -7.46
N GLN A 4 6.20 -8.43 -7.39
CA GLN A 4 5.69 -7.41 -8.30
C GLN A 4 6.26 -6.02 -7.90
N PRO A 5 6.94 -5.28 -8.82
CA PRO A 5 7.52 -3.94 -8.50
C PRO A 5 6.43 -2.88 -8.32
N GLU A 6 6.72 -1.89 -7.46
CA GLU A 6 5.77 -0.81 -7.19
C GLU A 6 5.99 0.36 -8.14
N ARG A 7 4.91 0.75 -8.86
CA ARG A 7 5.00 1.86 -9.80
C ARG A 7 4.58 3.18 -9.12
N THR A 8 3.28 3.31 -8.80
CA THR A 8 2.76 4.49 -8.12
C THR A 8 1.53 4.16 -7.30
N LEU A 9 1.27 4.98 -6.28
CA LEU A 9 0.10 4.82 -5.44
C LEU A 9 -1.18 5.08 -6.24
N GLU A 10 -1.13 6.11 -7.11
CA GLU A 10 -2.26 6.45 -7.97
C GLU A 10 -2.57 5.25 -8.89
N SER A 11 -1.52 4.66 -9.46
CA SER A 11 -1.68 3.51 -10.35
C SER A 11 -2.27 2.32 -9.61
N LEU A 12 -1.74 2.04 -8.41
CA LEU A 12 -2.21 0.91 -7.59
C LEU A 12 -3.66 1.14 -7.16
N LEU A 13 -3.98 2.36 -6.76
CA LEU A 13 -5.33 2.72 -6.30
C LEU A 13 -6.33 2.64 -7.44
N ALA A 14 -6.02 3.33 -8.54
CA ALA A 14 -6.89 3.38 -9.71
C ALA A 14 -7.08 1.99 -10.33
N HIS A 15 -5.98 1.23 -10.39
CA HIS A 15 -6.00 -0.09 -11.01
C HIS A 15 -6.94 -1.06 -10.27
N LEU A 16 -6.85 -1.09 -8.93
CA LEU A 16 -7.70 -2.01 -8.15
C LEU A 16 -9.19 -1.66 -8.31
N GLN A 17 -9.51 -0.38 -8.15
CA GLN A 17 -10.89 0.10 -8.25
C GLN A 17 -11.45 -0.07 -9.66
N GLU A 18 -10.62 0.20 -10.68
CA GLU A 18 -11.09 0.15 -12.07
C GLU A 18 -11.01 -1.25 -12.69
N GLN A 19 -9.79 -1.81 -12.73
CA GLN A 19 -9.57 -3.12 -13.38
C GLN A 19 -10.24 -4.28 -12.66
N HIS A 20 -10.23 -4.28 -11.31
CA HIS A 20 -10.80 -5.42 -10.54
C HIS A 20 -12.06 -5.05 -9.78
N GLY A 21 -12.26 -3.74 -9.51
CA GLY A 21 -13.45 -3.29 -8.77
C GLY A 21 -13.42 -3.78 -7.32
N LEU A 22 -12.21 -4.02 -6.79
CA LEU A 22 -12.05 -4.51 -5.41
C LEU A 22 -11.91 -3.34 -4.44
N ARG A 23 -12.46 -3.53 -3.23
CA ARG A 23 -12.41 -2.51 -2.19
C ARG A 23 -10.96 -2.29 -1.75
N VAL A 24 -10.60 -1.02 -1.58
CA VAL A 24 -9.25 -0.64 -1.16
C VAL A 24 -9.14 -0.64 0.37
N ARG A 25 -8.11 -1.31 0.87
CA ARG A 25 -7.86 -1.45 2.31
C ARG A 25 -6.53 -0.84 2.72
N ILE A 26 -6.30 -0.72 4.03
CA ILE A 26 -5.09 -0.07 4.56
C ILE A 26 -3.94 -1.07 4.73
N LEU A 27 -2.78 -0.68 4.18
CA LEU A 27 -1.55 -1.44 4.34
C LEU A 27 -0.56 -0.62 5.17
N LEU A 28 -0.10 -1.20 6.27
CA LEU A 28 0.83 -0.50 7.18
C LEU A 28 1.97 -1.42 7.60
N HIS A 29 3.15 -0.82 7.87
CA HIS A 29 4.29 -1.62 8.32
C HIS A 29 5.41 -0.76 8.93
N GLY A 30 5.34 -0.59 10.25
CA GLY A 30 6.39 0.09 11.01
C GLY A 30 6.44 1.60 10.73
N SER A 31 6.86 1.94 9.49
CA SER A 31 7.05 3.34 9.11
C SER A 31 5.78 4.17 9.20
N ALA A 32 4.67 3.67 8.61
CA ALA A 32 3.43 4.44 8.60
C ALA A 32 2.19 3.63 8.18
N LEU A 33 1.03 4.30 8.25
CA LEU A 33 -0.25 3.75 7.84
C LEU A 33 -0.67 4.42 6.52
N LEU A 34 -0.83 3.60 5.48
CA LEU A 34 -1.21 4.09 4.15
C LEU A 34 -2.71 4.34 4.07
N TYR A 35 -3.08 5.52 3.57
CA TYR A 35 -4.49 5.90 3.46
C TYR A 35 -5.21 5.04 2.41
N ALA A 36 -6.43 4.63 2.74
CA ALA A 36 -7.23 3.80 1.85
C ALA A 36 -8.72 4.06 2.07
N ALA A 37 -9.17 3.83 3.31
CA ALA A 37 -10.57 4.06 3.67
C ALA A 37 -10.66 4.80 5.00
N GLY A 38 -11.62 5.73 5.10
CA GLY A 38 -11.81 6.52 6.31
C GLY A 38 -12.79 7.66 6.07
N TRP A 39 -12.88 8.58 7.04
CA TRP A 39 -13.78 9.72 6.95
C TRP A 39 -13.40 10.59 5.74
N SER A 40 -12.10 10.82 5.57
CA SER A 40 -11.59 11.63 4.46
C SER A 40 -11.86 10.93 3.12
N PRO A 41 -12.00 11.69 1.99
CA PRO A 41 -12.31 11.07 0.65
C PRO A 41 -11.17 10.20 0.12
N GLU A 42 -11.55 9.14 -0.59
CA GLU A 42 -10.60 8.19 -1.16
C GLU A 42 -9.72 8.85 -2.23
N LYS A 43 -10.32 9.73 -3.04
CA LYS A 43 -9.63 10.36 -4.16
C LYS A 43 -8.30 11.00 -3.73
N GLN A 44 -8.16 11.35 -2.44
CA GLN A 44 -6.93 11.94 -1.93
C GLN A 44 -5.78 10.97 -2.11
N ALA A 45 -6.02 9.69 -1.79
CA ALA A 45 -5.04 8.63 -1.98
C ALA A 45 -4.77 8.42 -3.47
N GLN A 46 -5.85 8.50 -4.25
CA GLN A 46 -5.79 8.27 -5.70
C GLN A 46 -4.92 9.33 -6.39
N HIS A 47 -5.06 10.56 -5.95
CA HIS A 47 -4.35 11.71 -6.55
C HIS A 47 -2.82 11.60 -6.40
N LEU A 48 -2.37 10.85 -5.39
CA LEU A 48 -0.93 10.75 -5.08
C LEU A 48 -0.14 10.04 -6.23
N PRO A 49 0.72 10.77 -6.99
CA PRO A 49 1.52 10.18 -8.10
C PRO A 49 2.99 9.86 -7.68
N LEU A 50 3.13 9.06 -6.61
CA LEU A 50 4.46 8.67 -6.11
C LEU A 50 4.52 7.14 -5.95
N ARG A 51 5.75 6.57 -5.97
CA ARG A 51 5.90 5.11 -5.81
C ARG A 51 5.25 4.67 -4.51
N VAL A 52 4.59 3.50 -4.54
CA VAL A 52 3.84 3.03 -3.38
C VAL A 52 4.76 2.84 -2.16
N THR A 53 5.88 2.13 -2.35
CA THR A 53 6.82 1.85 -1.26
C THR A 53 7.57 3.12 -0.83
N GLU A 54 8.05 3.89 -1.79
CA GLU A 54 8.80 5.11 -1.51
C GLU A 54 7.92 6.14 -0.82
N LEU A 55 6.66 6.24 -1.27
CA LEU A 55 5.73 7.22 -0.73
C LEU A 55 5.47 7.01 0.76
N VAL A 56 5.20 5.75 1.15
CA VAL A 56 4.93 5.45 2.56
C VAL A 56 6.14 5.76 3.45
N GLN A 57 7.34 5.42 2.96
CA GLN A 57 8.57 5.70 3.72
C GLN A 57 8.88 7.22 3.76
N GLN A 58 8.68 7.90 2.62
CA GLN A 58 8.95 9.34 2.51
C GLN A 58 7.99 10.16 3.36
N LEU A 59 6.70 9.77 3.36
CA LEU A 59 5.69 10.46 4.15
C LEU A 59 6.02 10.36 5.64
N THR A 60 6.51 9.19 6.06
CA THR A 60 6.93 8.97 7.44
C THR A 60 8.13 9.88 7.76
N GLY A 61 9.05 10.01 6.80
CA GLY A 61 10.25 10.83 6.98
C GLY A 61 11.53 9.96 7.09
N GLN A 62 11.40 8.64 6.87
CA GLN A 62 12.53 7.72 6.93
C GLN A 62 13.24 7.65 5.57
N ALA A 63 14.51 8.02 5.56
CA ALA A 63 15.31 7.99 4.33
C ALA A 63 15.65 6.53 3.94
N PRO A 64 15.39 6.09 2.68
CA PRO A 64 15.69 4.68 2.26
C PRO A 64 17.16 4.32 2.47
N ALA A 65 17.41 3.12 3.00
CA ALA A 65 18.77 2.65 3.26
C ALA A 65 19.46 2.18 1.96
N PRO A 66 20.81 2.29 1.86
CA PRO A 66 21.55 1.84 0.65
C PRO A 66 21.83 0.32 0.68
N GLY A 67 20.74 -0.47 0.67
CA GLY A 67 20.84 -1.93 0.72
C GLY A 67 19.46 -2.57 0.67
N GLN A 68 19.42 -3.90 0.87
CA GLN A 68 18.14 -4.62 0.85
C GLN A 68 17.57 -4.79 2.25
N ARG A 69 16.33 -4.34 2.43
CA ARG A 69 15.62 -4.45 3.70
C ARG A 69 14.38 -5.33 3.52
N VAL A 70 14.03 -6.12 4.55
CA VAL A 70 12.86 -6.99 4.50
C VAL A 70 11.74 -6.46 5.37
N LEU A 71 10.56 -6.30 4.75
CA LEU A 71 9.39 -5.76 5.46
C LEU A 71 8.16 -6.64 5.24
N VAL A 72 7.33 -6.74 6.28
CA VAL A 72 6.07 -7.50 6.20
C VAL A 72 4.90 -6.52 6.30
N LEU A 73 4.03 -6.55 5.28
CA LEU A 73 2.89 -5.61 5.24
C LEU A 73 1.64 -6.22 5.86
N GLU A 74 1.01 -5.46 6.75
CA GLU A 74 -0.22 -5.87 7.41
C GLU A 74 -1.41 -5.27 6.68
N LEU A 75 -2.44 -6.09 6.43
CA LEU A 75 -3.63 -5.63 5.69
C LEU A 75 -4.82 -5.45 6.63
N SER A 76 -5.17 -4.19 6.90
CA SER A 76 -6.29 -3.86 7.77
C SER A 76 -7.59 -3.75 6.97
N CYS A 77 -8.49 -4.73 7.18
CA CYS A 77 -9.79 -4.74 6.50
C CYS A 77 -10.78 -5.66 7.22
N GLU A 78 -12.06 -5.53 6.88
CA GLU A 78 -13.11 -6.36 7.46
C GLU A 78 -14.13 -6.77 6.39
N GLY A 79 -14.68 -7.98 6.53
CA GLY A 79 -15.66 -8.49 5.57
C GLY A 79 -15.92 -9.99 5.77
N ASP A 80 -16.64 -10.59 4.81
CA ASP A 80 -16.98 -12.02 4.85
C ASP A 80 -16.29 -12.80 3.73
N ASP A 81 -15.47 -13.83 4.13
CA ASP A 81 -14.72 -14.77 3.24
C ASP A 81 -13.23 -14.44 3.14
N GLU A 82 -12.46 -15.39 2.59
CA GLU A 82 -11.01 -15.24 2.42
C GLU A 82 -10.67 -14.02 1.54
N ASP A 83 -11.57 -13.71 0.60
CA ASP A 83 -11.38 -12.61 -0.34
C ASP A 83 -11.36 -11.24 0.39
N THR A 84 -11.81 -11.22 1.65
CA THR A 84 -11.87 -9.99 2.44
C THR A 84 -10.46 -9.44 2.73
N ALA A 85 -9.48 -10.36 2.88
CA ALA A 85 -8.11 -9.96 3.19
C ALA A 85 -7.10 -10.93 2.61
N PHE A 86 -5.89 -10.42 2.34
CA PHE A 86 -4.80 -11.23 1.82
C PHE A 86 -3.74 -11.47 2.93
N PRO A 87 -2.92 -12.54 2.84
CA PRO A 87 -1.87 -12.82 3.88
C PRO A 87 -0.75 -11.76 3.86
N PRO A 88 0.02 -11.59 4.96
CA PRO A 88 1.10 -10.54 5.02
C PRO A 88 2.01 -10.62 3.80
N LEU A 89 2.32 -9.45 3.23
CA LEU A 89 3.15 -9.36 2.04
C LEU A 89 4.61 -9.17 2.40
N HIS A 90 5.49 -9.92 1.72
CA HIS A 90 6.93 -9.80 1.92
C HIS A 90 7.55 -9.07 0.74
N TYR A 91 8.15 -7.91 1.00
CA TYR A 91 8.74 -7.09 -0.05
C TYR A 91 10.14 -6.64 0.36
N GLU A 92 11.11 -6.81 -0.55
CA GLU A 92 12.49 -6.40 -0.30
C GLU A 92 12.79 -5.07 -0.98
N LEU A 93 13.47 -4.18 -0.25
CA LEU A 93 13.80 -2.85 -0.78
C LEU A 93 14.93 -2.95 -1.80
N PRO A 1 13.60 -6.22 -4.68
CA PRO A 1 12.77 -6.45 -5.88
C PRO A 1 12.14 -7.84 -5.82
N ALA A 2 10.87 -7.90 -5.41
CA ALA A 2 10.15 -9.17 -5.30
C ALA A 2 8.66 -8.98 -5.54
N GLY A 3 8.01 -10.04 -6.05
CA GLY A 3 6.57 -10.00 -6.33
C GLY A 3 6.26 -8.98 -7.42
N GLN A 4 5.09 -8.33 -7.29
CA GLN A 4 4.66 -7.32 -8.26
C GLN A 4 5.45 -6.00 -8.06
N PRO A 5 5.99 -5.37 -9.15
CA PRO A 5 6.78 -4.11 -9.00
C PRO A 5 5.88 -2.92 -8.66
N GLU A 6 6.41 -1.99 -7.86
CA GLU A 6 5.66 -0.80 -7.44
C GLU A 6 5.90 0.36 -8.38
N ARG A 7 4.82 0.84 -9.00
CA ARG A 7 4.90 2.00 -9.91
C ARG A 7 4.64 3.30 -9.13
N THR A 8 3.40 3.45 -8.65
CA THR A 8 3.02 4.62 -7.85
C THR A 8 1.68 4.41 -7.17
N LEU A 9 1.44 5.16 -6.08
CA LEU A 9 0.22 5.03 -5.30
C LEU A 9 -1.02 5.36 -6.13
N GLU A 10 -0.94 6.42 -6.96
CA GLU A 10 -2.05 6.78 -7.85
C GLU A 10 -2.38 5.59 -8.77
N SER A 11 -1.34 4.99 -9.35
CA SER A 11 -1.52 3.84 -10.25
C SER A 11 -2.12 2.63 -9.53
N LEU A 12 -1.56 2.31 -8.36
CA LEU A 12 -2.01 1.14 -7.60
C LEU A 12 -3.46 1.28 -7.15
N LEU A 13 -3.80 2.44 -6.58
CA LEU A 13 -5.16 2.69 -6.10
C LEU A 13 -6.14 2.70 -7.26
N ALA A 14 -5.74 3.37 -8.35
CA ALA A 14 -6.56 3.47 -9.56
C ALA A 14 -6.77 2.10 -10.21
N HIS A 15 -5.72 1.28 -10.22
CA HIS A 15 -5.75 -0.02 -10.88
C HIS A 15 -6.83 -0.93 -10.27
N LEU A 16 -6.84 -1.05 -8.93
CA LEU A 16 -7.81 -1.92 -8.25
C LEU A 16 -9.25 -1.44 -8.44
N GLN A 17 -9.48 -0.13 -8.22
CA GLN A 17 -10.83 0.44 -8.33
C GLN A 17 -11.35 0.52 -9.78
N GLU A 18 -10.46 0.91 -10.71
CA GLU A 18 -10.84 1.13 -12.11
C GLU A 18 -11.16 -0.17 -12.87
N GLN A 19 -10.35 -1.22 -12.66
CA GLN A 19 -10.51 -2.46 -13.43
C GLN A 19 -11.28 -3.54 -12.68
N HIS A 20 -11.10 -3.60 -11.35
CA HIS A 20 -11.75 -4.63 -10.54
C HIS A 20 -12.94 -4.07 -9.73
N GLY A 21 -12.95 -2.75 -9.51
CA GLY A 21 -14.04 -2.12 -8.74
C GLY A 21 -14.08 -2.66 -7.31
N LEU A 22 -12.91 -3.06 -6.80
CA LEU A 22 -12.79 -3.64 -5.46
C LEU A 22 -12.25 -2.62 -4.47
N ARG A 23 -12.68 -2.78 -3.21
CA ARG A 23 -12.21 -1.91 -2.14
C ARG A 23 -10.72 -2.13 -1.90
N VAL A 24 -10.02 -1.09 -1.44
CA VAL A 24 -8.56 -1.18 -1.24
C VAL A 24 -8.22 -1.24 0.25
N ARG A 25 -7.38 -2.23 0.59
CA ARG A 25 -6.94 -2.45 1.97
C ARG A 25 -5.86 -1.45 2.36
N ILE A 26 -5.73 -1.15 3.67
CA ILE A 26 -4.67 -0.25 4.15
C ILE A 26 -3.42 -1.06 4.55
N LEU A 27 -2.27 -0.59 4.07
CA LEU A 27 -0.99 -1.20 4.40
C LEU A 27 -0.27 -0.32 5.41
N LEU A 28 -0.16 -0.80 6.65
CA LEU A 28 0.48 -0.04 7.73
C LEU A 28 1.37 -0.92 8.57
N HIS A 29 2.56 -0.40 8.92
CA HIS A 29 3.47 -1.16 9.80
C HIS A 29 4.69 -0.33 10.22
N GLY A 30 4.59 0.30 11.39
CA GLY A 30 5.70 1.06 11.97
C GLY A 30 5.94 2.35 11.22
N SER A 31 6.38 2.22 9.96
CA SER A 31 6.70 3.37 9.13
C SER A 31 5.53 4.34 9.03
N ALA A 32 4.41 3.88 8.43
CA ALA A 32 3.25 4.73 8.25
C ALA A 32 1.98 3.96 7.86
N LEU A 33 0.88 4.72 7.74
CA LEU A 33 -0.43 4.23 7.30
C LEU A 33 -0.88 5.11 6.12
N LEU A 34 -1.32 4.47 5.02
CA LEU A 34 -1.78 5.22 3.84
C LEU A 34 -3.25 4.97 3.57
N TYR A 35 -3.92 5.96 2.97
CA TYR A 35 -5.34 5.87 2.68
C TYR A 35 -5.60 5.01 1.46
N ALA A 36 -6.63 4.17 1.55
CA ALA A 36 -7.02 3.29 0.46
C ALA A 36 -8.54 3.28 0.33
N ALA A 37 -9.21 2.86 1.41
CA ALA A 37 -10.67 2.84 1.45
C ALA A 37 -11.16 3.36 2.79
N GLY A 38 -12.21 4.19 2.77
CA GLY A 38 -12.76 4.77 3.99
C GLY A 38 -13.77 5.87 3.70
N TRP A 39 -14.20 6.56 4.75
CA TRP A 39 -15.18 7.66 4.63
C TRP A 39 -14.60 8.83 3.84
N SER A 40 -13.29 9.09 4.02
CA SER A 40 -12.63 10.22 3.36
C SER A 40 -12.65 10.07 1.82
N PRO A 41 -12.68 11.18 1.04
CA PRO A 41 -12.71 11.12 -0.46
C PRO A 41 -11.54 10.33 -1.05
N GLU A 42 -11.83 9.58 -2.11
CA GLU A 42 -10.82 8.79 -2.82
C GLU A 42 -9.90 9.65 -3.67
N LYS A 43 -10.35 10.85 -4.03
CA LYS A 43 -9.54 11.76 -4.85
C LYS A 43 -8.21 12.05 -4.13
N GLN A 44 -8.30 12.21 -2.80
CA GLN A 44 -7.12 12.54 -2.00
C GLN A 44 -6.05 11.46 -2.16
N ALA A 45 -6.45 10.19 -1.97
CA ALA A 45 -5.53 9.06 -2.12
C ALA A 45 -5.15 8.81 -3.58
N GLN A 46 -6.15 8.92 -4.46
CA GLN A 46 -5.98 8.68 -5.90
C GLN A 46 -4.97 9.64 -6.51
N HIS A 47 -5.08 10.89 -6.13
CA HIS A 47 -4.26 11.97 -6.69
C HIS A 47 -2.77 11.86 -6.32
N LEU A 48 -2.44 11.08 -5.26
CA LEU A 48 -1.04 10.96 -4.80
C LEU A 48 -0.14 10.37 -5.93
N PRO A 49 0.78 11.18 -6.54
CA PRO A 49 1.67 10.70 -7.62
C PRO A 49 3.06 10.32 -7.11
N LEU A 50 3.10 9.72 -5.92
CA LEU A 50 4.38 9.30 -5.30
C LEU A 50 4.49 7.78 -5.32
N ARG A 51 5.74 7.28 -5.44
CA ARG A 51 5.98 5.83 -5.50
C ARG A 51 5.39 5.17 -4.26
N VAL A 52 4.81 3.98 -4.46
CA VAL A 52 4.10 3.28 -3.37
C VAL A 52 5.03 3.01 -2.17
N THR A 53 6.05 2.17 -2.39
CA THR A 53 6.97 1.77 -1.32
C THR A 53 7.78 2.98 -0.80
N GLU A 54 8.29 3.79 -1.73
CA GLU A 54 9.13 4.93 -1.34
C GLU A 54 8.33 5.91 -0.49
N LEU A 55 7.06 6.14 -0.87
CA LEU A 55 6.19 7.08 -0.15
C LEU A 55 6.03 6.67 1.31
N VAL A 56 5.82 5.37 1.54
CA VAL A 56 5.67 4.87 2.91
C VAL A 56 6.94 5.20 3.71
N GLN A 57 8.09 4.99 3.07
CA GLN A 57 9.39 5.28 3.68
C GLN A 57 9.58 6.80 3.91
N GLN A 58 9.14 7.61 2.94
CA GLN A 58 9.24 9.08 3.04
C GLN A 58 8.38 9.61 4.18
N LEU A 59 7.19 9.03 4.31
CA LEU A 59 6.23 9.44 5.34
C LEU A 59 6.77 9.20 6.76
N THR A 60 7.46 8.06 6.95
CA THR A 60 8.03 7.73 8.28
C THR A 60 9.26 8.60 8.64
N GLY A 61 9.72 9.43 7.68
CA GLY A 61 10.88 10.31 7.92
C GLY A 61 12.22 9.57 7.77
N GLN A 62 12.21 8.42 7.07
CA GLN A 62 13.42 7.62 6.85
C GLN A 62 13.82 7.66 5.37
N ALA A 63 15.15 7.55 5.12
CA ALA A 63 15.66 7.59 3.74
C ALA A 63 16.15 6.19 3.27
N PRO A 64 16.14 5.89 1.95
CA PRO A 64 16.60 4.56 1.42
C PRO A 64 18.05 4.27 1.77
N ALA A 65 18.36 2.98 1.96
CA ALA A 65 19.73 2.56 2.30
C ALA A 65 20.21 1.43 1.35
N PRO A 66 21.54 1.32 1.08
CA PRO A 66 22.08 0.26 0.16
C PRO A 66 21.74 -1.16 0.63
N GLY A 67 21.54 -2.06 -0.34
CA GLY A 67 21.21 -3.46 -0.04
C GLY A 67 19.71 -3.69 0.00
N GLN A 68 19.30 -4.98 -0.04
CA GLN A 68 17.89 -5.34 0.00
C GLN A 68 17.38 -5.44 1.43
N ARG A 69 16.18 -4.89 1.66
CA ARG A 69 15.57 -4.88 2.98
C ARG A 69 14.26 -5.67 2.99
N VAL A 70 13.90 -6.21 4.15
CA VAL A 70 12.66 -6.98 4.30
C VAL A 70 11.64 -6.18 5.10
N LEU A 71 10.49 -5.90 4.48
CA LEU A 71 9.42 -5.11 5.12
C LEU A 71 8.12 -5.89 5.17
N VAL A 72 7.37 -5.71 6.27
CA VAL A 72 6.06 -6.35 6.44
C VAL A 72 4.98 -5.29 6.64
N LEU A 73 3.86 -5.43 5.92
CA LEU A 73 2.73 -4.51 6.03
C LEU A 73 1.46 -5.25 6.40
N GLU A 74 0.72 -4.69 7.36
CA GLU A 74 -0.53 -5.29 7.81
C GLU A 74 -1.68 -4.79 6.95
N LEU A 75 -2.58 -5.71 6.59
CA LEU A 75 -3.74 -5.36 5.76
C LEU A 75 -4.96 -5.11 6.64
N SER A 76 -5.30 -3.83 6.82
CA SER A 76 -6.46 -3.45 7.63
C SER A 76 -7.71 -3.35 6.77
N CYS A 77 -8.60 -4.34 6.94
CA CYS A 77 -9.88 -4.41 6.23
C CYS A 77 -10.61 -5.71 6.59
N GLU A 78 -11.93 -5.64 6.77
CA GLU A 78 -12.73 -6.82 7.10
C GLU A 78 -12.81 -7.77 5.90
N GLY A 79 -12.71 -9.09 6.18
CA GLY A 79 -12.77 -10.10 5.11
C GLY A 79 -13.89 -11.11 5.39
N ASP A 80 -14.68 -11.39 4.34
CA ASP A 80 -15.79 -12.35 4.46
C ASP A 80 -15.29 -13.75 4.79
N ASP A 81 -14.18 -14.16 4.16
CA ASP A 81 -13.60 -15.48 4.39
C ASP A 81 -12.08 -15.41 4.51
N GLU A 82 -11.45 -16.56 4.78
CA GLU A 82 -10.00 -16.65 4.88
C GLU A 82 -9.34 -16.24 3.57
N ASP A 83 -9.95 -16.65 2.45
CA ASP A 83 -9.45 -16.33 1.12
C ASP A 83 -9.52 -14.83 0.85
N THR A 84 -10.58 -14.18 1.37
CA THR A 84 -10.78 -12.75 1.18
C THR A 84 -9.60 -11.97 1.79
N ALA A 85 -9.22 -12.35 3.01
CA ALA A 85 -8.10 -11.72 3.71
C ALA A 85 -6.78 -12.42 3.37
N PHE A 86 -5.71 -11.63 3.27
CA PHE A 86 -4.39 -12.17 2.94
C PHE A 86 -3.39 -12.03 4.13
N PRO A 87 -2.42 -12.96 4.28
CA PRO A 87 -1.38 -12.87 5.37
C PRO A 87 -0.53 -11.59 5.23
N PRO A 88 0.31 -11.23 6.24
CA PRO A 88 1.16 -10.00 6.17
C PRO A 88 1.90 -9.92 4.84
N LEU A 89 1.87 -8.73 4.23
CA LEU A 89 2.50 -8.51 2.94
C LEU A 89 4.03 -8.54 3.06
N HIS A 90 4.66 -9.43 2.28
CA HIS A 90 6.11 -9.54 2.28
C HIS A 90 6.68 -8.91 1.02
N TYR A 91 7.20 -7.68 1.16
CA TYR A 91 7.75 -6.94 0.03
C TYR A 91 9.23 -6.61 0.25
N GLU A 92 10.06 -6.91 -0.74
CA GLU A 92 11.50 -6.63 -0.67
C GLU A 92 11.84 -5.38 -1.47
N LEU A 93 12.87 -4.64 -1.04
CA LEU A 93 13.31 -3.42 -1.74
C LEU A 93 14.79 -3.49 -2.07
N PRO A 1 15.25 -4.76 -5.58
CA PRO A 1 13.81 -5.05 -5.41
C PRO A 1 13.54 -6.52 -5.69
N ALA A 2 12.28 -6.94 -5.53
CA ALA A 2 11.89 -8.33 -5.77
C ALA A 2 10.45 -8.41 -6.27
N GLY A 3 10.16 -9.48 -7.04
CA GLY A 3 8.83 -9.67 -7.60
C GLY A 3 8.42 -8.50 -8.49
N GLN A 4 7.21 -7.98 -8.27
CA GLN A 4 6.70 -6.85 -9.05
C GLN A 4 7.03 -5.51 -8.32
N PRO A 5 7.91 -4.64 -8.89
CA PRO A 5 8.27 -3.33 -8.24
C PRO A 5 7.10 -2.35 -8.28
N GLU A 6 7.04 -1.47 -7.27
CA GLU A 6 5.97 -0.48 -7.17
C GLU A 6 6.19 0.66 -8.18
N ARG A 7 5.12 1.04 -8.87
CA ARG A 7 5.19 2.11 -9.86
C ARG A 7 4.82 3.47 -9.22
N THR A 8 3.53 3.63 -8.88
CA THR A 8 3.04 4.84 -8.23
C THR A 8 1.84 4.52 -7.35
N LEU A 9 1.57 5.39 -6.39
CA LEU A 9 0.44 5.21 -5.49
C LEU A 9 -0.86 5.33 -6.27
N GLU A 10 -0.93 6.33 -7.15
CA GLU A 10 -2.10 6.54 -7.99
C GLU A 10 -2.35 5.30 -8.86
N SER A 11 -1.28 4.78 -9.47
CA SER A 11 -1.38 3.59 -10.31
C SER A 11 -1.83 2.37 -9.52
N LEU A 12 -1.28 2.19 -8.30
CA LEU A 12 -1.61 1.03 -7.47
C LEU A 12 -3.10 1.01 -7.13
N LEU A 13 -3.63 2.14 -6.67
CA LEU A 13 -5.06 2.25 -6.32
C LEU A 13 -5.94 2.20 -7.55
N ALA A 14 -5.53 2.91 -8.62
CA ALA A 14 -6.29 2.94 -9.87
C ALA A 14 -6.37 1.55 -10.49
N HIS A 15 -5.26 0.82 -10.45
CA HIS A 15 -5.18 -0.53 -11.02
C HIS A 15 -6.10 -1.51 -10.30
N LEU A 16 -6.14 -1.43 -8.96
CA LEU A 16 -6.97 -2.35 -8.18
C LEU A 16 -8.45 -2.20 -8.52
N GLN A 17 -8.95 -0.96 -8.51
CA GLN A 17 -10.35 -0.70 -8.85
C GLN A 17 -10.64 -0.88 -10.34
N GLU A 18 -9.72 -0.42 -11.19
CA GLU A 18 -9.90 -0.47 -12.65
C GLU A 18 -9.85 -1.89 -13.20
N GLN A 19 -8.91 -2.70 -12.69
CA GLN A 19 -8.71 -4.06 -13.18
C GLN A 19 -9.49 -5.10 -12.38
N HIS A 20 -9.61 -4.88 -11.06
CA HIS A 20 -10.27 -5.85 -10.19
C HIS A 20 -11.53 -5.30 -9.51
N GLY A 21 -11.65 -3.97 -9.44
CA GLY A 21 -12.82 -3.34 -8.78
C GLY A 21 -12.82 -3.65 -7.27
N LEU A 22 -11.62 -3.85 -6.72
CA LEU A 22 -11.45 -4.20 -5.31
C LEU A 22 -11.43 -2.94 -4.43
N ARG A 23 -12.14 -3.01 -3.29
CA ARG A 23 -12.19 -1.90 -2.35
C ARG A 23 -10.82 -1.68 -1.74
N VAL A 24 -10.57 -0.44 -1.28
CA VAL A 24 -9.26 -0.07 -0.73
C VAL A 24 -9.15 -0.45 0.76
N ARG A 25 -7.98 -0.94 1.13
CA ARG A 25 -7.70 -1.42 2.49
C ARG A 25 -6.49 -0.68 3.05
N ILE A 26 -6.26 -0.82 4.39
CA ILE A 26 -5.11 -0.16 5.01
C ILE A 26 -3.90 -1.10 4.95
N LEU A 27 -2.83 -0.57 4.35
CA LEU A 27 -1.58 -1.31 4.18
C LEU A 27 -0.49 -0.65 4.97
N LEU A 28 0.16 -1.42 5.85
CA LEU A 28 1.25 -0.87 6.68
C LEU A 28 2.45 -1.79 6.71
N HIS A 29 3.64 -1.18 6.71
CA HIS A 29 4.88 -1.93 6.77
C HIS A 29 6.00 -1.14 7.45
N GLY A 30 6.10 -1.30 8.77
CA GLY A 30 7.16 -0.69 9.56
C GLY A 30 6.99 0.83 9.71
N SER A 31 7.15 1.54 8.58
CA SER A 31 7.14 3.02 8.58
C SER A 31 5.76 3.63 8.88
N ALA A 32 4.72 3.19 8.13
CA ALA A 32 3.38 3.77 8.29
C ALA A 32 2.29 2.95 7.58
N LEU A 33 1.03 3.40 7.72
CA LEU A 33 -0.12 2.76 7.09
C LEU A 33 -0.66 3.62 5.92
N LEU A 34 -1.27 2.98 4.92
CA LEU A 34 -1.85 3.70 3.78
C LEU A 34 -3.25 4.17 4.15
N TYR A 35 -3.52 5.46 3.91
CA TYR A 35 -4.82 6.04 4.26
C TYR A 35 -5.92 5.58 3.30
N ALA A 36 -6.96 4.99 3.88
CA ALA A 36 -8.11 4.50 3.11
C ALA A 36 -9.37 4.54 3.97
N ALA A 37 -9.33 3.82 5.09
CA ALA A 37 -10.45 3.75 6.02
C ALA A 37 -10.62 5.09 6.75
N GLY A 38 -11.80 5.29 7.33
CA GLY A 38 -12.11 6.54 8.04
C GLY A 38 -13.19 7.37 7.32
N TRP A 39 -13.89 6.74 6.36
CA TRP A 39 -14.96 7.42 5.58
C TRP A 39 -14.39 8.56 4.73
N SER A 40 -13.08 8.51 4.44
CA SER A 40 -12.43 9.52 3.61
C SER A 40 -12.69 9.25 2.11
N PRO A 41 -12.71 10.28 1.24
CA PRO A 41 -12.95 10.10 -0.22
C PRO A 41 -11.77 9.36 -0.89
N GLU A 42 -12.12 8.47 -1.83
CA GLU A 42 -11.12 7.67 -2.54
C GLU A 42 -10.23 8.53 -3.44
N LYS A 43 -10.83 9.55 -4.07
CA LYS A 43 -10.10 10.42 -5.01
C LYS A 43 -8.81 10.95 -4.39
N GLN A 44 -8.86 11.26 -3.09
CA GLN A 44 -7.68 11.80 -2.41
C GLN A 44 -6.54 10.78 -2.44
N ALA A 45 -6.88 9.50 -2.22
CA ALA A 45 -5.88 8.44 -2.24
C ALA A 45 -5.34 8.23 -3.64
N GLN A 46 -6.23 8.24 -4.63
CA GLN A 46 -5.85 8.00 -6.03
C GLN A 46 -5.00 9.13 -6.57
N HIS A 47 -5.34 10.35 -6.20
CA HIS A 47 -4.67 11.55 -6.67
C HIS A 47 -3.16 11.55 -6.35
N LEU A 48 -2.75 10.78 -5.32
CA LEU A 48 -1.33 10.73 -4.93
C LEU A 48 -0.45 10.20 -6.09
N PRO A 49 0.37 11.05 -6.77
CA PRO A 49 1.23 10.62 -7.90
C PRO A 49 2.70 10.39 -7.50
N LEU A 50 2.91 9.70 -6.37
CA LEU A 50 4.28 9.40 -5.89
C LEU A 50 4.46 7.90 -5.71
N ARG A 51 5.71 7.43 -5.84
CA ARG A 51 6.02 5.99 -5.69
C ARG A 51 5.46 5.48 -4.38
N VAL A 52 4.87 4.28 -4.41
CA VAL A 52 4.17 3.73 -3.25
C VAL A 52 5.10 3.62 -2.02
N THR A 53 6.27 3.01 -2.22
CA THR A 53 7.21 2.79 -1.12
C THR A 53 7.95 4.07 -0.72
N GLU A 54 8.38 4.86 -1.72
CA GLU A 54 9.12 6.08 -1.45
C GLU A 54 8.24 7.09 -0.72
N LEU A 55 6.99 7.20 -1.16
CA LEU A 55 6.04 8.14 -0.57
C LEU A 55 5.80 7.81 0.91
N VAL A 56 5.58 6.51 1.19
CA VAL A 56 5.29 6.08 2.56
C VAL A 56 6.49 6.43 3.47
N GLN A 57 7.70 6.11 3.01
CA GLN A 57 8.92 6.40 3.78
C GLN A 57 9.15 7.91 3.93
N GLN A 58 8.92 8.65 2.85
CA GLN A 58 9.12 10.12 2.86
C GLN A 58 8.12 10.79 3.80
N LEU A 59 6.88 10.32 3.77
CA LEU A 59 5.84 10.88 4.66
C LEU A 59 6.21 10.67 6.12
N THR A 60 6.74 9.48 6.43
CA THR A 60 7.18 9.15 7.79
C THR A 60 8.49 9.86 8.15
N GLY A 61 9.25 10.29 7.13
CA GLY A 61 10.52 10.98 7.34
C GLY A 61 11.68 10.01 7.62
N GLN A 62 11.47 8.71 7.32
CA GLN A 62 12.50 7.69 7.55
C GLN A 62 13.08 7.20 6.22
N ALA A 63 14.41 7.35 6.06
CA ALA A 63 15.09 6.91 4.84
C ALA A 63 15.23 5.37 4.80
N PRO A 64 15.27 4.74 3.60
CA PRO A 64 15.41 3.25 3.47
C PRO A 64 16.82 2.78 3.84
N ALA A 65 16.92 1.55 4.38
CA ALA A 65 18.21 0.98 4.78
C ALA A 65 19.05 0.57 3.54
N PRO A 66 20.41 0.66 3.59
CA PRO A 66 21.28 0.25 2.44
C PRO A 66 21.09 -1.22 2.06
N GLY A 67 21.14 -1.51 0.75
CA GLY A 67 20.99 -2.88 0.25
C GLY A 67 19.53 -3.32 0.28
N GLN A 68 19.30 -4.61 0.03
CA GLN A 68 17.94 -5.17 0.05
C GLN A 68 17.49 -5.46 1.47
N ARG A 69 16.33 -4.91 1.83
CA ARG A 69 15.73 -5.11 3.15
C ARG A 69 14.41 -5.84 3.01
N VAL A 70 13.95 -6.49 4.09
CA VAL A 70 12.70 -7.25 4.05
C VAL A 70 11.60 -6.51 4.83
N LEU A 71 10.53 -6.16 4.12
CA LEU A 71 9.39 -5.47 4.71
C LEU A 71 8.13 -6.31 4.57
N VAL A 72 7.26 -6.24 5.58
CA VAL A 72 6.00 -6.99 5.57
C VAL A 72 4.82 -6.03 5.58
N LEU A 73 3.80 -6.37 4.80
CA LEU A 73 2.60 -5.54 4.68
C LEU A 73 1.42 -6.24 5.33
N GLU A 74 0.83 -5.56 6.32
CA GLU A 74 -0.34 -6.07 6.99
C GLU A 74 -1.59 -5.40 6.44
N LEU A 75 -2.62 -6.19 6.16
CA LEU A 75 -3.86 -5.67 5.62
C LEU A 75 -4.88 -5.50 6.73
N SER A 76 -5.10 -4.24 7.13
CA SER A 76 -6.06 -3.93 8.17
C SER A 76 -7.45 -3.70 7.58
N CYS A 77 -8.35 -4.65 7.87
CA CYS A 77 -9.73 -4.60 7.42
C CYS A 77 -10.50 -5.77 8.02
N GLU A 78 -11.28 -5.50 9.08
CA GLU A 78 -12.05 -6.54 9.78
C GLU A 78 -13.01 -7.26 8.83
N GLY A 79 -13.67 -8.30 9.35
CA GLY A 79 -14.61 -9.10 8.55
C GLY A 79 -14.45 -10.62 8.80
N ASP A 80 -13.37 -11.01 9.48
CA ASP A 80 -13.11 -12.43 9.80
C ASP A 80 -13.41 -13.38 8.62
N ASP A 81 -13.35 -12.85 7.39
CA ASP A 81 -13.59 -13.64 6.19
C ASP A 81 -12.42 -13.50 5.21
N GLU A 82 -12.21 -14.53 4.39
CA GLU A 82 -11.13 -14.50 3.40
C GLU A 82 -11.34 -13.35 2.42
N ASP A 83 -12.60 -13.13 2.03
CA ASP A 83 -12.96 -12.06 1.10
C ASP A 83 -12.74 -10.69 1.73
N THR A 84 -13.00 -10.59 3.04
CA THR A 84 -12.85 -9.33 3.78
C THR A 84 -11.42 -9.14 4.33
N ALA A 85 -10.63 -10.23 4.34
CA ALA A 85 -9.26 -10.17 4.84
C ALA A 85 -8.34 -11.05 4.00
N PHE A 86 -7.22 -10.48 3.57
CA PHE A 86 -6.24 -11.20 2.75
C PHE A 86 -4.89 -11.35 3.52
N PRO A 87 -4.03 -12.34 3.18
CA PRO A 87 -2.71 -12.54 3.88
C PRO A 87 -1.74 -11.38 3.61
N PRO A 88 -0.71 -11.17 4.46
CA PRO A 88 0.25 -10.03 4.29
C PRO A 88 1.13 -10.17 3.04
N LEU A 89 1.53 -9.02 2.48
CA LEU A 89 2.36 -8.99 1.27
C LEU A 89 3.84 -8.91 1.65
N HIS A 90 4.68 -9.61 0.88
CA HIS A 90 6.13 -9.61 1.10
C HIS A 90 6.84 -8.85 -0.02
N TYR A 91 7.49 -7.74 0.35
CA TYR A 91 8.20 -6.91 -0.62
C TYR A 91 9.54 -6.43 -0.05
N GLU A 92 10.61 -6.61 -0.84
CA GLU A 92 11.95 -6.16 -0.43
C GLU A 92 12.36 -4.90 -1.19
N LEU A 93 13.02 -3.96 -0.49
CA LEU A 93 13.47 -2.72 -1.11
C LEU A 93 14.95 -2.80 -1.47
N PRO A 1 14.88 -6.02 -5.84
CA PRO A 1 13.50 -6.00 -5.30
C PRO A 1 12.93 -7.41 -5.28
N ALA A 2 11.66 -7.54 -4.87
CA ALA A 2 10.99 -8.83 -4.80
C ALA A 2 9.50 -8.68 -5.07
N GLY A 3 8.89 -9.76 -5.58
CA GLY A 3 7.46 -9.75 -5.90
C GLY A 3 7.13 -8.67 -6.91
N GLN A 4 6.07 -7.89 -6.62
CA GLN A 4 5.63 -6.81 -7.50
C GLN A 4 6.45 -5.52 -7.24
N PRO A 5 7.14 -4.94 -8.26
CA PRO A 5 7.92 -3.67 -8.06
C PRO A 5 7.00 -2.48 -7.86
N GLU A 6 7.45 -1.48 -7.08
CA GLU A 6 6.64 -0.29 -6.82
C GLU A 6 6.53 0.57 -8.08
N ARG A 7 5.30 0.75 -8.58
CA ARG A 7 5.05 1.54 -9.79
C ARG A 7 4.73 2.99 -9.41
N THR A 8 3.56 3.19 -8.80
CA THR A 8 3.12 4.51 -8.33
C THR A 8 1.92 4.36 -7.39
N LEU A 9 1.84 5.22 -6.37
CA LEU A 9 0.73 5.17 -5.41
C LEU A 9 -0.60 5.46 -6.10
N GLU A 10 -0.63 6.47 -6.98
CA GLU A 10 -1.85 6.82 -7.71
C GLU A 10 -2.29 5.67 -8.62
N SER A 11 -1.32 5.03 -9.27
CA SER A 11 -1.59 3.92 -10.18
C SER A 11 -2.15 2.72 -9.44
N LEU A 12 -1.55 2.41 -8.27
CA LEU A 12 -1.96 1.23 -7.50
C LEU A 12 -3.43 1.34 -7.08
N LEU A 13 -3.81 2.50 -6.52
CA LEU A 13 -5.18 2.73 -6.07
C LEU A 13 -6.16 2.70 -7.24
N ALA A 14 -5.77 3.35 -8.34
CA ALA A 14 -6.59 3.41 -9.55
C ALA A 14 -6.75 2.03 -10.19
N HIS A 15 -5.66 1.26 -10.17
CA HIS A 15 -5.62 -0.05 -10.81
C HIS A 15 -6.68 -0.99 -10.21
N LEU A 16 -6.70 -1.08 -8.87
CA LEU A 16 -7.66 -1.96 -8.20
C LEU A 16 -9.10 -1.50 -8.43
N GLN A 17 -9.31 -0.18 -8.34
CA GLN A 17 -10.63 0.41 -8.50
C GLN A 17 -11.19 0.21 -9.92
N GLU A 18 -10.32 0.37 -10.93
CA GLU A 18 -10.76 0.28 -12.33
C GLU A 18 -10.73 -1.16 -12.88
N GLN A 19 -9.55 -1.78 -12.83
CA GLN A 19 -9.36 -3.13 -13.38
C GLN A 19 -10.16 -4.21 -12.63
N HIS A 20 -10.22 -4.10 -11.29
CA HIS A 20 -10.89 -5.15 -10.48
C HIS A 20 -12.24 -4.69 -9.95
N GLY A 21 -12.46 -3.36 -9.86
CA GLY A 21 -13.74 -2.82 -9.36
C GLY A 21 -13.96 -3.19 -7.88
N LEU A 22 -12.85 -3.37 -7.14
CA LEU A 22 -12.92 -3.76 -5.72
C LEU A 22 -12.37 -2.66 -4.82
N ARG A 23 -12.90 -2.60 -3.60
CA ARG A 23 -12.47 -1.61 -2.62
C ARG A 23 -11.03 -1.88 -2.18
N VAL A 24 -10.33 -0.81 -1.77
CA VAL A 24 -8.92 -0.92 -1.37
C VAL A 24 -8.77 -1.05 0.15
N ARG A 25 -7.82 -1.90 0.57
CA ARG A 25 -7.55 -2.15 1.98
C ARG A 25 -6.38 -1.29 2.47
N ILE A 26 -6.21 -1.20 3.80
CA ILE A 26 -5.13 -0.41 4.39
C ILE A 26 -3.89 -1.29 4.62
N LEU A 27 -2.73 -0.80 4.15
CA LEU A 27 -1.46 -1.54 4.30
C LEU A 27 -0.53 -0.79 5.23
N LEU A 28 -0.06 -1.48 6.28
CA LEU A 28 0.82 -0.83 7.30
C LEU A 28 1.98 -1.73 7.73
N HIS A 29 3.15 -1.10 7.95
CA HIS A 29 4.32 -1.82 8.47
C HIS A 29 5.34 -0.84 9.08
N GLY A 30 5.20 -0.60 10.38
CA GLY A 30 6.18 0.19 11.15
C GLY A 30 6.18 1.67 10.76
N SER A 31 6.65 1.95 9.55
CA SER A 31 6.82 3.31 9.06
C SER A 31 5.50 4.08 8.93
N ALA A 32 4.50 3.49 8.26
CA ALA A 32 3.22 4.17 8.06
C ALA A 32 2.13 3.22 7.54
N LEU A 33 0.92 3.79 7.32
CA LEU A 33 -0.21 3.03 6.79
C LEU A 33 -0.68 3.67 5.46
N LEU A 34 -1.24 2.84 4.57
CA LEU A 34 -1.75 3.33 3.28
C LEU A 34 -3.24 3.62 3.40
N TYR A 35 -3.61 4.90 3.29
CA TYR A 35 -5.01 5.31 3.38
C TYR A 35 -5.79 4.64 2.26
N ALA A 36 -6.88 3.96 2.62
CA ALA A 36 -7.69 3.23 1.64
C ALA A 36 -9.17 3.54 1.82
N ALA A 37 -9.70 3.24 3.01
CA ALA A 37 -11.11 3.48 3.31
C ALA A 37 -11.26 4.40 4.52
N GLY A 38 -12.24 5.30 4.44
CA GLY A 38 -12.49 6.26 5.51
C GLY A 38 -13.69 7.15 5.18
N TRP A 39 -13.98 8.10 6.08
CA TRP A 39 -15.10 9.01 5.89
C TRP A 39 -14.93 9.84 4.62
N SER A 40 -13.71 10.39 4.44
CA SER A 40 -13.41 11.24 3.29
C SER A 40 -13.33 10.41 1.98
N PRO A 41 -13.50 11.04 0.79
CA PRO A 41 -13.42 10.32 -0.52
C PRO A 41 -12.06 9.67 -0.75
N GLU A 42 -12.06 8.52 -1.42
CA GLU A 42 -10.83 7.78 -1.75
C GLU A 42 -9.92 8.58 -2.71
N LYS A 43 -10.49 9.59 -3.39
CA LYS A 43 -9.77 10.37 -4.39
C LYS A 43 -8.51 11.04 -3.81
N GLN A 44 -8.60 11.57 -2.58
CA GLN A 44 -7.47 12.27 -1.97
C GLN A 44 -6.21 11.37 -1.90
N ALA A 45 -6.41 10.05 -1.82
CA ALA A 45 -5.30 9.09 -1.78
C ALA A 45 -4.87 8.71 -3.20
N GLN A 46 -5.84 8.65 -4.11
CA GLN A 46 -5.62 8.26 -5.49
C GLN A 46 -4.73 9.27 -6.23
N HIS A 47 -4.94 10.56 -5.95
CA HIS A 47 -4.23 11.63 -6.67
C HIS A 47 -2.70 11.65 -6.39
N LEU A 48 -2.27 10.95 -5.32
CA LEU A 48 -0.84 10.95 -4.92
C LEU A 48 0.07 10.34 -6.02
N PRO A 49 0.90 11.16 -6.74
CA PRO A 49 1.85 10.64 -7.79
C PRO A 49 3.08 9.92 -7.20
N LEU A 50 3.25 10.03 -5.89
CA LEU A 50 4.42 9.46 -5.20
C LEU A 50 4.41 7.93 -5.26
N ARG A 51 5.61 7.33 -5.36
CA ARG A 51 5.73 5.87 -5.43
C ARG A 51 5.21 5.23 -4.15
N VAL A 52 4.59 4.06 -4.29
CA VAL A 52 3.98 3.36 -3.15
C VAL A 52 4.98 3.18 -1.98
N THR A 53 6.02 2.37 -2.21
CA THR A 53 7.01 2.08 -1.16
C THR A 53 7.80 3.34 -0.74
N GLU A 54 8.25 4.10 -1.74
CA GLU A 54 9.06 5.30 -1.47
C GLU A 54 8.28 6.33 -0.66
N LEU A 55 6.99 6.46 -0.98
CA LEU A 55 6.11 7.42 -0.29
C LEU A 55 6.06 7.11 1.20
N VAL A 56 5.83 5.84 1.54
CA VAL A 56 5.69 5.44 2.93
C VAL A 56 6.96 5.82 3.73
N GLN A 57 8.14 5.46 3.19
CA GLN A 57 9.41 5.75 3.87
C GLN A 57 9.74 7.26 3.88
N GLN A 58 9.51 7.95 2.75
CA GLN A 58 9.84 9.39 2.63
C GLN A 58 8.93 10.28 3.46
N LEU A 59 7.63 9.97 3.45
CA LEU A 59 6.64 10.78 4.19
C LEU A 59 6.88 10.71 5.70
N THR A 60 7.29 9.52 6.17
CA THR A 60 7.59 9.31 7.59
C THR A 60 8.88 10.03 8.02
N GLY A 61 9.68 10.50 7.04
CA GLY A 61 10.93 11.22 7.33
C GLY A 61 12.15 10.28 7.38
N GLN A 62 11.95 9.00 7.02
CA GLN A 62 13.05 8.02 7.01
C GLN A 62 13.50 7.73 5.59
N ALA A 63 14.76 8.07 5.29
CA ALA A 63 15.34 7.85 3.96
C ALA A 63 15.61 6.35 3.72
N PRO A 64 15.53 5.87 2.45
CA PRO A 64 15.80 4.43 2.14
C PRO A 64 17.20 3.99 2.61
N ALA A 65 17.28 2.78 3.17
CA ALA A 65 18.55 2.25 3.70
C ALA A 65 19.35 1.53 2.59
N PRO A 66 20.71 1.43 2.72
CA PRO A 66 21.56 0.72 1.72
C PRO A 66 21.39 -0.79 1.79
N GLY A 67 21.65 -1.48 0.67
CA GLY A 67 21.51 -2.94 0.61
C GLY A 67 20.05 -3.34 0.50
N GLN A 68 19.77 -4.64 0.69
CA GLN A 68 18.40 -5.15 0.61
C GLN A 68 17.76 -5.23 1.99
N ARG A 69 16.56 -4.67 2.10
CA ARG A 69 15.81 -4.67 3.35
C ARG A 69 14.51 -5.45 3.16
N VAL A 70 14.07 -6.18 4.20
CA VAL A 70 12.85 -6.99 4.10
C VAL A 70 11.71 -6.35 4.89
N LEU A 71 10.67 -5.92 4.17
CA LEU A 71 9.49 -5.31 4.77
C LEU A 71 8.24 -6.09 4.40
N VAL A 72 7.35 -6.30 5.38
CA VAL A 72 6.07 -7.00 5.13
C VAL A 72 4.90 -6.11 5.50
N LEU A 73 3.93 -6.00 4.58
CA LEU A 73 2.75 -5.17 4.82
C LEU A 73 1.54 -6.01 5.22
N GLU A 74 0.98 -5.67 6.39
CA GLU A 74 -0.20 -6.34 6.91
C GLU A 74 -1.44 -5.68 6.36
N LEU A 75 -2.46 -6.49 6.04
CA LEU A 75 -3.71 -5.96 5.47
C LEU A 75 -4.71 -5.68 6.59
N SER A 76 -4.87 -4.38 6.88
CA SER A 76 -5.80 -3.94 7.91
C SER A 76 -7.19 -3.69 7.30
N CYS A 77 -8.15 -4.54 7.68
CA CYS A 77 -9.52 -4.42 7.20
C CYS A 77 -10.51 -4.73 8.32
N GLU A 78 -11.44 -3.81 8.55
CA GLU A 78 -12.45 -3.98 9.61
C GLU A 78 -13.50 -5.00 9.21
N GLY A 79 -13.94 -5.80 10.19
CA GLY A 79 -14.95 -6.83 9.96
C GLY A 79 -14.50 -7.83 8.91
N ASP A 80 -15.44 -8.23 8.05
CA ASP A 80 -15.16 -9.18 6.98
C ASP A 80 -14.47 -10.44 7.52
N ASP A 81 -14.14 -11.38 6.62
CA ASP A 81 -13.48 -12.62 6.98
C ASP A 81 -12.03 -12.63 6.51
N GLU A 82 -11.20 -13.43 7.19
CA GLU A 82 -9.79 -13.55 6.85
C GLU A 82 -9.63 -14.08 5.42
N ASP A 83 -10.49 -15.04 5.03
CA ASP A 83 -10.43 -15.66 3.71
C ASP A 83 -10.77 -14.66 2.61
N THR A 84 -11.70 -13.74 2.89
CA THR A 84 -12.11 -12.72 1.90
C THR A 84 -10.98 -11.72 1.64
N ALA A 85 -10.13 -11.49 2.66
CA ALA A 85 -9.00 -10.58 2.54
C ALA A 85 -7.77 -11.31 2.01
N PHE A 86 -6.92 -10.58 1.28
CA PHE A 86 -5.71 -11.15 0.70
C PHE A 86 -4.66 -11.46 1.80
N PRO A 87 -3.73 -12.42 1.57
CA PRO A 87 -2.69 -12.79 2.59
C PRO A 87 -1.64 -11.66 2.79
N PRO A 88 -0.89 -11.65 3.90
CA PRO A 88 0.13 -10.59 4.18
C PRO A 88 1.11 -10.43 3.03
N LEU A 89 1.42 -9.16 2.71
CA LEU A 89 2.34 -8.85 1.61
C LEU A 89 3.80 -8.89 2.06
N HIS A 90 4.65 -9.42 1.18
CA HIS A 90 6.09 -9.50 1.45
C HIS A 90 6.87 -8.78 0.34
N TYR A 91 7.50 -7.66 0.68
CA TYR A 91 8.25 -6.86 -0.30
C TYR A 91 9.64 -6.49 0.22
N GLU A 92 10.67 -6.87 -0.55
CA GLU A 92 12.05 -6.56 -0.19
C GLU A 92 12.58 -5.43 -1.08
N LEU A 93 13.32 -4.49 -0.47
CA LEU A 93 13.89 -3.35 -1.20
C LEU A 93 15.42 -3.42 -1.20
N PRO A 1 15.03 -2.42 -1.30
CA PRO A 1 13.72 -3.02 -1.60
C PRO A 1 13.91 -4.32 -2.37
N ALA A 2 12.80 -4.98 -2.71
CA ALA A 2 12.84 -6.25 -3.44
C ALA A 2 11.64 -6.39 -4.37
N GLY A 3 11.79 -7.24 -5.39
CA GLY A 3 10.72 -7.48 -6.36
C GLY A 3 10.71 -6.41 -7.45
N GLN A 4 9.62 -6.37 -8.21
CA GLN A 4 9.46 -5.42 -9.30
C GLN A 4 9.20 -4.00 -8.73
N PRO A 5 9.84 -2.93 -9.28
CA PRO A 5 9.65 -1.53 -8.76
C PRO A 5 8.24 -1.03 -9.03
N GLU A 6 7.74 -0.18 -8.12
CA GLU A 6 6.39 0.37 -8.22
C GLU A 6 6.35 1.61 -9.09
N ARG A 7 5.19 1.88 -9.70
CA ARG A 7 5.03 3.05 -10.56
C ARG A 7 4.52 4.25 -9.73
N THR A 8 3.27 4.15 -9.24
CA THR A 8 2.68 5.20 -8.41
C THR A 8 1.43 4.72 -7.70
N LEU A 9 1.15 5.34 -6.56
CA LEU A 9 -0.01 4.97 -5.74
C LEU A 9 -1.30 5.15 -6.52
N GLU A 10 -1.39 6.24 -7.29
CA GLU A 10 -2.56 6.50 -8.11
C GLU A 10 -2.77 5.40 -9.15
N SER A 11 -1.69 4.90 -9.75
CA SER A 11 -1.80 3.85 -10.78
C SER A 11 -2.28 2.55 -10.16
N LEU A 12 -1.75 2.19 -8.98
CA LEU A 12 -2.16 0.95 -8.31
C LEU A 12 -3.59 1.07 -7.81
N LEU A 13 -3.92 2.23 -7.25
CA LEU A 13 -5.27 2.50 -6.75
C LEU A 13 -6.28 2.50 -7.89
N ALA A 14 -5.91 3.15 -9.00
CA ALA A 14 -6.77 3.22 -10.17
C ALA A 14 -7.06 1.82 -10.72
N HIS A 15 -6.04 0.96 -10.72
CA HIS A 15 -6.19 -0.41 -11.23
C HIS A 15 -7.21 -1.20 -10.41
N LEU A 16 -7.15 -1.08 -9.08
CA LEU A 16 -8.05 -1.83 -8.20
C LEU A 16 -9.52 -1.46 -8.44
N GLN A 17 -9.81 -0.15 -8.50
CA GLN A 17 -11.19 0.31 -8.75
C GLN A 17 -11.63 0.08 -10.19
N GLU A 18 -10.72 0.30 -11.14
CA GLU A 18 -11.07 0.15 -12.57
C GLU A 18 -11.22 -1.31 -12.98
N GLN A 19 -10.16 -2.09 -12.77
CA GLN A 19 -10.13 -3.51 -13.17
C GLN A 19 -11.04 -4.40 -12.33
N HIS A 20 -11.08 -4.15 -11.00
CA HIS A 20 -11.82 -5.05 -10.09
C HIS A 20 -13.03 -4.37 -9.42
N GLY A 21 -13.04 -3.04 -9.36
CA GLY A 21 -14.16 -2.32 -8.73
C GLY A 21 -14.25 -2.61 -7.23
N LEU A 22 -13.10 -2.93 -6.62
CA LEU A 22 -13.04 -3.26 -5.19
C LEU A 22 -12.22 -2.22 -4.42
N ARG A 23 -12.66 -1.92 -3.20
CA ARG A 23 -11.95 -0.97 -2.33
C ARG A 23 -10.62 -1.53 -1.91
N VAL A 24 -9.63 -0.65 -1.72
CA VAL A 24 -8.30 -1.08 -1.32
C VAL A 24 -8.17 -1.14 0.20
N ARG A 25 -7.45 -2.14 0.67
CA ARG A 25 -7.21 -2.36 2.09
C ARG A 25 -6.10 -1.44 2.60
N ILE A 26 -6.02 -1.28 3.92
CA ILE A 26 -4.99 -0.44 4.54
C ILE A 26 -3.79 -1.29 4.94
N LEU A 27 -2.61 -0.93 4.41
CA LEU A 27 -1.37 -1.64 4.72
C LEU A 27 -0.54 -0.82 5.70
N LEU A 28 -0.33 -1.37 6.90
CA LEU A 28 0.44 -0.67 7.93
C LEU A 28 1.41 -1.61 8.65
N HIS A 29 2.67 -1.16 8.79
CA HIS A 29 3.68 -1.94 9.54
C HIS A 29 5.01 -1.21 9.72
N GLY A 30 5.17 -0.57 10.88
CA GLY A 30 6.43 0.09 11.22
C GLY A 30 6.65 1.37 10.42
N SER A 31 6.86 1.21 9.11
CA SER A 31 7.11 2.34 8.23
C SER A 31 5.98 3.36 8.31
N ALA A 32 4.79 2.97 7.85
CA ALA A 32 3.64 3.87 7.87
C ALA A 32 2.34 3.12 7.62
N LEU A 33 1.24 3.88 7.72
CA LEU A 33 -0.11 3.37 7.48
C LEU A 33 -0.75 4.19 6.34
N LEU A 34 -1.19 3.50 5.28
CA LEU A 34 -1.82 4.18 4.14
C LEU A 34 -3.32 4.36 4.39
N TYR A 35 -3.82 5.57 4.17
CA TYR A 35 -5.24 5.87 4.36
C TYR A 35 -6.00 5.74 3.04
N ALA A 36 -7.01 4.87 3.04
CA ALA A 36 -7.84 4.64 1.85
C ALA A 36 -9.30 4.49 2.23
N ALA A 37 -9.59 3.45 3.03
CA ALA A 37 -10.95 3.20 3.51
C ALA A 37 -11.12 3.78 4.91
N GLY A 38 -12.07 4.71 5.03
CA GLY A 38 -12.34 5.38 6.31
C GLY A 38 -13.25 6.58 6.13
N TRP A 39 -13.28 7.46 7.13
CA TRP A 39 -14.12 8.65 7.09
C TRP A 39 -13.71 9.55 5.91
N SER A 40 -12.39 9.77 5.76
CA SER A 40 -11.88 10.62 4.68
C SER A 40 -12.11 9.95 3.30
N PRO A 41 -12.36 10.73 2.22
CA PRO A 41 -12.60 10.15 0.85
C PRO A 41 -11.43 9.30 0.37
N GLU A 42 -11.75 8.17 -0.25
CA GLU A 42 -10.74 7.24 -0.77
C GLU A 42 -9.97 7.88 -1.94
N LYS A 43 -10.69 8.64 -2.77
CA LYS A 43 -10.11 9.26 -3.97
C LYS A 43 -8.89 10.13 -3.61
N GLN A 44 -8.93 10.79 -2.45
CA GLN A 44 -7.83 11.69 -2.06
C GLN A 44 -6.52 10.90 -2.04
N ALA A 45 -6.60 9.67 -1.53
CA ALA A 45 -5.48 8.75 -1.55
C ALA A 45 -5.14 8.36 -3.00
N GLN A 46 -6.20 8.21 -3.83
CA GLN A 46 -6.03 7.77 -5.22
C GLN A 46 -5.25 8.81 -6.05
N HIS A 47 -5.56 10.07 -5.80
CA HIS A 47 -4.97 11.19 -6.57
C HIS A 47 -3.43 11.24 -6.44
N LEU A 48 -2.89 10.71 -5.33
CA LEU A 48 -1.44 10.78 -5.08
C LEU A 48 -0.62 10.22 -6.29
N PRO A 49 0.13 11.06 -7.04
CA PRO A 49 0.94 10.62 -8.21
C PRO A 49 2.43 10.36 -7.86
N LEU A 50 2.67 9.59 -6.79
CA LEU A 50 4.04 9.27 -6.36
C LEU A 50 4.24 7.76 -6.25
N ARG A 51 5.50 7.29 -6.45
CA ARG A 51 5.81 5.85 -6.36
C ARG A 51 5.26 5.27 -5.07
N VAL A 52 4.67 4.08 -5.17
CA VAL A 52 4.02 3.44 -4.02
C VAL A 52 5.00 3.25 -2.82
N THR A 53 6.01 2.40 -3.03
CA THR A 53 6.96 2.06 -1.96
C THR A 53 7.81 3.28 -1.55
N GLU A 54 8.32 4.02 -2.53
CA GLU A 54 9.18 5.17 -2.27
C GLU A 54 8.43 6.26 -1.49
N LEU A 55 7.16 6.46 -1.84
CA LEU A 55 6.34 7.49 -1.16
C LEU A 55 6.22 7.17 0.33
N VAL A 56 5.98 5.91 0.65
CA VAL A 56 5.82 5.49 2.05
C VAL A 56 7.10 5.83 2.83
N GLN A 57 8.25 5.47 2.26
CA GLN A 57 9.55 5.72 2.89
C GLN A 57 9.86 7.24 2.97
N GLN A 58 9.53 7.97 1.89
CA GLN A 58 9.79 9.43 1.86
C GLN A 58 8.96 10.14 2.90
N LEU A 59 7.70 9.72 3.03
CA LEU A 59 6.80 10.29 4.03
C LEU A 59 7.37 10.07 5.44
N THR A 60 7.94 8.88 5.64
CA THR A 60 8.55 8.52 6.93
C THR A 60 10.00 9.06 7.05
N GLY A 61 10.57 9.53 5.93
CA GLY A 61 11.94 10.07 5.92
C GLY A 61 13.01 8.97 5.82
N GLN A 62 12.59 7.73 5.53
CA GLN A 62 13.52 6.60 5.40
C GLN A 62 14.31 6.67 4.10
N ALA A 63 15.58 6.22 4.16
CA ALA A 63 16.46 6.21 2.98
C ALA A 63 16.79 4.76 2.54
N PRO A 64 16.39 4.32 1.32
CA PRO A 64 16.68 2.91 0.84
C PRO A 64 18.18 2.61 0.84
N ALA A 65 18.53 1.36 1.21
CA ALA A 65 19.93 0.92 1.24
C ALA A 65 20.10 -0.47 0.59
N PRO A 66 21.30 -0.82 0.10
CA PRO A 66 21.55 -2.17 -0.56
C PRO A 66 21.12 -3.32 0.34
N GLY A 67 21.39 -3.18 1.65
CA GLY A 67 21.01 -4.20 2.63
C GLY A 67 19.68 -3.86 3.26
N GLN A 68 18.60 -4.13 2.52
CA GLN A 68 17.25 -3.81 2.98
C GLN A 68 16.67 -4.92 3.86
N ARG A 69 16.13 -4.50 5.01
CA ARG A 69 15.46 -5.42 5.93
C ARG A 69 14.27 -6.05 5.24
N VAL A 70 13.67 -7.07 5.86
CA VAL A 70 12.50 -7.74 5.30
C VAL A 70 11.28 -7.31 6.11
N LEU A 71 10.34 -6.65 5.42
CA LEU A 71 9.17 -6.09 6.07
C LEU A 71 7.92 -6.87 5.72
N VAL A 72 7.06 -7.08 6.72
CA VAL A 72 5.77 -7.74 6.51
C VAL A 72 4.67 -6.73 6.80
N LEU A 73 3.86 -6.43 5.79
CA LEU A 73 2.80 -5.42 5.92
C LEU A 73 1.50 -6.07 6.36
N GLU A 74 0.79 -5.40 7.26
CA GLU A 74 -0.49 -5.89 7.78
C GLU A 74 -1.63 -5.40 6.90
N LEU A 75 -2.41 -6.33 6.34
CA LEU A 75 -3.54 -5.97 5.50
C LEU A 75 -4.81 -5.86 6.34
N SER A 76 -5.23 -4.62 6.59
CA SER A 76 -6.44 -4.36 7.39
C SER A 76 -7.68 -4.33 6.52
N CYS A 77 -8.53 -5.34 6.68
CA CYS A 77 -9.77 -5.45 5.92
C CYS A 77 -10.96 -5.62 6.86
N GLU A 78 -11.98 -4.76 6.69
CA GLU A 78 -13.16 -4.79 7.57
C GLU A 78 -14.45 -4.74 6.74
N GLY A 79 -15.45 -5.50 7.19
CA GLY A 79 -16.77 -5.54 6.52
C GLY A 79 -16.81 -6.54 5.34
N ASP A 80 -15.69 -7.24 5.10
CA ASP A 80 -15.61 -8.22 4.01
C ASP A 80 -15.44 -9.64 4.55
N ASP A 81 -15.73 -10.63 3.70
CA ASP A 81 -15.61 -12.03 4.08
C ASP A 81 -14.16 -12.42 4.32
N GLU A 82 -13.96 -13.56 5.00
CA GLU A 82 -12.62 -14.05 5.33
C GLU A 82 -11.81 -14.31 4.05
N ASP A 83 -12.49 -14.83 3.03
CA ASP A 83 -11.83 -15.12 1.74
C ASP A 83 -11.40 -13.82 1.04
N THR A 84 -12.18 -12.75 1.24
CA THR A 84 -11.90 -11.45 0.63
C THR A 84 -10.52 -10.94 1.06
N ALA A 85 -10.17 -11.17 2.33
CA ALA A 85 -8.89 -10.69 2.87
C ALA A 85 -7.77 -11.69 2.58
N PHE A 86 -6.57 -11.15 2.35
CA PHE A 86 -5.40 -11.97 2.00
C PHE A 86 -4.35 -11.96 3.15
N PRO A 87 -3.43 -12.96 3.21
CA PRO A 87 -2.40 -13.04 4.29
C PRO A 87 -1.35 -11.89 4.21
N PRO A 88 -0.49 -11.73 5.24
CA PRO A 88 0.52 -10.61 5.29
C PRO A 88 1.36 -10.53 4.01
N LEU A 89 1.65 -9.29 3.58
CA LEU A 89 2.41 -9.03 2.36
C LEU A 89 3.91 -8.93 2.67
N HIS A 90 4.72 -9.65 1.87
CA HIS A 90 6.18 -9.64 2.04
C HIS A 90 6.82 -8.55 1.17
N TYR A 91 7.18 -7.44 1.80
CA TYR A 91 7.78 -6.29 1.10
C TYR A 91 9.05 -5.81 1.82
N GLU A 92 10.04 -5.36 1.02
CA GLU A 92 11.28 -4.80 1.58
C GLU A 92 11.28 -3.28 1.42
N LEU A 93 11.73 -2.57 2.46
CA LEU A 93 11.74 -1.10 2.44
C LEU A 93 12.82 -0.57 1.47
N PRO A 1 6.47 -10.68 -2.92
CA PRO A 1 7.66 -9.87 -3.29
C PRO A 1 7.58 -9.50 -4.77
N ALA A 2 8.15 -8.35 -5.12
CA ALA A 2 8.15 -7.88 -6.52
C ALA A 2 9.57 -7.80 -7.06
N GLY A 3 9.73 -8.19 -8.32
CA GLY A 3 11.04 -8.16 -8.98
C GLY A 3 11.28 -6.86 -9.76
N GLN A 4 10.30 -5.94 -9.76
CA GLN A 4 10.43 -4.67 -10.48
C GLN A 4 10.06 -3.46 -9.57
N PRO A 5 10.69 -2.28 -9.77
CA PRO A 5 10.38 -1.05 -8.95
C PRO A 5 8.91 -0.63 -9.07
N GLU A 6 8.36 -0.11 -7.97
CA GLU A 6 6.98 0.38 -7.96
C GLU A 6 6.87 1.67 -8.75
N ARG A 7 5.71 1.88 -9.40
CA ARG A 7 5.50 3.08 -10.23
C ARG A 7 4.91 4.24 -9.43
N THR A 8 3.64 4.12 -9.01
CA THR A 8 2.98 5.16 -8.22
C THR A 8 1.91 4.59 -7.31
N LEU A 9 1.66 5.29 -6.21
CA LEU A 9 0.61 4.89 -5.26
C LEU A 9 -0.76 4.97 -5.94
N GLU A 10 -0.98 6.04 -6.71
CA GLU A 10 -2.22 6.22 -7.44
C GLU A 10 -2.44 5.06 -8.43
N SER A 11 -1.36 4.69 -9.13
CA SER A 11 -1.44 3.60 -10.11
C SER A 11 -1.82 2.28 -9.44
N LEU A 12 -1.14 1.96 -8.33
CA LEU A 12 -1.38 0.70 -7.62
C LEU A 12 -2.83 0.62 -7.08
N LEU A 13 -3.26 1.69 -6.38
CA LEU A 13 -4.62 1.71 -5.80
C LEU A 13 -5.69 1.79 -6.88
N ALA A 14 -5.48 2.67 -7.86
CA ALA A 14 -6.43 2.87 -8.96
C ALA A 14 -6.58 1.60 -9.80
N HIS A 15 -5.45 0.92 -10.05
CA HIS A 15 -5.43 -0.28 -10.87
C HIS A 15 -6.25 -1.41 -10.25
N LEU A 16 -6.07 -1.64 -8.93
CA LEU A 16 -6.79 -2.72 -8.25
C LEU A 16 -8.30 -2.48 -8.29
N GLN A 17 -8.70 -1.24 -8.00
CA GLN A 17 -10.13 -0.88 -7.99
C GLN A 17 -10.72 -0.83 -9.42
N GLU A 18 -9.87 -0.58 -10.42
CA GLU A 18 -10.33 -0.43 -11.80
C GLU A 18 -10.38 -1.76 -12.57
N GLN A 19 -9.22 -2.43 -12.73
CA GLN A 19 -9.16 -3.66 -13.54
C GLN A 19 -9.30 -4.96 -12.75
N HIS A 20 -9.07 -4.92 -11.41
CA HIS A 20 -9.20 -6.16 -10.60
C HIS A 20 -10.58 -6.27 -9.92
N GLY A 21 -11.35 -5.17 -9.92
CA GLY A 21 -12.69 -5.16 -9.33
C GLY A 21 -12.63 -5.43 -7.81
N LEU A 22 -11.53 -5.01 -7.17
CA LEU A 22 -11.33 -5.25 -5.75
C LEU A 22 -11.43 -3.94 -4.96
N ARG A 23 -11.99 -4.03 -3.76
CA ARG A 23 -12.14 -2.87 -2.87
C ARG A 23 -10.80 -2.42 -2.33
N VAL A 24 -10.71 -1.14 -1.96
CA VAL A 24 -9.46 -0.57 -1.45
C VAL A 24 -9.34 -0.82 0.05
N ARG A 25 -8.12 -1.19 0.48
CA ARG A 25 -7.84 -1.50 1.88
C ARG A 25 -6.69 -0.64 2.40
N ILE A 26 -6.58 -0.56 3.73
CA ILE A 26 -5.53 0.24 4.37
C ILE A 26 -4.31 -0.63 4.65
N LEU A 27 -3.15 -0.19 4.13
CA LEU A 27 -1.88 -0.89 4.34
C LEU A 27 -1.01 -0.10 5.30
N LEU A 28 -0.62 -0.75 6.40
CA LEU A 28 0.22 -0.10 7.41
C LEU A 28 1.33 -1.03 7.87
N HIS A 29 2.56 -0.50 7.99
CA HIS A 29 3.68 -1.32 8.45
C HIS A 29 4.85 -0.47 8.98
N GLY A 30 4.82 -0.20 10.29
CA GLY A 30 5.93 0.49 10.98
C GLY A 30 6.05 1.96 10.57
N SER A 31 6.45 2.17 9.30
CA SER A 31 6.70 3.50 8.77
C SER A 31 5.47 4.39 8.82
N ALA A 32 4.33 3.88 8.31
CA ALA A 32 3.10 4.69 8.29
C ALA A 32 1.85 3.86 7.97
N LEU A 33 0.69 4.48 8.19
CA LEU A 33 -0.61 3.90 7.85
C LEU A 33 -1.24 4.71 6.73
N LEU A 34 -1.56 4.06 5.61
CA LEU A 34 -2.16 4.72 4.45
C LEU A 34 -3.66 4.93 4.65
N TYR A 35 -4.19 5.99 4.06
CA TYR A 35 -5.61 6.31 4.16
C TYR A 35 -6.34 5.97 2.87
N ALA A 36 -7.45 5.22 2.99
CA ALA A 36 -8.25 4.84 1.84
C ALA A 36 -9.74 5.01 2.15
N ALA A 37 -10.25 4.19 3.09
CA ALA A 37 -11.65 4.27 3.51
C ALA A 37 -11.75 4.87 4.90
N GLY A 38 -12.64 5.85 5.06
CA GLY A 38 -12.84 6.51 6.34
C GLY A 38 -13.51 7.87 6.17
N TRP A 39 -13.33 8.74 7.17
CA TRP A 39 -13.92 10.07 7.16
C TRP A 39 -13.43 10.88 5.96
N SER A 40 -12.11 10.81 5.69
CA SER A 40 -11.51 11.56 4.59
C SER A 40 -11.97 11.02 3.21
N PRO A 41 -11.99 11.85 2.15
CA PRO A 41 -12.41 11.40 0.77
C PRO A 41 -11.54 10.27 0.20
N GLU A 42 -12.19 9.34 -0.50
CA GLU A 42 -11.50 8.22 -1.15
C GLU A 42 -10.63 8.72 -2.32
N LYS A 43 -11.16 9.71 -3.06
CA LYS A 43 -10.51 10.22 -4.27
C LYS A 43 -9.10 10.77 -3.98
N GLN A 44 -8.95 11.57 -2.92
CA GLN A 44 -7.66 12.17 -2.60
C GLN A 44 -6.63 11.10 -2.19
N ALA A 45 -7.11 10.02 -1.55
CA ALA A 45 -6.23 8.94 -1.09
C ALA A 45 -5.53 8.28 -2.28
N GLN A 46 -6.31 7.99 -3.34
CA GLN A 46 -5.74 7.39 -4.55
C GLN A 46 -5.07 8.42 -5.46
N HIS A 47 -5.53 9.67 -5.37
CA HIS A 47 -5.00 10.76 -6.20
C HIS A 47 -3.48 11.00 -5.98
N LEU A 48 -2.90 10.36 -4.93
CA LEU A 48 -1.48 10.57 -4.61
C LEU A 48 -0.56 10.10 -5.77
N PRO A 49 0.14 11.03 -6.49
CA PRO A 49 1.06 10.67 -7.60
C PRO A 49 2.52 10.51 -7.13
N LEU A 50 2.71 9.73 -6.06
CA LEU A 50 4.04 9.48 -5.51
C LEU A 50 4.35 7.99 -5.50
N ARG A 51 5.62 7.63 -5.77
CA ARG A 51 6.02 6.22 -5.82
C ARG A 51 5.61 5.50 -4.55
N VAL A 52 5.13 4.25 -4.69
CA VAL A 52 4.59 3.51 -3.55
C VAL A 52 5.66 3.31 -2.44
N THR A 53 6.84 2.84 -2.83
CA THR A 53 7.90 2.54 -1.86
C THR A 53 8.55 3.81 -1.29
N GLU A 54 8.88 4.75 -2.17
CA GLU A 54 9.50 6.01 -1.74
C GLU A 54 8.56 6.84 -0.88
N LEU A 55 7.27 6.82 -1.23
CA LEU A 55 6.27 7.60 -0.49
C LEU A 55 6.22 7.15 0.97
N VAL A 56 6.14 5.83 1.20
CA VAL A 56 6.02 5.31 2.56
C VAL A 56 7.26 5.70 3.41
N GLN A 57 8.45 5.44 2.86
CA GLN A 57 9.69 5.72 3.58
C GLN A 57 9.96 7.23 3.72
N GLN A 58 9.70 7.99 2.65
CA GLN A 58 9.95 9.45 2.63
C GLN A 58 9.02 10.21 3.58
N LEU A 59 7.74 9.82 3.60
CA LEU A 59 6.76 10.48 4.48
C LEU A 59 7.13 10.25 5.93
N THR A 60 7.51 9.01 6.25
CA THR A 60 7.94 8.65 7.58
C THR A 60 9.27 9.34 7.91
N GLY A 61 10.17 9.39 6.91
CA GLY A 61 11.50 10.00 7.08
C GLY A 61 12.63 8.96 7.06
N GLN A 62 12.28 7.68 6.86
CA GLN A 62 13.30 6.60 6.80
C GLN A 62 13.79 6.40 5.38
N ALA A 63 14.95 5.73 5.25
CA ALA A 63 15.55 5.49 3.93
C ALA A 63 15.84 3.98 3.72
N PRO A 64 15.87 3.48 2.46
CA PRO A 64 16.14 2.02 2.18
C PRO A 64 17.59 1.63 2.46
N ALA A 65 17.78 0.36 2.85
CA ALA A 65 19.12 -0.16 3.15
C ALA A 65 19.87 -0.53 1.85
N PRO A 66 21.22 -0.56 1.85
CA PRO A 66 22.03 -0.92 0.63
C PRO A 66 21.64 -2.30 0.07
N GLY A 67 21.38 -3.23 0.97
CA GLY A 67 20.99 -4.60 0.58
C GLY A 67 19.47 -4.71 0.45
N GLN A 68 18.97 -5.94 0.29
CA GLN A 68 17.54 -6.19 0.18
C GLN A 68 16.87 -6.14 1.54
N ARG A 69 15.73 -5.47 1.61
CA ARG A 69 14.98 -5.33 2.86
C ARG A 69 13.62 -6.00 2.71
N VAL A 70 13.17 -6.66 3.79
CA VAL A 70 11.88 -7.36 3.76
C VAL A 70 10.85 -6.61 4.62
N LEU A 71 9.76 -6.18 3.96
CA LEU A 71 8.69 -5.45 4.63
C LEU A 71 7.40 -6.26 4.59
N VAL A 72 6.66 -6.23 5.70
CA VAL A 72 5.37 -6.92 5.81
C VAL A 72 4.25 -5.89 5.89
N LEU A 73 3.26 -6.02 5.00
CA LEU A 73 2.15 -5.07 4.95
C LEU A 73 0.89 -5.69 5.56
N GLU A 74 0.28 -4.96 6.49
CA GLU A 74 -0.93 -5.41 7.16
C GLU A 74 -2.16 -4.82 6.46
N LEU A 75 -3.11 -5.70 6.10
CA LEU A 75 -4.32 -5.26 5.40
C LEU A 75 -5.47 -5.04 6.40
N SER A 76 -5.74 -3.78 6.71
CA SER A 76 -6.82 -3.42 7.61
C SER A 76 -8.11 -3.18 6.84
N CYS A 77 -9.09 -4.07 7.02
CA CYS A 77 -10.37 -3.95 6.33
C CYS A 77 -11.51 -4.52 7.18
N GLU A 78 -12.74 -4.20 6.80
CA GLU A 78 -13.92 -4.67 7.52
C GLU A 78 -14.43 -5.99 6.94
N GLY A 79 -14.71 -6.95 7.82
CA GLY A 79 -15.22 -8.26 7.42
C GLY A 79 -15.49 -9.14 8.63
N ASP A 80 -16.21 -10.24 8.41
CA ASP A 80 -16.54 -11.19 9.48
C ASP A 80 -15.55 -12.36 9.52
N ASP A 81 -15.05 -12.76 8.34
CA ASP A 81 -14.12 -13.88 8.23
C ASP A 81 -12.76 -13.42 7.70
N GLU A 82 -11.70 -14.09 8.16
CA GLU A 82 -10.33 -13.78 7.73
C GLU A 82 -10.10 -14.12 6.24
N ASP A 83 -10.94 -15.01 5.69
CA ASP A 83 -10.80 -15.43 4.29
C ASP A 83 -11.08 -14.26 3.34
N THR A 84 -12.01 -13.38 3.75
CA THR A 84 -12.36 -12.21 2.93
C THR A 84 -11.15 -11.28 2.77
N ALA A 85 -10.25 -11.28 3.76
CA ALA A 85 -9.03 -10.48 3.72
C ALA A 85 -7.87 -11.31 3.18
N PHE A 86 -7.07 -10.69 2.29
CA PHE A 86 -5.94 -11.38 1.68
C PHE A 86 -4.80 -11.62 2.70
N PRO A 87 -3.99 -12.70 2.54
CA PRO A 87 -2.84 -12.99 3.48
C PRO A 87 -1.84 -11.81 3.51
N PRO A 88 -1.10 -11.61 4.63
CA PRO A 88 -0.12 -10.47 4.73
C PRO A 88 0.81 -10.42 3.52
N LEU A 89 1.01 -9.22 3.01
CA LEU A 89 1.84 -9.00 1.82
C LEU A 89 3.31 -8.78 2.19
N HIS A 90 4.20 -9.28 1.32
CA HIS A 90 5.64 -9.14 1.51
C HIS A 90 6.26 -8.32 0.38
N TYR A 91 6.70 -7.10 0.71
CA TYR A 91 7.31 -6.20 -0.27
C TYR A 91 8.82 -6.06 -0.04
N GLU A 92 9.61 -6.64 -0.96
CA GLU A 92 11.07 -6.55 -0.89
C GLU A 92 11.60 -5.59 -1.94
N LEU A 93 12.68 -4.87 -1.62
CA LEU A 93 13.29 -3.91 -2.55
C LEU A 93 14.80 -4.12 -2.63
N PRO A 1 14.05 -9.20 -3.13
CA PRO A 1 13.34 -8.28 -4.04
C PRO A 1 11.82 -8.48 -3.89
N ALA A 2 11.06 -7.76 -4.71
CA ALA A 2 9.60 -7.85 -4.69
C ALA A 2 9.10 -8.67 -5.86
N GLY A 3 7.90 -9.24 -5.72
CA GLY A 3 7.30 -10.08 -6.76
C GLY A 3 7.11 -9.30 -8.06
N GLN A 4 6.70 -8.03 -7.92
CA GLN A 4 6.48 -7.16 -9.08
C GLN A 4 7.05 -5.73 -8.84
N PRO A 5 7.41 -4.99 -9.91
CA PRO A 5 7.95 -3.59 -9.76
C PRO A 5 6.87 -2.61 -9.31
N GLU A 6 7.27 -1.60 -8.53
CA GLU A 6 6.33 -0.59 -8.04
C GLU A 6 6.27 0.59 -8.99
N ARG A 7 5.04 0.96 -9.41
CA ARG A 7 4.86 2.08 -10.33
C ARG A 7 4.61 3.40 -9.55
N THR A 8 3.41 3.53 -8.96
CA THR A 8 3.03 4.72 -8.18
C THR A 8 1.92 4.36 -7.21
N LEU A 9 1.72 5.21 -6.18
CA LEU A 9 0.62 5.00 -5.24
C LEU A 9 -0.72 5.16 -5.98
N GLU A 10 -0.79 6.17 -6.85
CA GLU A 10 -1.97 6.43 -7.67
C GLU A 10 -2.26 5.23 -8.59
N SER A 11 -1.21 4.67 -9.20
CA SER A 11 -1.38 3.55 -10.13
C SER A 11 -1.91 2.31 -9.42
N LEU A 12 -1.39 2.05 -8.21
CA LEU A 12 -1.82 0.89 -7.43
C LEU A 12 -3.27 1.03 -6.98
N LEU A 13 -3.62 2.21 -6.48
CA LEU A 13 -4.98 2.49 -6.00
C LEU A 13 -5.97 2.52 -7.15
N ALA A 14 -5.60 3.24 -8.23
CA ALA A 14 -6.46 3.37 -9.41
C ALA A 14 -6.72 2.03 -10.07
N HIS A 15 -5.67 1.22 -10.19
CA HIS A 15 -5.77 -0.10 -10.83
C HIS A 15 -6.73 -1.04 -10.11
N LEU A 16 -6.64 -1.12 -8.78
CA LEU A 16 -7.51 -2.02 -8.02
C LEU A 16 -8.99 -1.64 -8.18
N GLN A 17 -9.28 -0.34 -7.99
CA GLN A 17 -10.66 0.17 -8.10
C GLN A 17 -11.20 0.11 -9.53
N GLU A 18 -10.34 0.40 -10.51
CA GLU A 18 -10.77 0.45 -11.92
C GLU A 18 -10.80 -0.93 -12.58
N GLN A 19 -9.64 -1.58 -12.64
CA GLN A 19 -9.51 -2.87 -13.32
C GLN A 19 -10.29 -4.00 -12.64
N HIS A 20 -10.29 -4.03 -11.29
CA HIS A 20 -10.93 -5.13 -10.55
C HIS A 20 -12.22 -4.71 -9.83
N GLY A 21 -12.38 -3.41 -9.59
CA GLY A 21 -13.58 -2.91 -8.88
C GLY A 21 -13.55 -3.30 -7.39
N LEU A 22 -12.35 -3.67 -6.90
CA LEU A 22 -12.17 -4.08 -5.51
C LEU A 22 -11.96 -2.89 -4.60
N ARG A 23 -12.42 -3.03 -3.35
CA ARG A 23 -12.26 -1.98 -2.34
C ARG A 23 -10.79 -1.79 -2.02
N VAL A 24 -10.39 -0.53 -1.75
CA VAL A 24 -8.98 -0.24 -1.44
C VAL A 24 -8.72 -0.47 0.05
N ARG A 25 -7.77 -1.35 0.32
CA ARG A 25 -7.43 -1.78 1.69
C ARG A 25 -6.38 -0.87 2.32
N ILE A 26 -6.41 -0.80 3.66
CA ILE A 26 -5.42 0.02 4.39
C ILE A 26 -4.20 -0.83 4.77
N LEU A 27 -3.04 -0.43 4.26
CA LEU A 27 -1.79 -1.14 4.53
C LEU A 27 -0.93 -0.33 5.48
N LEU A 28 -0.73 -0.85 6.69
CA LEU A 28 0.05 -0.14 7.72
C LEU A 28 1.02 -1.09 8.44
N HIS A 29 2.25 -0.61 8.70
CA HIS A 29 3.21 -1.40 9.48
C HIS A 29 4.48 -0.62 9.81
N GLY A 30 4.50 0.00 11.00
CA GLY A 30 5.68 0.70 11.49
C GLY A 30 5.93 2.03 10.77
N SER A 31 6.29 1.95 9.48
CA SER A 31 6.65 3.15 8.70
C SER A 31 5.49 4.13 8.59
N ALA A 32 4.30 3.64 8.17
CA ALA A 32 3.15 4.51 7.99
C ALA A 32 1.85 3.72 7.79
N LEU A 33 0.74 4.45 7.79
CA LEU A 33 -0.58 3.89 7.52
C LEU A 33 -1.13 4.50 6.22
N LEU A 34 -1.41 3.64 5.23
CA LEU A 34 -1.92 4.11 3.93
C LEU A 34 -3.44 4.27 4.00
N TYR A 35 -3.92 5.48 3.70
CA TYR A 35 -5.34 5.78 3.77
C TYR A 35 -6.10 5.15 2.60
N ALA A 36 -7.26 4.57 2.91
CA ALA A 36 -8.13 3.96 1.90
C ALA A 36 -9.59 4.06 2.33
N ALA A 37 -9.93 3.35 3.42
CA ALA A 37 -11.29 3.39 3.97
C ALA A 37 -11.32 4.17 5.27
N GLY A 38 -12.16 5.22 5.32
CA GLY A 38 -12.27 6.07 6.52
C GLY A 38 -13.01 7.36 6.20
N TRP A 39 -12.95 8.30 7.14
CA TRP A 39 -13.63 9.60 7.00
C TRP A 39 -13.09 10.35 5.77
N SER A 40 -11.75 10.38 5.63
CA SER A 40 -11.12 11.09 4.51
C SER A 40 -11.45 10.41 3.16
N PRO A 41 -11.84 11.17 2.10
CA PRO A 41 -12.19 10.57 0.75
C PRO A 41 -11.02 9.76 0.18
N GLU A 42 -11.34 8.62 -0.42
CA GLU A 42 -10.32 7.75 -1.02
C GLU A 42 -9.70 8.41 -2.26
N LYS A 43 -10.52 9.16 -3.01
CA LYS A 43 -10.07 9.83 -4.23
C LYS A 43 -8.83 10.68 -3.95
N GLN A 44 -8.79 11.30 -2.75
CA GLN A 44 -7.63 12.11 -2.37
C GLN A 44 -6.39 11.23 -2.32
N ALA A 45 -6.56 10.01 -1.79
CA ALA A 45 -5.49 9.02 -1.74
C ALA A 45 -5.11 8.56 -3.15
N GLN A 46 -6.14 8.44 -4.01
CA GLN A 46 -5.95 7.96 -5.39
C GLN A 46 -5.03 8.91 -6.17
N HIS A 47 -5.20 10.20 -5.93
CA HIS A 47 -4.48 11.25 -6.65
C HIS A 47 -2.95 11.13 -6.50
N LEU A 48 -2.50 10.72 -5.30
CA LEU A 48 -1.04 10.66 -5.01
C LEU A 48 -0.27 9.93 -6.14
N PRO A 49 0.45 10.67 -7.05
CA PRO A 49 1.20 10.06 -8.19
C PRO A 49 2.64 9.63 -7.83
N LEU A 50 3.04 9.88 -6.58
CA LEU A 50 4.40 9.57 -6.13
C LEU A 50 4.60 8.07 -6.03
N ARG A 51 5.87 7.62 -6.12
CA ARG A 51 6.18 6.18 -6.04
C ARG A 51 5.57 5.62 -4.76
N VAL A 52 4.99 4.42 -4.85
CA VAL A 52 4.26 3.85 -3.73
C VAL A 52 5.16 3.60 -2.48
N THR A 53 6.29 2.89 -2.68
CA THR A 53 7.19 2.56 -1.57
C THR A 53 8.01 3.74 -1.10
N GLU A 54 8.59 4.49 -2.06
CA GLU A 54 9.43 5.64 -1.71
C GLU A 54 8.64 6.68 -0.95
N LEU A 55 7.38 6.89 -1.36
CA LEU A 55 6.50 7.84 -0.70
C LEU A 55 6.30 7.44 0.76
N VAL A 56 6.08 6.14 1.00
CA VAL A 56 5.85 5.66 2.37
C VAL A 56 7.09 5.97 3.27
N GLN A 57 8.30 5.63 2.79
CA GLN A 57 9.53 5.90 3.56
C GLN A 57 9.79 7.40 3.71
N GLN A 58 9.57 8.16 2.63
CA GLN A 58 9.81 9.61 2.64
C GLN A 58 8.86 10.33 3.60
N LEU A 59 7.60 9.91 3.61
CA LEU A 59 6.60 10.51 4.51
C LEU A 59 6.97 10.32 5.97
N THR A 60 7.49 9.13 6.31
CA THR A 60 7.90 8.83 7.69
C THR A 60 9.27 9.47 8.05
N GLY A 61 9.91 10.11 7.06
CA GLY A 61 11.22 10.76 7.29
C GLY A 61 12.38 9.76 7.25
N GLN A 62 12.16 8.60 6.63
CA GLN A 62 13.20 7.55 6.54
C GLN A 62 13.58 7.31 5.08
N ALA A 63 14.84 6.89 4.86
CA ALA A 63 15.35 6.62 3.51
C ALA A 63 15.77 5.14 3.37
N PRO A 64 15.75 4.56 2.14
CA PRO A 64 16.13 3.11 1.92
C PRO A 64 17.55 2.82 2.40
N ALA A 65 17.72 1.63 3.01
CA ALA A 65 19.03 1.19 3.50
C ALA A 65 19.94 0.78 2.32
N PRO A 66 21.28 0.91 2.45
CA PRO A 66 22.24 0.52 1.35
C PRO A 66 22.01 -0.92 0.89
N GLY A 67 21.74 -1.80 1.86
CA GLY A 67 21.49 -3.22 1.57
C GLY A 67 19.99 -3.48 1.41
N GLN A 68 19.61 -4.76 1.27
CA GLN A 68 18.21 -5.13 1.12
C GLN A 68 17.48 -5.04 2.47
N ARG A 69 16.26 -4.52 2.44
CA ARG A 69 15.44 -4.39 3.63
C ARG A 69 14.18 -5.24 3.50
N VAL A 70 13.83 -5.97 4.56
CA VAL A 70 12.62 -6.82 4.53
C VAL A 70 11.56 -6.17 5.42
N LEU A 71 10.46 -5.76 4.78
CA LEU A 71 9.35 -5.10 5.47
C LEU A 71 8.07 -5.88 5.27
N VAL A 72 7.22 -5.90 6.31
CA VAL A 72 5.94 -6.59 6.26
C VAL A 72 4.79 -5.57 6.36
N LEU A 73 3.73 -5.80 5.58
CA LEU A 73 2.58 -4.88 5.57
C LEU A 73 1.33 -5.58 6.11
N GLU A 74 0.62 -4.87 7.02
CA GLU A 74 -0.61 -5.40 7.61
C GLU A 74 -1.81 -4.99 6.77
N LEU A 75 -2.63 -5.98 6.39
CA LEU A 75 -3.81 -5.71 5.58
C LEU A 75 -5.05 -5.53 6.46
N SER A 76 -5.45 -4.26 6.62
CA SER A 76 -6.62 -3.92 7.42
C SER A 76 -7.89 -3.88 6.57
N CYS A 77 -8.78 -4.87 6.80
CA CYS A 77 -10.05 -4.96 6.07
C CYS A 77 -11.08 -5.73 6.88
N GLU A 78 -12.33 -5.25 6.83
CA GLU A 78 -13.43 -5.89 7.54
C GLU A 78 -14.01 -7.04 6.71
N GLY A 79 -13.93 -8.26 7.25
CA GLY A 79 -14.47 -9.44 6.56
C GLY A 79 -14.50 -10.65 7.49
N ASP A 80 -15.36 -11.62 7.16
CA ASP A 80 -15.49 -12.84 7.98
C ASP A 80 -14.74 -14.02 7.34
N ASP A 81 -14.71 -14.05 6.00
CA ASP A 81 -14.06 -15.12 5.27
C ASP A 81 -12.57 -14.87 5.09
N GLU A 82 -11.80 -15.95 5.12
CA GLU A 82 -10.34 -15.89 4.92
C GLU A 82 -10.01 -15.40 3.50
N ASP A 83 -10.87 -15.76 2.54
CA ASP A 83 -10.65 -15.41 1.13
C ASP A 83 -10.73 -13.91 0.90
N THR A 84 -11.60 -13.22 1.67
CA THR A 84 -11.75 -11.76 1.55
C THR A 84 -10.48 -11.03 1.96
N ALA A 85 -9.69 -11.64 2.85
CA ALA A 85 -8.43 -11.05 3.32
C ALA A 85 -7.23 -11.80 2.73
N PHE A 86 -6.27 -11.05 2.18
CA PHE A 86 -5.06 -11.63 1.60
C PHE A 86 -4.00 -11.88 2.70
N PRO A 87 -3.03 -12.80 2.48
CA PRO A 87 -1.96 -13.09 3.49
C PRO A 87 -1.02 -11.88 3.68
N PRO A 88 -0.26 -11.80 4.80
CA PRO A 88 0.66 -10.64 5.07
C PRO A 88 1.57 -10.37 3.88
N LEU A 89 1.74 -9.09 3.55
CA LEU A 89 2.58 -8.69 2.42
C LEU A 89 4.02 -8.49 2.83
N HIS A 90 4.94 -8.80 1.92
CA HIS A 90 6.36 -8.63 2.16
C HIS A 90 7.03 -7.99 0.95
N TYR A 91 7.65 -6.84 1.17
CA TYR A 91 8.35 -6.10 0.10
C TYR A 91 9.83 -5.94 0.45
N GLU A 92 10.69 -6.42 -0.46
CA GLU A 92 12.14 -6.31 -0.27
C GLU A 92 12.72 -5.26 -1.22
N LEU A 93 13.65 -4.44 -0.71
CA LEU A 93 14.29 -3.40 -1.52
C LEU A 93 15.51 -3.96 -2.26
N PRO A 1 14.20 -7.14 -5.95
CA PRO A 1 13.02 -6.94 -5.08
C PRO A 1 12.22 -8.24 -4.97
N ALA A 2 11.07 -8.18 -4.28
CA ALA A 2 10.22 -9.35 -4.10
C ALA A 2 8.88 -9.17 -4.82
N GLY A 3 8.36 -10.27 -5.38
CA GLY A 3 7.09 -10.23 -6.11
C GLY A 3 7.16 -9.27 -7.29
N GLN A 4 6.15 -8.39 -7.40
CA GLN A 4 6.10 -7.41 -8.49
C GLN A 4 6.67 -6.04 -8.02
N PRO A 5 7.30 -5.25 -8.92
CA PRO A 5 7.88 -3.91 -8.56
C PRO A 5 6.79 -2.86 -8.35
N GLU A 6 7.13 -1.82 -7.57
CA GLU A 6 6.19 -0.72 -7.30
C GLU A 6 6.34 0.38 -8.33
N ARG A 7 5.24 0.71 -9.03
CA ARG A 7 5.25 1.73 -10.08
C ARG A 7 4.89 3.11 -9.50
N THR A 8 3.61 3.28 -9.11
CA THR A 8 3.15 4.54 -8.54
C THR A 8 2.01 4.29 -7.56
N LEU A 9 1.80 5.22 -6.63
CA LEU A 9 0.71 5.11 -5.66
C LEU A 9 -0.64 5.25 -6.36
N GLU A 10 -0.72 6.21 -7.28
CA GLU A 10 -1.93 6.44 -8.05
C GLU A 10 -2.30 5.20 -8.86
N SER A 11 -1.30 4.55 -9.47
CA SER A 11 -1.56 3.35 -10.27
C SER A 11 -2.10 2.21 -9.40
N LEU A 12 -1.54 2.05 -8.18
CA LEU A 12 -1.96 0.98 -7.29
C LEU A 12 -3.44 1.11 -6.89
N LEU A 13 -3.83 2.31 -6.44
CA LEU A 13 -5.22 2.56 -6.04
C LEU A 13 -6.15 2.60 -7.24
N ALA A 14 -5.66 3.22 -8.32
CA ALA A 14 -6.44 3.35 -9.56
C ALA A 14 -6.74 1.97 -10.14
N HIS A 15 -5.75 1.07 -10.08
CA HIS A 15 -5.89 -0.27 -10.62
C HIS A 15 -7.02 -1.04 -9.93
N LEU A 16 -6.89 -1.25 -8.60
CA LEU A 16 -7.93 -2.00 -7.87
C LEU A 16 -9.27 -1.26 -7.84
N GLN A 17 -9.22 0.06 -7.62
CA GLN A 17 -10.45 0.86 -7.53
C GLN A 17 -11.20 0.95 -8.87
N GLU A 18 -10.46 1.09 -9.98
CA GLU A 18 -11.07 1.25 -11.30
C GLU A 18 -11.41 -0.09 -11.96
N GLN A 19 -10.42 -0.98 -12.06
CA GLN A 19 -10.60 -2.28 -12.73
C GLN A 19 -11.59 -3.19 -12.00
N HIS A 20 -11.52 -3.19 -10.66
CA HIS A 20 -12.37 -4.07 -9.85
C HIS A 20 -13.57 -3.34 -9.22
N GLY A 21 -13.50 -2.00 -9.14
CA GLY A 21 -14.59 -1.20 -8.57
C GLY A 21 -14.76 -1.48 -7.06
N LEU A 22 -13.66 -1.88 -6.41
CA LEU A 22 -13.69 -2.22 -4.98
C LEU A 22 -12.83 -1.28 -4.15
N ARG A 23 -13.23 -1.10 -2.89
CA ARG A 23 -12.47 -0.29 -1.95
C ARG A 23 -11.13 -0.95 -1.69
N VAL A 24 -10.12 -0.14 -1.34
CA VAL A 24 -8.76 -0.66 -1.12
C VAL A 24 -8.44 -0.74 0.38
N ARG A 25 -7.85 -1.87 0.77
CA ARG A 25 -7.49 -2.14 2.16
C ARG A 25 -6.29 -1.31 2.60
N ILE A 26 -6.09 -1.24 3.93
CA ILE A 26 -4.97 -0.48 4.49
C ILE A 26 -3.80 -1.41 4.81
N LEU A 27 -2.66 -1.13 4.17
CA LEU A 27 -1.42 -1.88 4.41
C LEU A 27 -0.54 -1.06 5.33
N LEU A 28 -0.40 -1.51 6.60
CA LEU A 28 0.39 -0.75 7.58
C LEU A 28 1.34 -1.63 8.42
N HIS A 29 2.53 -1.08 8.75
CA HIS A 29 3.48 -1.78 9.64
C HIS A 29 4.70 -0.92 10.03
N GLY A 30 4.57 -0.21 11.14
CA GLY A 30 5.68 0.54 11.75
C GLY A 30 6.12 1.78 10.96
N SER A 31 6.75 1.53 9.79
CA SER A 31 7.33 2.62 8.97
C SER A 31 6.52 2.95 7.72
N ALA A 32 5.43 2.21 7.46
CA ALA A 32 4.64 2.45 6.27
C ALA A 32 3.17 2.08 6.43
N LEU A 33 2.30 3.08 6.23
CA LEU A 33 0.84 2.89 6.25
C LEU A 33 0.21 3.71 5.11
N LEU A 34 -0.68 3.08 4.32
CA LEU A 34 -1.34 3.76 3.21
C LEU A 34 -2.78 4.14 3.56
N TYR A 35 -3.09 5.44 3.43
CA TYR A 35 -4.45 5.93 3.69
C TYR A 35 -5.40 5.44 2.58
N ALA A 36 -6.53 4.86 2.98
CA ALA A 36 -7.53 4.37 2.02
C ALA A 36 -8.95 4.58 2.56
N ALA A 37 -9.41 3.70 3.47
CA ALA A 37 -10.75 3.82 4.04
C ALA A 37 -10.87 5.08 4.90
N GLY A 38 -12.00 5.79 4.74
CA GLY A 38 -12.27 7.00 5.51
C GLY A 38 -13.54 7.69 5.02
N TRP A 39 -14.06 8.62 5.82
CA TRP A 39 -15.28 9.36 5.46
C TRP A 39 -15.02 10.24 4.23
N SER A 40 -13.84 10.87 4.20
CA SER A 40 -13.46 11.78 3.11
C SER A 40 -13.40 11.04 1.76
N PRO A 41 -13.50 11.74 0.59
CA PRO A 41 -13.49 11.07 -0.75
C PRO A 41 -12.15 10.40 -1.07
N GLU A 42 -12.23 9.26 -1.74
CA GLU A 42 -11.07 8.46 -2.12
C GLU A 42 -10.27 9.09 -3.28
N LYS A 43 -10.90 9.98 -4.05
CA LYS A 43 -10.27 10.58 -5.24
C LYS A 43 -8.94 11.24 -4.89
N GLN A 44 -8.88 11.96 -3.77
CA GLN A 44 -7.66 12.64 -3.37
C GLN A 44 -6.54 11.64 -3.05
N ALA A 45 -6.90 10.53 -2.41
CA ALA A 45 -5.94 9.49 -2.04
C ALA A 45 -5.29 8.85 -3.26
N GLN A 46 -6.10 8.56 -4.29
CA GLN A 46 -5.59 7.95 -5.53
C GLN A 46 -4.78 8.95 -6.36
N HIS A 47 -5.03 10.24 -6.16
CA HIS A 47 -4.31 11.29 -6.89
C HIS A 47 -2.79 11.24 -6.64
N LEU A 48 -2.37 10.61 -5.53
CA LEU A 48 -0.95 10.55 -5.17
C LEU A 48 -0.11 10.04 -6.38
N PRO A 49 0.63 10.94 -7.09
CA PRO A 49 1.43 10.56 -8.29
C PRO A 49 2.89 10.27 -7.96
N LEU A 50 3.10 9.71 -6.76
CA LEU A 50 4.45 9.37 -6.30
C LEU A 50 4.56 7.87 -6.03
N ARG A 51 5.79 7.35 -6.09
CA ARG A 51 6.02 5.90 -5.90
C ARG A 51 5.40 5.41 -4.61
N VAL A 52 4.88 4.17 -4.64
CA VAL A 52 4.17 3.59 -3.50
C VAL A 52 5.07 3.55 -2.25
N THR A 53 6.15 2.76 -2.30
CA THR A 53 7.02 2.56 -1.14
C THR A 53 7.87 3.79 -0.80
N GLU A 54 8.41 4.47 -1.83
CA GLU A 54 9.27 5.63 -1.60
C GLU A 54 8.49 6.77 -0.94
N LEU A 55 7.27 7.02 -1.43
CA LEU A 55 6.42 8.09 -0.91
C LEU A 55 6.07 7.84 0.55
N VAL A 56 5.70 6.60 0.85
CA VAL A 56 5.27 6.24 2.19
C VAL A 56 6.43 6.46 3.19
N GLN A 57 7.63 5.98 2.82
CA GLN A 57 8.82 6.14 3.70
C GLN A 57 9.21 7.62 3.88
N GLN A 58 9.16 8.41 2.78
CA GLN A 58 9.55 9.82 2.85
C GLN A 58 8.54 10.66 3.63
N LEU A 59 7.24 10.29 3.52
CA LEU A 59 6.20 10.97 4.30
C LEU A 59 6.44 10.81 5.80
N THR A 60 6.89 9.60 6.19
CA THR A 60 7.19 9.31 7.59
C THR A 60 8.32 10.24 8.08
N GLY A 61 9.33 10.45 7.23
CA GLY A 61 10.46 11.33 7.57
C GLY A 61 11.80 10.59 7.63
N GLN A 62 11.81 9.31 7.23
CA GLN A 62 13.04 8.51 7.22
C GLN A 62 13.42 8.07 5.82
N ALA A 63 14.67 8.33 5.44
CA ALA A 63 15.19 7.95 4.12
C ALA A 63 15.49 6.44 4.06
N PRO A 64 15.48 5.81 2.86
CA PRO A 64 15.77 4.34 2.72
C PRO A 64 17.25 4.03 2.97
N ALA A 65 17.52 2.81 3.45
CA ALA A 65 18.89 2.38 3.74
C ALA A 65 19.44 1.52 2.56
N PRO A 66 20.79 1.43 2.40
CA PRO A 66 21.40 0.62 1.29
C PRO A 66 21.24 -0.89 1.52
N GLY A 67 21.26 -1.65 0.42
CA GLY A 67 21.10 -3.11 0.48
C GLY A 67 19.63 -3.49 0.49
N GLN A 68 19.35 -4.80 0.57
CA GLN A 68 17.97 -5.30 0.58
C GLN A 68 17.46 -5.51 2.00
N ARG A 69 16.26 -5.00 2.27
CA ARG A 69 15.63 -5.12 3.58
C ARG A 69 14.33 -5.93 3.46
N VAL A 70 14.00 -6.69 4.53
CA VAL A 70 12.78 -7.51 4.53
C VAL A 70 11.75 -6.91 5.49
N LEU A 71 10.57 -6.56 4.95
CA LEU A 71 9.50 -5.96 5.74
C LEU A 71 8.20 -6.74 5.61
N VAL A 72 7.44 -6.79 6.72
CA VAL A 72 6.13 -7.45 6.73
C VAL A 72 5.03 -6.39 6.90
N LEU A 73 3.98 -6.47 6.08
CA LEU A 73 2.90 -5.49 6.12
C LEU A 73 1.59 -6.12 6.58
N GLU A 74 0.89 -5.42 7.48
CA GLU A 74 -0.42 -5.86 7.98
C GLU A 74 -1.51 -5.35 7.05
N LEU A 75 -2.38 -6.27 6.61
CA LEU A 75 -3.48 -5.89 5.69
C LEU A 75 -4.82 -5.96 6.38
N SER A 76 -5.37 -4.78 6.68
CA SER A 76 -6.70 -4.69 7.30
C SER A 76 -7.76 -4.62 6.19
N CYS A 77 -8.51 -5.71 6.03
CA CYS A 77 -9.53 -5.79 4.99
C CYS A 77 -10.71 -6.63 5.44
N GLU A 78 -11.92 -6.10 5.24
CA GLU A 78 -13.14 -6.82 5.57
C GLU A 78 -13.43 -7.89 4.51
N GLY A 79 -14.00 -9.02 4.94
CA GLY A 79 -14.33 -10.11 4.03
C GLY A 79 -15.17 -11.18 4.72
N ASP A 80 -15.60 -12.16 3.93
CA ASP A 80 -16.44 -13.25 4.45
C ASP A 80 -15.59 -14.38 5.05
N ASP A 81 -14.36 -14.55 4.53
CA ASP A 81 -13.47 -15.62 5.01
C ASP A 81 -12.00 -15.19 5.00
N GLU A 82 -11.13 -16.09 5.47
CA GLU A 82 -9.69 -15.84 5.56
C GLU A 82 -9.09 -15.62 4.17
N ASP A 83 -9.58 -16.37 3.18
CA ASP A 83 -9.06 -16.30 1.81
C ASP A 83 -9.30 -14.92 1.18
N THR A 84 -10.41 -14.28 1.56
CA THR A 84 -10.74 -12.95 1.02
C THR A 84 -9.61 -11.97 1.38
N ALA A 85 -9.14 -12.03 2.63
CA ALA A 85 -8.04 -11.18 3.08
C ALA A 85 -6.70 -11.88 2.86
N PHE A 86 -5.78 -11.21 2.17
CA PHE A 86 -4.47 -11.77 1.86
C PHE A 86 -3.56 -11.85 3.11
N PRO A 87 -2.66 -12.86 3.23
CA PRO A 87 -1.70 -12.95 4.38
C PRO A 87 -0.71 -11.76 4.37
N PRO A 88 0.09 -11.56 5.45
CA PRO A 88 1.07 -10.41 5.49
C PRO A 88 1.90 -10.33 4.22
N LEU A 89 2.03 -9.12 3.68
CA LEU A 89 2.76 -8.90 2.43
C LEU A 89 4.27 -8.83 2.68
N HIS A 90 5.01 -9.73 2.04
CA HIS A 90 6.47 -9.75 2.15
C HIS A 90 7.09 -8.95 1.01
N TYR A 91 7.56 -7.74 1.32
CA TYR A 91 8.16 -6.85 0.32
C TYR A 91 9.62 -6.57 0.65
N GLU A 92 10.49 -6.76 -0.36
CA GLU A 92 11.92 -6.51 -0.20
C GLU A 92 12.32 -5.21 -0.89
N LEU A 93 13.20 -4.45 -0.25
CA LEU A 93 13.65 -3.17 -0.79
C LEU A 93 15.14 -2.97 -0.50
#